data_5N0B
#
_entry.id   5N0B
#
_cell.length_a   152.695
_cell.length_b   136.840
_cell.length_c   92.630
_cell.angle_alpha   90.00
_cell.angle_beta   90.07
_cell.angle_gamma   90.00
#
_symmetry.space_group_name_H-M   'C 1 2 1'
#
loop_
_entity.id
_entity.type
_entity.pdbx_description
1 polymer 'Tetanus toxin'
2 branched 'N-acetyl-alpha-neuraminic acid-(2-3)-beta-D-galactopyranose-(1-3)-2-acetamido-2-deoxy-beta-D-galactopyranose-(1-4)-[N-acetyl-alpha-neuraminic acid-(2-3)]beta-D-galactopyranose-(1-4)-beta-D-glucopyranose'
3 non-polymer 'ZINC ION'
4 non-polymer DI(HYDROXYETHYL)ETHER
5 water water
#
_entity_poly.entity_id   1
_entity_poly.type   'polypeptide(L)'
_entity_poly.pdbx_seq_one_letter_code
;MGSSHHHHHHSSGLVPRGSHMPITINNFRYSDPVNNDTIIMMEPPYCKGLDIYYKAFKITDRIWIVPERYEFGTKPEDFN
PPSSLIEGASEYYDPNYLRTDSDKDRFLQTMVKLFNRIKNNVAGEALLDKIINAIPYLGNSYSLLDKFDTNSNSVSFNLL
EQDPSGATTKSAMLTNLIIFGPGPVLNKNEVRGIVLRVDNKNYFPCRDGFGSIMQMAFCPEYVPTFDNVIENITSLTIGK
SKYFQDPALLLMHELIHVLHGLYGMQVSSHEIIPSKQEIYMQHTYPISAEELFTFGGQDANLISIDIKNDLYEKTLNDYK
AIANKLSQVTSCNDPNIDIDSYKQIYQQKYQFDKDSNGQYIVNEDKFQILYNSIMYGFTEIELGKKFNIKTALSFFSMNH
DPVKIPNLLDDTIYNDTEGFNIESKDLKSEYKGQNMRVNTNAFRNVDGSGLVSKLIGLCKKIIPPTNIRENLYNRTASLT
DLGGELCIKIKNEDLTFIAEKNSFSEEPFQDEIVSYNTKNKPLNFNYSLDKIIVDYNLQSKITLPNDRTTPVTKGIPYAP
EYKSNAASTIEIHNIDDNTIYQYLYAQKSPTTLQRITMTNSVDDALINSTKIYSYFPSVISKVNQGAQGILFLQWVRDII
DDFTNESSQKTTIDKISDVSTIVPYIGPALNIVKQGYEGNFIGALETTGVVLLLEYIPEITLPVIAALSIAESSTQKEKI
IKTIDNFLEKRYEKWIEVYKLVKAKWLGTVNTQFQKRSYQMYRSLEYQVDAIKKIIDYEYKIYSGPDKEQIADEINNLKN
KLEEKANKAMININIFMRESSRSFLVNQMINEAKKQLLEFDTQSKNILMQYIKANSKFIGITELKKLESKINKVFSTPIP
FSYSKNLDCWVDNEEDIDVILKKSTILNLDINNDIISDISGFNSSVITYPDAQLVPGINGKAIHLVNNESSEVIVHKAMD
IEYNDMFNNFTVSFWLRVPKVSASHLEQYGTNEYSIISSMKKHSLSIGSGWSVSLKGNNLIWTLKDSAGEVRQITFRDLP
DKFNAYLANKWVFITITNDRLSSANLYINGVLMGSAEITGLGAIREDNNITLKLDRCNNNNQYVSIDKFRIFCKALNPKE
IEKLYTSYLSITFLRDFWGNPLRYDTEYYLIPVASSSKDVQLKNITDYMYLTNAPSYTNGKLNIYYRRLYNGLKFIIKRY
TPNNEIDSFVKSGDFIKLYVSYNNNEHIVGYPKDGNAFNNLDRILRVGYNAPGIPLYKKMEAVKLRDLKTYSVQLKLYDD
KNASLGLVGTHNGQIGNDPNRDILIASNWYFNHLKDKILGCDWYFVPTDEGWTND
;
_entity_poly.pdbx_strand_id   A
#
loop_
_chem_comp.id
_chem_comp.type
_chem_comp.name
_chem_comp.formula
BGC D-saccharide, beta linking beta-D-glucopyranose 'C6 H12 O6'
GAL D-saccharide, beta linking beta-D-galactopyranose 'C6 H12 O6'
NGA D-saccharide, beta linking 2-acetamido-2-deoxy-beta-D-galactopyranose 'C8 H15 N O6'
PEG non-polymer DI(HYDROXYETHYL)ETHER 'C4 H10 O3'
SIA D-saccharide, alpha linking 'N-acetyl-alpha-neuraminic acid' 'C11 H19 N O9'
ZN non-polymer 'ZINC ION' 'Zn 2'
#
# COMPACT_ATOMS: atom_id res chain seq x y z
N MET A 21 14.68 -0.04 26.09
CA MET A 21 14.29 -0.64 24.76
C MET A 21 14.69 0.22 23.54
N PRO A 22 14.27 1.53 23.48
CA PRO A 22 14.47 2.33 22.25
C PRO A 22 15.91 2.33 21.70
N ILE A 23 16.02 2.26 20.38
CA ILE A 23 17.33 2.14 19.70
C ILE A 23 17.97 3.51 19.62
N THR A 24 19.29 3.56 19.84
CA THR A 24 20.03 4.81 19.89
C THR A 24 20.92 4.96 18.65
N ILE A 25 20.96 6.18 18.10
CA ILE A 25 21.73 6.51 16.91
C ILE A 25 22.80 7.53 17.31
N ASN A 26 24.07 7.17 17.17
CA ASN A 26 25.16 8.06 17.57
C ASN A 26 25.32 9.24 16.59
N ASN A 27 25.87 10.35 17.10
CA ASN A 27 26.18 11.55 16.32
C ASN A 27 27.69 11.77 16.27
N PHE A 28 28.17 12.29 15.15
CA PHE A 28 29.59 12.64 15.00
C PHE A 28 29.86 13.48 13.76
N ARG A 29 30.98 14.19 13.78
CA ARG A 29 31.53 14.85 12.61
C ARG A 29 32.72 14.04 12.15
N TYR A 30 33.04 14.11 10.85
CA TYR A 30 34.16 13.34 10.31
C TYR A 30 35.50 13.77 10.90
N SER A 31 35.62 15.06 11.25
CA SER A 31 36.84 15.59 11.88
C SER A 31 37.06 15.14 13.31
N ASP A 32 36.03 14.64 14.01
CA ASP A 32 36.18 14.19 15.41
C ASP A 32 37.29 13.15 15.57
N PRO A 33 38.06 13.24 16.66
CA PRO A 33 39.25 12.41 16.79
C PRO A 33 38.94 10.93 17.07
N VAL A 34 39.88 10.06 16.69
CA VAL A 34 39.77 8.61 16.91
C VAL A 34 39.73 8.36 18.42
N ASN A 35 38.79 7.51 18.84
CA ASN A 35 38.52 7.32 20.28
C ASN A 35 38.49 5.85 20.76
N ASN A 36 38.87 4.92 19.89
CA ASN A 36 38.87 3.49 20.24
C ASN A 36 37.56 3.01 20.91
N ASP A 37 36.43 3.49 20.41
CA ASP A 37 35.10 3.12 20.93
C ASP A 37 34.04 3.25 19.81
N THR A 38 33.56 4.47 19.55
CA THR A 38 32.60 4.72 18.48
C THR A 38 33.24 5.22 17.20
N ILE A 39 34.53 5.59 17.27
CA ILE A 39 35.32 6.03 16.11
C ILE A 39 36.67 5.28 16.17
N ILE A 40 36.99 4.53 15.12
CA ILE A 40 38.20 3.69 15.11
C ILE A 40 38.94 3.79 13.77
N MET A 41 40.08 3.09 13.69
CA MET A 41 40.75 2.84 12.41
C MET A 41 40.60 1.37 12.06
N MET A 42 39.83 1.09 11.02
CA MET A 42 39.41 -0.27 10.65
C MET A 42 40.26 -0.80 9.51
N GLU A 43 40.64 -2.07 9.61
CA GLU A 43 41.15 -2.85 8.51
C GLU A 43 39.98 -3.70 7.99
N PRO A 44 39.34 -3.26 6.87
CA PRO A 44 38.14 -3.96 6.40
C PRO A 44 38.39 -5.42 5.95
N PRO A 45 37.37 -6.29 6.01
CA PRO A 45 37.50 -7.73 5.71
C PRO A 45 38.31 -8.14 4.50
N TYR A 46 38.17 -7.44 3.37
CA TYR A 46 38.96 -7.72 2.16
C TYR A 46 40.30 -6.95 2.09
N CYS A 47 40.72 -6.39 3.23
CA CYS A 47 42.09 -5.89 3.43
C CYS A 47 42.77 -6.65 4.58
N LYS A 48 42.38 -7.91 4.79
CA LYS A 48 42.87 -8.67 5.95
C LYS A 48 44.38 -8.94 5.83
N GLY A 49 45.10 -8.67 6.91
CA GLY A 49 46.55 -8.85 6.96
C GLY A 49 47.40 -7.76 6.33
N LEU A 50 46.82 -6.93 5.45
CA LEU A 50 47.59 -5.97 4.67
C LEU A 50 47.97 -4.66 5.40
N ASP A 51 47.47 -4.46 6.62
CA ASP A 51 47.64 -3.19 7.35
C ASP A 51 47.24 -1.95 6.53
N ILE A 52 46.09 -2.03 5.86
CA ILE A 52 45.43 -0.87 5.26
C ILE A 52 44.30 -0.48 6.21
N TYR A 53 44.19 0.82 6.52
CA TYR A 53 43.25 1.31 7.52
C TYR A 53 42.38 2.46 7.02
N TYR A 54 41.16 2.53 7.56
CA TYR A 54 40.18 3.57 7.19
C TYR A 54 39.39 3.98 8.42
N LYS A 55 39.15 5.29 8.54
CA LYS A 55 38.35 5.82 9.63
C LYS A 55 36.89 5.38 9.47
N ALA A 56 36.36 4.79 10.54
CA ALA A 56 35.02 4.22 10.56
C ALA A 56 34.27 4.64 11.84
N PHE A 57 32.94 4.71 11.75
CA PHE A 57 32.09 5.31 12.76
C PHE A 57 30.92 4.38 13.13
N LYS A 58 30.72 4.15 14.43
CA LYS A 58 29.67 3.24 14.90
C LYS A 58 28.30 3.93 14.98
N ILE A 59 27.48 3.75 13.94
CA ILE A 59 26.12 4.34 13.89
C ILE A 59 25.22 3.82 15.02
N THR A 60 25.31 2.51 15.29
CA THR A 60 24.53 1.88 16.36
C THR A 60 25.16 0.53 16.64
N ASP A 61 24.55 -0.24 17.54
CA ASP A 61 25.06 -1.58 17.87
C ASP A 61 25.23 -2.42 16.60
N ARG A 62 26.41 -3.01 16.43
CA ARG A 62 26.74 -3.93 15.33
C ARG A 62 26.64 -3.37 13.91
N ILE A 63 26.67 -2.04 13.75
CA ILE A 63 26.61 -1.39 12.43
C ILE A 63 27.66 -0.25 12.37
N TRP A 64 28.56 -0.36 11.41
CA TRP A 64 29.62 0.62 11.18
C TRP A 64 29.40 1.32 9.86
N ILE A 65 29.90 2.56 9.75
CA ILE A 65 29.88 3.32 8.49
C ILE A 65 31.31 3.75 8.12
N VAL A 66 31.72 3.44 6.90
CA VAL A 66 33.04 3.80 6.38
C VAL A 66 32.86 4.77 5.21
N PRO A 67 33.16 6.07 5.41
CA PRO A 67 32.98 7.04 4.31
C PRO A 67 34.02 6.92 3.17
N GLU A 68 33.96 5.81 2.42
CA GLU A 68 34.89 5.55 1.31
C GLU A 68 34.16 4.88 0.18
N ARG A 69 34.62 5.11 -1.05
CA ARG A 69 34.06 4.43 -2.22
C ARG A 69 34.37 2.94 -2.15
N TYR A 70 33.44 2.11 -2.63
CA TYR A 70 33.61 0.65 -2.61
C TYR A 70 34.51 0.26 -3.78
N GLU A 71 35.82 0.21 -3.51
CA GLU A 71 36.85 -0.05 -4.54
C GLU A 71 37.31 -1.51 -4.59
N PHE A 72 36.80 -2.35 -3.70
CA PHE A 72 37.25 -3.74 -3.59
C PHE A 72 36.95 -4.49 -4.88
N GLY A 73 37.98 -5.14 -5.44
CA GLY A 73 37.87 -5.91 -6.68
C GLY A 73 37.88 -5.11 -7.98
N THR A 74 38.23 -3.82 -7.90
CA THR A 74 38.10 -2.90 -9.03
C THR A 74 39.45 -2.39 -9.54
N LYS A 75 39.42 -1.76 -10.72
CA LYS A 75 40.52 -0.97 -11.27
C LYS A 75 40.06 0.49 -11.29
N PRO A 76 40.99 1.46 -11.11
CA PRO A 76 40.64 2.89 -11.21
C PRO A 76 39.85 3.32 -12.46
N GLU A 77 40.13 2.71 -13.60
CA GLU A 77 39.42 3.02 -14.85
C GLU A 77 37.95 2.55 -14.89
N ASP A 78 37.57 1.62 -14.02
CA ASP A 78 36.16 1.19 -13.90
C ASP A 78 35.22 2.31 -13.47
N PHE A 79 35.74 3.26 -12.71
CA PHE A 79 34.94 4.37 -12.17
C PHE A 79 34.58 5.46 -13.19
N ASN A 80 35.19 5.44 -14.37
CA ASN A 80 34.91 6.47 -15.39
C ASN A 80 33.66 6.10 -16.19
N PRO A 81 33.00 7.10 -16.79
CA PRO A 81 31.79 6.81 -17.57
C PRO A 81 32.08 6.19 -18.94
N PRO A 82 31.47 5.02 -19.25
CA PRO A 82 31.60 4.43 -20.58
C PRO A 82 30.73 5.09 -21.66
N SER A 83 30.88 4.61 -22.89
CA SER A 83 30.15 5.12 -24.05
C SER A 83 28.73 4.59 -24.10
N SER A 84 28.60 3.31 -23.75
CA SER A 84 27.34 2.59 -23.79
C SER A 84 27.37 1.48 -22.74
N LEU A 85 26.20 0.90 -22.47
CA LEU A 85 26.07 -0.20 -21.52
C LEU A 85 25.78 -1.52 -22.24
N ILE A 86 26.20 -2.62 -21.62
CA ILE A 86 25.89 -3.98 -22.08
C ILE A 86 24.45 -4.36 -21.69
N GLU A 87 24.08 -4.10 -20.44
CA GLU A 87 22.80 -4.49 -19.85
C GLU A 87 22.19 -3.38 -19.01
N GLY A 88 20.88 -3.47 -18.82
CA GLY A 88 20.18 -2.78 -17.75
C GLY A 88 19.79 -1.33 -17.99
N ALA A 89 19.27 -0.73 -16.92
CA ALA A 89 18.84 0.67 -16.92
C ALA A 89 20.04 1.59 -16.77
N SER A 90 19.81 2.89 -16.96
CA SER A 90 20.88 3.89 -16.99
C SER A 90 21.67 3.96 -15.69
N GLU A 91 22.95 4.30 -15.83
CA GLU A 91 23.92 4.30 -14.72
C GLU A 91 24.72 5.61 -14.72
N TYR A 92 24.83 6.23 -13.55
CA TYR A 92 25.61 7.46 -13.38
C TYR A 92 26.99 7.14 -12.83
N TYR A 93 28.03 7.69 -13.46
CA TYR A 93 29.42 7.52 -13.02
C TYR A 93 30.02 8.88 -12.66
N ASP A 94 30.85 8.90 -11.62
CA ASP A 94 31.64 10.07 -11.24
C ASP A 94 32.79 9.63 -10.32
N PRO A 95 34.03 9.62 -10.84
CA PRO A 95 35.15 9.20 -9.98
C PRO A 95 35.37 10.07 -8.74
N ASN A 96 34.98 11.35 -8.80
CA ASN A 96 35.22 12.34 -7.72
C ASN A 96 34.22 12.36 -6.56
N TYR A 97 33.14 11.58 -6.64
CA TYR A 97 32.21 11.44 -5.50
C TYR A 97 32.91 10.84 -4.27
N LEU A 98 32.64 11.41 -3.11
CA LEU A 98 33.20 10.93 -1.84
C LEU A 98 34.75 10.98 -1.78
N ARG A 99 35.33 12.01 -2.42
CA ARG A 99 36.79 12.15 -2.54
C ARG A 99 37.35 12.96 -1.35
N THR A 100 36.81 14.16 -1.12
CA THR A 100 37.35 15.09 -0.11
C THR A 100 36.79 14.83 1.30
N ASP A 101 37.39 15.47 2.30
CA ASP A 101 36.92 15.37 3.69
C ASP A 101 35.57 16.07 3.95
N SER A 102 35.21 17.05 3.10
CA SER A 102 33.88 17.65 3.11
C SER A 102 32.83 16.68 2.58
N ASP A 103 33.16 16.02 1.47
CA ASP A 103 32.28 15.01 0.89
C ASP A 103 31.95 13.90 1.90
N LYS A 104 32.97 13.48 2.65
CA LYS A 104 32.84 12.42 3.66
C LYS A 104 32.00 12.84 4.85
N ASP A 105 32.10 14.10 5.26
CA ASP A 105 31.26 14.63 6.34
C ASP A 105 29.80 14.74 5.89
N ARG A 106 29.60 15.23 4.67
CA ARG A 106 28.29 15.24 3.98
C ARG A 106 27.64 13.84 3.96
N PHE A 107 28.46 12.81 3.67
CA PHE A 107 28.01 11.41 3.68
C PHE A 107 27.64 10.92 5.06
N LEU A 108 28.54 11.12 6.02
CA LEU A 108 28.31 10.69 7.40
C LEU A 108 27.08 11.35 8.05
N GLN A 109 26.95 12.67 7.91
CA GLN A 109 25.79 13.41 8.44
C GLN A 109 24.49 12.94 7.82
N THR A 110 24.52 12.62 6.51
CA THR A 110 23.32 12.21 5.80
C THR A 110 22.85 10.79 6.19
N MET A 111 23.79 9.85 6.37
CA MET A 111 23.42 8.51 6.85
C MET A 111 22.82 8.53 8.25
N VAL A 112 23.33 9.40 9.12
CA VAL A 112 22.79 9.55 10.48
C VAL A 112 21.32 10.01 10.44
N LYS A 113 21.02 11.00 9.59
CA LYS A 113 19.64 11.48 9.42
C LYS A 113 18.71 10.38 8.90
N LEU A 114 19.20 9.57 7.94
CA LEU A 114 18.41 8.48 7.37
C LEU A 114 18.13 7.35 8.38
N PHE A 115 19.11 7.06 9.25
CA PHE A 115 18.87 6.09 10.34
C PHE A 115 17.86 6.63 11.35
N ASN A 116 17.93 7.92 11.64
CA ASN A 116 16.96 8.58 12.52
C ASN A 116 15.52 8.53 11.97
N ARG A 117 15.38 8.81 10.67
CA ARG A 117 14.09 8.64 9.97
C ARG A 117 13.51 7.23 10.13
N ILE A 118 14.37 6.22 9.97
CA ILE A 118 13.97 4.81 10.10
C ILE A 118 13.52 4.48 11.54
N LYS A 119 14.35 4.84 12.52
CA LYS A 119 14.02 4.64 13.95
C LYS A 119 12.71 5.31 14.39
N ASN A 120 12.39 6.48 13.82
CA ASN A 120 11.20 7.24 14.21
C ASN A 120 9.84 6.63 13.84
N ASN A 121 9.84 5.52 13.10
CA ASN A 121 8.64 4.73 12.85
C ASN A 121 8.83 3.34 13.48
N VAL A 122 7.79 2.79 14.10
CA VAL A 122 7.91 1.48 14.77
C VAL A 122 8.25 0.33 13.80
N ALA A 123 7.82 0.43 12.53
CA ALA A 123 8.15 -0.57 11.52
C ALA A 123 9.66 -0.58 11.22
N GLY A 124 10.26 0.60 11.17
CA GLY A 124 11.70 0.74 10.98
C GLY A 124 12.50 0.41 12.23
N GLU A 125 11.94 0.74 13.39
CA GLU A 125 12.52 0.34 14.68
C GLU A 125 12.60 -1.18 14.78
N ALA A 126 11.52 -1.86 14.39
CA ALA A 126 11.45 -3.32 14.37
C ALA A 126 12.48 -3.96 13.41
N LEU A 127 12.62 -3.40 12.20
CA LEU A 127 13.60 -3.87 11.22
C LEU A 127 15.04 -3.78 11.75
N LEU A 128 15.43 -2.60 12.22
CA LEU A 128 16.73 -2.40 12.87
C LEU A 128 17.02 -3.38 14.01
N ASP A 129 16.03 -3.68 14.83
CA ASP A 129 16.21 -4.59 15.97
C ASP A 129 16.51 -6.03 15.54
N LYS A 130 15.80 -6.53 14.53
CA LYS A 130 16.06 -7.85 13.94
C LYS A 130 17.48 -7.94 13.37
N ILE A 131 17.91 -6.90 12.66
CA ILE A 131 19.25 -6.84 12.09
C ILE A 131 20.32 -6.91 13.18
N ILE A 132 20.16 -6.10 14.22
CA ILE A 132 21.17 -5.98 15.29
C ILE A 132 21.31 -7.31 16.05
N ASN A 133 20.18 -7.93 16.39
CA ASN A 133 20.16 -9.17 17.19
C ASN A 133 20.38 -10.47 16.38
N ALA A 134 20.59 -10.37 15.07
CA ALA A 134 20.84 -11.55 14.24
C ALA A 134 22.34 -11.72 14.02
N ILE A 135 23.07 -11.97 15.11
CA ILE A 135 24.52 -12.10 15.01
C ILE A 135 24.91 -13.33 14.20
N PRO A 136 25.93 -13.20 13.33
CA PRO A 136 26.47 -14.36 12.61
C PRO A 136 26.96 -15.48 13.53
N TYR A 137 26.81 -16.72 13.08
CA TYR A 137 27.33 -17.88 13.79
C TYR A 137 28.86 -17.85 13.76
N LEU A 138 29.48 -18.11 14.91
CA LEU A 138 30.94 -18.16 15.01
C LEU A 138 31.43 -19.50 14.46
N GLY A 139 31.52 -19.58 13.13
CA GLY A 139 31.84 -20.80 12.40
C GLY A 139 30.90 -21.00 11.22
N ASN A 140 31.14 -22.06 10.47
CA ASN A 140 30.41 -22.34 9.24
C ASN A 140 30.53 -23.84 8.85
N SER A 141 30.10 -24.19 7.64
CA SER A 141 30.21 -25.56 7.13
C SER A 141 31.62 -26.16 7.11
N TYR A 142 32.66 -25.33 7.01
CA TYR A 142 34.05 -25.81 6.95
C TYR A 142 34.90 -25.41 8.17
N SER A 143 34.26 -25.21 9.33
CA SER A 143 34.98 -24.97 10.59
C SER A 143 34.95 -26.23 11.47
N LEU A 144 35.69 -26.19 12.58
CA LEU A 144 35.72 -27.31 13.53
C LEU A 144 34.39 -27.43 14.26
N LEU A 145 33.91 -28.66 14.41
CA LEU A 145 32.54 -28.95 14.90
C LEU A 145 32.33 -28.63 16.38
N ASP A 146 33.39 -28.78 17.18
CA ASP A 146 33.32 -28.67 18.64
C ASP A 146 33.66 -27.27 19.19
N LYS A 147 33.76 -26.30 18.29
CA LYS A 147 34.46 -25.05 18.55
C LYS A 147 33.70 -23.86 17.97
N PHE A 148 33.60 -22.78 18.73
CA PHE A 148 33.24 -21.46 18.17
C PHE A 148 34.51 -20.82 17.65
N ASP A 149 34.52 -20.43 16.37
CA ASP A 149 35.66 -19.74 15.76
C ASP A 149 35.32 -18.28 15.35
N THR A 150 36.05 -17.32 15.93
CA THR A 150 35.98 -15.91 15.55
C THR A 150 37.13 -15.47 14.64
N ASN A 151 38.14 -16.32 14.46
CA ASN A 151 39.28 -15.98 13.61
C ASN A 151 38.90 -16.26 12.15
N SER A 152 38.20 -15.29 11.55
CA SER A 152 37.84 -15.32 10.13
C SER A 152 37.31 -13.95 9.71
N ASN A 153 37.72 -13.49 8.53
CA ASN A 153 37.23 -12.22 8.00
C ASN A 153 35.74 -12.26 7.60
N SER A 154 35.17 -13.46 7.53
CA SER A 154 33.72 -13.64 7.46
C SER A 154 32.93 -13.22 8.71
N VAL A 155 33.58 -13.18 9.89
CA VAL A 155 32.91 -12.71 11.13
C VAL A 155 33.59 -11.58 11.92
N SER A 156 34.86 -11.25 11.63
CA SER A 156 35.61 -10.23 12.38
C SER A 156 36.54 -9.38 11.51
N PHE A 157 36.81 -8.16 11.95
CA PHE A 157 37.77 -7.27 11.27
C PHE A 157 38.78 -6.74 12.28
N ASN A 158 40.01 -6.50 11.82
CA ASN A 158 41.05 -5.93 12.68
C ASN A 158 40.93 -4.41 12.79
N LEU A 159 41.43 -3.87 13.91
CA LEU A 159 41.52 -2.43 14.11
C LEU A 159 42.82 -2.01 14.83
N LEU A 160 43.14 -0.73 14.73
CA LEU A 160 44.37 -0.15 15.26
C LEU A 160 44.06 0.90 16.34
N GLU A 161 44.58 0.70 17.54
CA GLU A 161 44.31 1.56 18.70
C GLU A 161 45.60 2.20 19.23
N GLN A 162 45.64 3.54 19.23
CA GLN A 162 46.85 4.29 19.62
C GLN A 162 46.81 4.75 21.08
N ASP A 163 47.98 4.75 21.71
CA ASP A 163 48.17 5.24 23.09
C ASP A 163 48.50 6.74 23.06
N PRO A 164 48.66 7.38 24.25
CA PRO A 164 49.21 8.75 24.32
C PRO A 164 50.55 8.98 23.58
N SER A 165 51.48 8.03 23.68
CA SER A 165 52.82 8.14 23.07
C SER A 165 52.94 7.59 21.64
N GLY A 166 51.80 7.40 20.97
CA GLY A 166 51.76 6.84 19.60
C GLY A 166 52.01 5.34 19.48
N ALA A 167 51.93 4.62 20.61
CA ALA A 167 52.19 3.18 20.63
C ALA A 167 50.95 2.41 20.16
N THR A 168 51.04 1.88 18.94
CA THR A 168 49.92 1.18 18.29
C THR A 168 49.66 -0.22 18.87
N THR A 169 48.45 -0.74 18.66
CA THR A 169 48.02 -2.04 19.19
C THR A 169 46.97 -2.69 18.28
N LYS A 170 47.29 -3.85 17.70
CA LYS A 170 46.33 -4.62 16.87
C LYS A 170 45.26 -5.29 17.74
N SER A 171 44.00 -5.11 17.36
CA SER A 171 42.85 -5.72 18.03
C SER A 171 41.88 -6.23 16.95
N ALA A 172 40.73 -6.76 17.38
CA ALA A 172 39.70 -7.19 16.43
C ALA A 172 38.29 -7.02 17.00
N MET A 173 37.31 -7.01 16.10
CA MET A 173 35.92 -6.80 16.50
C MET A 173 34.93 -7.59 15.64
N LEU A 174 33.98 -8.22 16.32
CA LEU A 174 32.83 -8.83 15.68
C LEU A 174 31.82 -7.75 15.27
N THR A 175 31.14 -7.95 14.15
CA THR A 175 30.06 -7.06 13.72
C THR A 175 29.08 -7.77 12.76
N ASN A 176 27.98 -7.09 12.43
CA ASN A 176 26.96 -7.60 11.50
C ASN A 176 26.93 -6.91 10.14
N LEU A 177 27.03 -5.57 10.13
CA LEU A 177 26.94 -4.77 8.89
C LEU A 177 28.00 -3.66 8.85
N ILE A 178 28.60 -3.47 7.67
CA ILE A 178 29.52 -2.36 7.40
C ILE A 178 29.03 -1.67 6.14
N ILE A 179 28.75 -0.37 6.22
CA ILE A 179 28.22 0.41 5.10
C ILE A 179 29.32 1.28 4.51
N PHE A 180 29.61 1.07 3.23
CA PHE A 180 30.51 1.92 2.45
C PHE A 180 29.72 2.83 1.51
N GLY A 181 30.44 3.78 0.93
CA GLY A 181 29.93 4.55 -0.21
C GLY A 181 29.87 3.72 -1.48
N PRO A 182 29.35 4.28 -2.57
CA PRO A 182 29.06 3.50 -3.78
C PRO A 182 30.29 2.99 -4.52
N GLY A 183 30.08 1.97 -5.34
CA GLY A 183 31.07 1.52 -6.31
C GLY A 183 31.13 2.48 -7.49
N PRO A 184 31.58 1.99 -8.67
CA PRO A 184 31.58 2.78 -9.91
C PRO A 184 30.26 3.45 -10.27
N VAL A 185 29.15 2.72 -10.07
CA VAL A 185 27.82 3.24 -10.37
C VAL A 185 27.21 3.80 -9.09
N LEU A 186 26.80 5.06 -9.13
CA LEU A 186 26.31 5.76 -7.95
C LEU A 186 24.89 5.37 -7.63
N ASN A 187 24.06 5.20 -8.64
CA ASN A 187 22.64 4.90 -8.45
C ASN A 187 22.29 3.40 -8.46
N LYS A 188 23.25 2.50 -8.21
CA LYS A 188 22.96 1.06 -8.09
C LYS A 188 23.53 0.47 -6.79
N ASN A 189 22.76 0.54 -5.71
CA ASN A 189 23.21 0.09 -4.38
C ASN A 189 23.37 -1.43 -4.35
N GLU A 190 24.23 -1.93 -3.47
CA GLU A 190 24.58 -3.36 -3.44
C GLU A 190 24.67 -3.84 -1.99
N VAL A 191 24.36 -5.13 -1.78
CA VAL A 191 24.56 -5.83 -0.50
C VAL A 191 25.18 -7.20 -0.79
N ARG A 192 26.26 -7.54 -0.09
CA ARG A 192 27.00 -8.79 -0.32
C ARG A 192 27.55 -9.35 0.98
N GLY A 193 27.44 -10.66 1.18
CA GLY A 193 28.10 -11.33 2.29
C GLY A 193 29.57 -11.58 1.96
N ILE A 194 30.38 -11.85 2.99
CA ILE A 194 31.80 -12.14 2.79
C ILE A 194 31.95 -13.53 2.17
N VAL A 195 32.81 -13.62 1.15
CA VAL A 195 33.08 -14.86 0.44
C VAL A 195 34.29 -15.55 1.07
N LEU A 196 34.22 -16.88 1.19
CA LEU A 196 35.34 -17.71 1.66
C LEU A 196 35.85 -18.60 0.54
N ARG A 197 37.17 -18.81 0.50
CA ARG A 197 37.85 -19.62 -0.52
C ARG A 197 38.08 -21.02 0.06
N VAL A 198 37.41 -22.03 -0.52
CA VAL A 198 37.40 -23.41 -0.01
C VAL A 198 37.57 -24.41 -1.17
N ASP A 199 38.71 -25.09 -1.22
CA ASP A 199 39.06 -26.05 -2.29
C ASP A 199 38.92 -25.42 -3.68
N ASN A 200 39.45 -24.20 -3.83
CA ASN A 200 39.37 -23.44 -5.08
C ASN A 200 37.93 -23.15 -5.58
N LYS A 201 37.03 -22.87 -4.63
CA LYS A 201 35.64 -22.49 -4.90
C LYS A 201 35.22 -21.33 -3.99
N ASN A 202 34.18 -20.61 -4.41
CA ASN A 202 33.55 -19.57 -3.58
C ASN A 202 32.55 -20.21 -2.63
N TYR A 203 32.67 -19.90 -1.34
CA TYR A 203 31.72 -20.34 -0.31
C TYR A 203 31.11 -19.12 0.40
N PHE A 204 29.78 -19.13 0.58
CA PHE A 204 29.05 -18.05 1.23
C PHE A 204 28.31 -18.56 2.49
N PRO A 205 28.87 -18.29 3.69
CA PRO A 205 28.15 -18.62 4.93
C PRO A 205 26.77 -17.94 5.08
N CYS A 206 26.53 -16.84 4.36
CA CYS A 206 25.20 -16.19 4.32
C CYS A 206 24.15 -16.92 3.45
N ARG A 207 24.53 -18.02 2.81
CA ARG A 207 23.58 -18.90 2.11
C ARG A 207 23.36 -20.27 2.77
N ASP A 208 24.19 -20.63 3.77
CA ASP A 208 24.13 -21.93 4.49
C ASP A 208 23.40 -21.89 5.84
N GLY A 209 22.86 -20.73 6.22
CA GLY A 209 22.20 -20.56 7.53
C GLY A 209 23.04 -19.92 8.64
N PHE A 210 24.35 -19.80 8.44
CA PHE A 210 25.26 -19.27 9.48
C PHE A 210 25.25 -17.75 9.55
N GLY A 211 25.23 -17.12 8.38
CA GLY A 211 25.34 -15.67 8.26
C GLY A 211 26.78 -15.26 8.27
N SER A 212 27.00 -13.95 8.16
CA SER A 212 28.33 -13.37 8.09
C SER A 212 28.24 -11.85 8.13
N ILE A 213 29.38 -11.20 8.24
CA ILE A 213 29.46 -9.76 8.00
C ILE A 213 28.85 -9.53 6.61
N MET A 214 27.93 -8.58 6.53
CA MET A 214 27.39 -8.12 5.25
C MET A 214 27.95 -6.72 4.96
N GLN A 215 28.30 -6.47 3.71
CA GLN A 215 28.88 -5.19 3.29
C GLN A 215 27.95 -4.53 2.28
N MET A 216 27.62 -3.25 2.53
CA MET A 216 26.70 -2.47 1.70
C MET A 216 27.46 -1.38 0.95
N ALA A 217 27.06 -1.15 -0.30
CA ALA A 217 27.54 -0.01 -1.10
C ALA A 217 26.33 0.90 -1.35
N PHE A 218 26.31 2.07 -0.68
CA PHE A 218 25.11 2.92 -0.64
C PHE A 218 25.40 4.37 -1.00
N CYS A 219 24.52 4.96 -1.82
CA CYS A 219 24.61 6.37 -2.19
C CYS A 219 23.24 7.05 -1.98
N PRO A 220 23.17 8.01 -1.03
CA PRO A 220 21.89 8.61 -0.67
C PRO A 220 21.36 9.74 -1.57
N GLU A 221 22.22 10.46 -2.28
CA GLU A 221 21.77 11.61 -3.09
C GLU A 221 21.17 11.26 -4.46
N TYR A 222 21.62 10.17 -5.08
CA TYR A 222 21.20 9.82 -6.45
C TYR A 222 20.12 8.77 -6.46
N VAL A 223 18.92 9.13 -6.92
CA VAL A 223 17.71 8.31 -6.68
C VAL A 223 16.94 7.94 -7.95
N PRO A 224 16.25 6.78 -7.93
CA PRO A 224 15.45 6.37 -9.08
C PRO A 224 14.14 7.14 -9.17
N THR A 225 13.63 7.27 -10.39
CA THR A 225 12.36 7.93 -10.64
C THR A 225 11.43 6.94 -11.35
N PHE A 226 10.14 7.12 -11.11
CA PHE A 226 9.12 6.26 -11.67
C PHE A 226 7.86 7.07 -11.93
N ASP A 227 6.77 6.44 -12.34
CA ASP A 227 5.56 7.17 -12.70
C ASP A 227 4.27 6.47 -12.31
N ASN A 228 3.17 7.05 -12.79
CA ASN A 228 1.82 6.87 -12.28
C ASN A 228 0.92 6.11 -13.28
N VAL A 229 1.47 5.72 -14.43
CA VAL A 229 0.68 5.54 -15.66
C VAL A 229 -0.22 4.30 -15.67
N ILE A 230 0.29 3.16 -15.22
CA ILE A 230 -0.47 1.89 -15.22
C ILE A 230 -1.58 1.79 -14.17
N GLU A 231 -1.47 2.53 -13.06
CA GLU A 231 -2.33 2.32 -11.88
C GLU A 231 -3.86 2.35 -12.12
N ASN A 232 -4.59 1.53 -11.35
CA ASN A 232 -6.05 1.40 -11.48
C ASN A 232 -6.76 2.68 -11.06
N ILE A 233 -6.41 3.16 -9.87
CA ILE A 233 -6.93 4.42 -9.34
C ILE A 233 -6.40 5.61 -10.12
N THR A 234 -7.28 6.59 -10.36
CA THR A 234 -6.93 7.81 -11.09
C THR A 234 -7.74 8.98 -10.58
N SER A 235 -7.06 10.10 -10.36
CA SER A 235 -7.71 11.39 -10.09
C SER A 235 -7.46 12.30 -11.29
N LEU A 236 -8.51 12.97 -11.75
CA LEU A 236 -8.43 13.88 -12.90
C LEU A 236 -7.65 15.18 -12.61
N THR A 237 -7.51 15.52 -11.34
CA THR A 237 -6.72 16.69 -10.92
C THR A 237 -5.23 16.35 -10.68
N ILE A 238 -4.94 15.14 -10.21
CA ILE A 238 -3.54 14.66 -10.13
C ILE A 238 -2.96 14.45 -11.55
N GLY A 239 -3.76 13.85 -12.43
CA GLY A 239 -3.31 13.47 -13.78
C GLY A 239 -2.32 12.32 -13.69
N LYS A 240 -1.40 12.27 -14.66
CA LYS A 240 -0.25 11.36 -14.61
C LYS A 240 0.98 12.19 -14.36
N SER A 241 1.96 11.61 -13.68
CA SER A 241 3.11 12.38 -13.20
C SER A 241 4.24 11.46 -12.76
N LYS A 242 5.47 11.96 -12.88
CA LYS A 242 6.62 11.21 -12.41
C LYS A 242 6.90 11.53 -10.95
N TYR A 243 7.45 10.54 -10.24
CA TYR A 243 7.84 10.69 -8.84
C TYR A 243 9.27 10.23 -8.69
N PHE A 244 9.97 10.79 -7.70
CA PHE A 244 11.29 10.30 -7.29
C PHE A 244 11.15 9.58 -5.94
N GLN A 245 12.10 8.72 -5.62
CA GLN A 245 12.02 7.88 -4.42
C GLN A 245 12.72 8.50 -3.18
N ASP A 246 12.19 8.19 -2.00
CA ASP A 246 12.76 8.60 -0.71
C ASP A 246 13.99 7.73 -0.40
N PRO A 247 15.18 8.33 -0.20
CA PRO A 247 16.39 7.55 0.14
C PRO A 247 16.30 6.63 1.36
N ALA A 248 15.45 6.97 2.34
CA ALA A 248 15.28 6.14 3.53
C ALA A 248 14.68 4.76 3.22
N LEU A 249 13.71 4.73 2.31
CA LEU A 249 13.15 3.45 1.83
C LEU A 249 14.17 2.66 0.99
N LEU A 250 14.96 3.37 0.17
CA LEU A 250 16.08 2.76 -0.54
C LEU A 250 17.04 2.11 0.46
N LEU A 251 17.32 2.81 1.56
CA LEU A 251 18.14 2.25 2.61
C LEU A 251 17.48 1.00 3.21
N MET A 252 16.18 1.09 3.53
CA MET A 252 15.44 -0.04 4.13
C MET A 252 15.36 -1.25 3.19
N HIS A 253 15.24 -0.98 1.89
CA HIS A 253 15.32 -2.02 0.86
C HIS A 253 16.59 -2.85 1.00
N GLU A 254 17.73 -2.18 1.08
CA GLU A 254 19.02 -2.84 1.21
C GLU A 254 19.16 -3.51 2.58
N LEU A 255 18.60 -2.88 3.60
CA LEU A 255 18.61 -3.48 4.95
C LEU A 255 17.85 -4.82 5.03
N ILE A 256 16.78 -4.97 4.25
CA ILE A 256 16.10 -6.26 4.09
C ILE A 256 17.07 -7.33 3.54
N HIS A 257 17.91 -6.96 2.57
CA HIS A 257 18.94 -7.90 2.03
C HIS A 257 19.96 -8.30 3.10
N VAL A 258 20.37 -7.34 3.91
CA VAL A 258 21.25 -7.61 5.06
C VAL A 258 20.58 -8.63 6.01
N LEU A 259 19.29 -8.42 6.30
CA LEU A 259 18.51 -9.31 7.18
C LEU A 259 18.48 -10.76 6.69
N HIS A 260 18.30 -10.94 5.39
CA HIS A 260 18.31 -12.27 4.80
C HIS A 260 19.70 -12.93 4.97
N GLY A 261 20.74 -12.17 4.65
CA GLY A 261 22.13 -12.61 4.82
C GLY A 261 22.50 -13.02 6.24
N LEU A 262 22.08 -12.24 7.24
CA LEU A 262 22.44 -12.50 8.64
C LEU A 262 21.80 -13.79 9.22
N TYR A 263 20.59 -14.09 8.77
CA TYR A 263 19.95 -15.38 9.04
C TYR A 263 20.40 -16.48 8.05
N GLY A 264 21.42 -16.18 7.26
CA GLY A 264 21.99 -17.11 6.31
C GLY A 264 21.03 -17.63 5.25
N MET A 265 20.00 -16.84 4.92
CA MET A 265 18.90 -17.25 4.03
C MET A 265 18.93 -16.58 2.65
N GLN A 266 20.09 -16.06 2.23
CA GLN A 266 20.22 -15.40 0.92
C GLN A 266 19.97 -16.43 -0.19
N VAL A 267 19.22 -16.01 -1.23
CA VAL A 267 18.74 -16.90 -2.31
C VAL A 267 19.44 -16.55 -3.61
N SER A 268 20.14 -17.52 -4.20
CA SER A 268 20.98 -17.31 -5.40
C SER A 268 20.54 -18.06 -6.68
N SER A 269 19.73 -19.12 -6.54
CA SER A 269 19.22 -19.87 -7.71
C SER A 269 17.87 -19.32 -8.23
N HIS A 270 17.35 -19.95 -9.28
CA HIS A 270 16.00 -19.70 -9.81
C HIS A 270 15.80 -18.27 -10.30
N GLU A 271 16.80 -17.76 -11.01
CA GLU A 271 16.77 -16.40 -11.56
C GLU A 271 15.85 -16.38 -12.79
N ILE A 272 15.17 -15.25 -13.02
CA ILE A 272 14.37 -15.07 -14.23
C ILE A 272 15.27 -14.39 -15.26
N ILE A 273 15.53 -15.08 -16.38
CA ILE A 273 16.42 -14.57 -17.41
C ILE A 273 15.59 -13.93 -18.53
N PRO A 274 15.94 -12.71 -18.98
CA PRO A 274 15.25 -12.13 -20.13
C PRO A 274 15.65 -12.81 -21.44
N SER A 275 14.70 -12.95 -22.36
CA SER A 275 15.01 -13.37 -23.72
C SER A 275 15.60 -12.16 -24.45
N LYS A 276 16.63 -12.41 -25.25
CA LYS A 276 17.32 -11.34 -25.98
C LYS A 276 17.24 -11.50 -27.51
N GLN A 277 16.38 -12.41 -28.00
CA GLN A 277 16.34 -12.73 -29.45
C GLN A 277 15.90 -11.56 -30.31
N GLU A 278 14.70 -11.07 -30.04
CA GLU A 278 14.08 -10.06 -30.89
C GLU A 278 14.53 -8.65 -30.46
N ILE A 279 14.26 -7.67 -31.32
CA ILE A 279 14.79 -6.32 -31.19
C ILE A 279 14.07 -5.56 -30.08
N TYR A 280 12.75 -5.65 -30.11
CA TYR A 280 11.86 -5.09 -29.07
C TYR A 280 12.04 -5.66 -27.65
N MET A 281 12.83 -6.73 -27.48
CA MET A 281 13.05 -7.30 -26.15
C MET A 281 14.10 -6.55 -25.32
N GLN A 282 13.82 -6.42 -24.01
CA GLN A 282 14.63 -5.65 -23.08
C GLN A 282 15.85 -6.47 -22.61
N HIS A 283 17.03 -5.84 -22.65
CA HIS A 283 18.29 -6.48 -22.23
C HIS A 283 18.63 -6.07 -20.78
N THR A 284 18.02 -6.76 -19.82
CA THR A 284 18.27 -6.50 -18.41
C THR A 284 19.24 -7.54 -17.84
N TYR A 285 19.67 -7.29 -16.60
CA TYR A 285 20.32 -8.31 -15.78
C TYR A 285 19.28 -9.35 -15.37
N PRO A 286 19.72 -10.60 -15.08
CA PRO A 286 18.79 -11.62 -14.58
C PRO A 286 18.19 -11.26 -13.21
N ILE A 287 16.87 -11.39 -13.09
CA ILE A 287 16.14 -10.98 -11.89
C ILE A 287 16.19 -12.11 -10.88
N SER A 288 16.81 -11.87 -9.72
CA SER A 288 16.85 -12.86 -8.65
C SER A 288 15.54 -12.94 -7.89
N ALA A 289 15.26 -14.09 -7.30
CA ALA A 289 14.10 -14.27 -6.42
C ALA A 289 14.22 -13.43 -5.17
N GLU A 290 15.46 -13.23 -4.71
CA GLU A 290 15.79 -12.33 -3.61
C GLU A 290 15.12 -10.95 -3.81
N GLU A 291 15.33 -10.34 -4.97
CA GLU A 291 14.80 -8.99 -5.27
C GLU A 291 13.28 -8.93 -5.39
N LEU A 292 12.69 -10.01 -5.88
CA LEU A 292 11.22 -10.09 -6.03
C LEU A 292 10.51 -10.22 -4.68
N PHE A 293 11.10 -11.01 -3.77
CA PHE A 293 10.59 -11.18 -2.41
C PHE A 293 10.79 -9.92 -1.56
N THR A 294 11.93 -9.25 -1.75
CA THR A 294 12.26 -8.01 -1.05
C THR A 294 11.34 -6.84 -1.47
N PHE A 295 11.05 -6.74 -2.77
CA PHE A 295 10.16 -5.70 -3.29
C PHE A 295 8.72 -5.94 -2.87
N GLY A 296 8.26 -7.19 -2.99
CA GLY A 296 6.93 -7.60 -2.54
C GLY A 296 5.84 -7.43 -3.58
N GLY A 297 4.59 -7.46 -3.11
CA GLY A 297 3.43 -7.34 -4.00
C GLY A 297 3.21 -8.54 -4.91
N GLN A 298 2.50 -8.32 -6.02
CA GLN A 298 2.08 -9.40 -6.92
C GLN A 298 3.25 -10.07 -7.65
N ASP A 299 4.32 -9.32 -7.89
CA ASP A 299 5.48 -9.84 -8.64
C ASP A 299 6.35 -10.87 -7.90
N ALA A 300 6.11 -11.08 -6.61
CA ALA A 300 6.69 -12.23 -5.89
C ALA A 300 6.12 -13.59 -6.35
N ASN A 301 4.98 -13.57 -7.02
CA ASN A 301 4.42 -14.77 -7.65
C ASN A 301 5.05 -15.12 -9.02
N LEU A 302 6.09 -14.39 -9.45
CA LEU A 302 7.00 -14.86 -10.52
C LEU A 302 7.74 -16.16 -10.15
N ILE A 303 8.04 -16.36 -8.87
CA ILE A 303 8.63 -17.59 -8.39
C ILE A 303 7.45 -18.49 -8.04
N SER A 304 7.33 -19.63 -8.73
CA SER A 304 6.22 -20.56 -8.52
C SER A 304 6.25 -21.21 -7.13
N ILE A 305 5.08 -21.65 -6.69
CA ILE A 305 4.90 -22.25 -5.35
C ILE A 305 5.81 -23.47 -5.08
N ASP A 306 6.08 -24.27 -6.13
CA ASP A 306 6.94 -25.44 -5.99
C ASP A 306 8.39 -25.05 -5.71
N ILE A 307 8.84 -23.94 -6.30
CA ILE A 307 10.19 -23.42 -6.04
C ILE A 307 10.30 -22.89 -4.62
N LYS A 308 9.24 -22.24 -4.15
CA LYS A 308 9.20 -21.74 -2.77
C LYS A 308 9.32 -22.86 -1.74
N ASN A 309 8.78 -24.03 -2.07
CA ASN A 309 8.94 -25.24 -1.24
C ASN A 309 10.36 -25.77 -1.19
N ASP A 310 11.05 -25.82 -2.33
CA ASP A 310 12.44 -26.27 -2.35
C ASP A 310 13.32 -25.38 -1.48
N LEU A 311 13.07 -24.07 -1.52
CA LEU A 311 13.81 -23.08 -0.72
C LEU A 311 13.56 -23.27 0.78
N TYR A 312 12.29 -23.36 1.16
CA TYR A 312 11.89 -23.64 2.53
C TYR A 312 12.62 -24.88 3.06
N GLU A 313 12.54 -25.97 2.31
CA GLU A 313 13.16 -27.25 2.70
C GLU A 313 14.68 -27.15 2.83
N LYS A 314 15.32 -26.39 1.94
CA LYS A 314 16.78 -26.19 2.00
C LYS A 314 17.22 -25.51 3.30
N THR A 315 16.51 -24.47 3.69
CA THR A 315 16.83 -23.75 4.94
C THR A 315 16.54 -24.61 6.17
N LEU A 316 15.53 -25.47 6.10
CA LEU A 316 15.21 -26.40 7.18
C LEU A 316 16.32 -27.44 7.41
N ASN A 317 16.87 -27.99 6.32
CA ASN A 317 18.06 -28.86 6.43
C ASN A 317 19.24 -28.09 7.02
N ASP A 318 19.47 -26.89 6.50
CA ASP A 318 20.57 -26.02 6.95
C ASP A 318 20.50 -25.76 8.45
N TYR A 319 19.31 -25.41 8.93
CA TYR A 319 19.10 -25.09 10.35
C TYR A 319 19.19 -26.34 11.24
N LYS A 320 18.78 -27.50 10.71
CA LYS A 320 18.95 -28.78 11.41
C LYS A 320 20.42 -29.11 11.62
N ALA A 321 21.21 -28.93 10.55
CA ALA A 321 22.67 -29.08 10.62
C ALA A 321 23.28 -28.18 11.70
N ILE A 322 22.82 -26.93 11.78
CA ILE A 322 23.30 -25.97 12.77
C ILE A 322 22.89 -26.34 14.20
N ALA A 323 21.69 -26.90 14.36
CA ALA A 323 21.21 -27.37 15.67
C ALA A 323 22.10 -28.47 16.24
N ASN A 324 22.44 -29.42 15.38
CA ASN A 324 23.37 -30.51 15.71
C ASN A 324 24.80 -29.99 15.93
N LYS A 325 25.25 -29.12 15.03
CA LYS A 325 26.55 -28.44 15.15
C LYS A 325 26.69 -27.64 16.47
N LEU A 326 25.67 -26.88 16.84
CA LEU A 326 25.67 -26.08 18.09
C LEU A 326 25.67 -26.96 19.35
N SER A 327 25.00 -28.10 19.29
CA SER A 327 24.94 -29.04 20.41
C SER A 327 26.29 -29.62 20.82
N GLN A 328 27.23 -29.68 19.87
CA GLN A 328 28.56 -30.26 20.09
C GLN A 328 29.67 -29.27 20.46
N VAL A 329 29.33 -27.99 20.66
CA VAL A 329 30.34 -26.97 20.95
C VAL A 329 30.69 -26.99 22.44
N THR A 330 32.00 -27.08 22.73
CA THR A 330 32.51 -27.05 24.12
C THR A 330 33.71 -26.11 24.35
N SER A 331 34.14 -25.33 23.34
CA SER A 331 35.28 -24.41 23.48
C SER A 331 35.30 -23.30 22.41
N CYS A 332 36.27 -22.40 22.50
CA CYS A 332 36.44 -21.32 21.52
C CYS A 332 37.91 -20.87 21.47
N ASN A 333 38.33 -20.34 20.32
CA ASN A 333 39.70 -19.80 20.18
C ASN A 333 39.95 -18.56 21.05
N ASP A 334 38.89 -17.89 21.48
CA ASP A 334 38.97 -16.75 22.39
C ASP A 334 38.73 -17.22 23.84
N PRO A 335 39.73 -17.01 24.74
CA PRO A 335 39.57 -17.33 26.17
C PRO A 335 38.42 -16.59 26.88
N ASN A 336 38.22 -15.31 26.53
CA ASN A 336 37.27 -14.45 27.24
C ASN A 336 35.79 -14.75 26.94
N ILE A 337 35.50 -15.34 25.78
CA ILE A 337 34.12 -15.59 25.35
C ILE A 337 33.41 -16.66 26.20
N ASP A 338 32.34 -16.27 26.88
CA ASP A 338 31.50 -17.19 27.64
C ASP A 338 30.62 -17.98 26.66
N ILE A 339 30.81 -19.30 26.65
CA ILE A 339 30.23 -20.19 25.64
C ILE A 339 28.71 -20.34 25.82
N ASP A 340 28.26 -20.50 27.06
CA ASP A 340 26.82 -20.63 27.37
C ASP A 340 26.01 -19.38 27.01
N SER A 341 26.62 -18.20 27.11
CA SER A 341 25.97 -16.93 26.71
C SER A 341 25.63 -16.90 25.23
N TYR A 342 26.58 -17.32 24.40
CA TYR A 342 26.38 -17.42 22.95
C TYR A 342 25.37 -18.49 22.56
N LYS A 343 25.39 -19.64 23.23
CA LYS A 343 24.44 -20.72 22.95
C LYS A 343 22.98 -20.31 23.20
N GLN A 344 22.74 -19.52 24.25
CA GLN A 344 21.39 -18.99 24.52
C GLN A 344 20.95 -18.02 23.42
N ILE A 345 21.90 -17.21 22.96
CA ILE A 345 21.66 -16.25 21.87
C ILE A 345 21.34 -16.98 20.56
N TYR A 346 22.10 -18.02 20.23
CA TYR A 346 21.86 -18.79 19.00
C TYR A 346 20.60 -19.67 19.05
N GLN A 347 20.23 -20.15 20.23
CA GLN A 347 18.96 -20.83 20.43
C GLN A 347 17.78 -19.86 20.19
N GLN A 348 17.94 -18.63 20.66
CA GLN A 348 16.98 -17.53 20.44
C GLN A 348 16.84 -17.20 18.95
N LYS A 349 17.96 -16.88 18.32
CA LYS A 349 18.04 -16.53 16.89
C LYS A 349 17.40 -17.59 16.00
N TYR A 350 17.89 -18.83 16.11
CA TYR A 350 17.46 -19.94 15.24
C TYR A 350 16.17 -20.64 15.68
N GLN A 351 15.62 -20.25 16.83
CA GLN A 351 14.33 -20.77 17.34
C GLN A 351 14.34 -22.27 17.67
N PHE A 352 15.46 -22.74 18.22
CA PHE A 352 15.61 -24.14 18.60
C PHE A 352 14.92 -24.44 19.93
N ASP A 353 14.53 -25.70 20.11
CA ASP A 353 14.16 -26.26 21.41
C ASP A 353 15.30 -27.15 21.91
N LYS A 354 15.15 -27.62 23.15
CA LYS A 354 15.99 -28.70 23.72
C LYS A 354 15.15 -29.96 23.88
N ASP A 355 15.77 -31.13 23.61
CA ASP A 355 15.16 -32.44 23.93
C ASP A 355 15.52 -32.86 25.37
N SER A 356 15.06 -34.03 25.80
CA SER A 356 15.29 -34.54 27.17
C SER A 356 16.77 -34.86 27.48
N ASN A 357 17.59 -35.11 26.45
CA ASN A 357 19.04 -35.27 26.60
C ASN A 357 19.78 -33.92 26.74
N GLY A 358 19.17 -32.83 26.26
CA GLY A 358 19.77 -31.48 26.29
C GLY A 358 20.35 -31.01 24.96
N GLN A 359 20.20 -31.83 23.90
CA GLN A 359 20.68 -31.48 22.55
C GLN A 359 19.66 -30.56 21.89
N TYR A 360 20.17 -29.63 21.07
CA TYR A 360 19.32 -28.65 20.37
C TYR A 360 18.63 -29.29 19.16
N ILE A 361 17.33 -29.02 19.01
CA ILE A 361 16.54 -29.55 17.88
C ILE A 361 15.65 -28.49 17.24
N VAL A 362 15.20 -28.79 16.02
CA VAL A 362 14.36 -27.90 15.25
C VAL A 362 12.88 -28.22 15.46
N ASN A 363 12.19 -27.33 16.19
CA ASN A 363 10.73 -27.33 16.25
C ASN A 363 10.21 -26.71 14.94
N GLU A 364 9.51 -27.51 14.13
CA GLU A 364 9.10 -27.09 12.78
C GLU A 364 7.99 -26.03 12.75
N ASP A 365 7.11 -26.03 13.75
CA ASP A 365 6.09 -24.98 13.86
C ASP A 365 6.75 -23.63 14.07
N LYS A 366 7.75 -23.60 14.95
CA LYS A 366 8.51 -22.38 15.24
C LYS A 366 9.38 -21.95 14.05
N PHE A 367 9.96 -22.92 13.32
CA PHE A 367 10.72 -22.64 12.11
C PHE A 367 9.88 -21.99 11.01
N GLN A 368 8.69 -22.53 10.77
CA GLN A 368 7.79 -21.98 9.74
C GLN A 368 7.48 -20.49 9.95
N ILE A 369 7.28 -20.09 11.21
CA ILE A 369 7.01 -18.68 11.56
C ILE A 369 8.25 -17.84 11.34
N LEU A 370 9.40 -18.32 11.80
CA LEU A 370 10.66 -17.61 11.61
C LEU A 370 10.96 -17.43 10.13
N TYR A 371 10.91 -18.54 9.37
CA TYR A 371 11.23 -18.50 7.94
C TYR A 371 10.37 -17.49 7.20
N ASN A 372 9.07 -17.49 7.48
CA ASN A 372 8.13 -16.60 6.80
C ASN A 372 8.32 -15.10 7.13
N SER A 373 8.73 -14.82 8.38
CA SER A 373 9.05 -13.45 8.82
C SER A 373 10.20 -12.81 8.07
N ILE A 374 11.22 -13.62 7.78
CA ILE A 374 12.45 -13.13 7.18
C ILE A 374 12.33 -12.99 5.67
N MET A 375 11.80 -14.01 4.99
CA MET A 375 11.62 -13.95 3.52
C MET A 375 10.47 -13.06 3.08
N TYR A 376 9.31 -13.20 3.72
CA TYR A 376 8.06 -12.61 3.21
C TYR A 376 7.39 -11.56 4.12
N GLY A 377 8.10 -11.08 5.14
CA GLY A 377 7.54 -10.13 6.12
C GLY A 377 7.77 -8.68 5.75
N PHE A 378 9.01 -8.25 5.88
CA PHE A 378 9.40 -6.91 5.44
C PHE A 378 9.51 -6.88 3.91
N THR A 379 8.76 -5.98 3.27
CA THR A 379 8.93 -5.69 1.83
C THR A 379 8.95 -4.18 1.61
N GLU A 380 9.42 -3.76 0.43
CA GLU A 380 9.43 -2.34 0.07
C GLU A 380 8.00 -1.77 0.01
N ILE A 381 7.07 -2.56 -0.53
CA ILE A 381 5.68 -2.10 -0.70
C ILE A 381 5.00 -1.87 0.67
N GLU A 382 5.20 -2.79 1.61
CA GLU A 382 4.61 -2.66 2.94
C GLU A 382 5.25 -1.54 3.80
N LEU A 383 6.57 -1.41 3.76
CA LEU A 383 7.25 -0.30 4.44
C LEU A 383 6.81 1.04 3.86
N GLY A 384 6.64 1.10 2.54
CA GLY A 384 6.08 2.28 1.87
C GLY A 384 4.80 2.76 2.53
N LYS A 385 3.86 1.84 2.72
CA LYS A 385 2.56 2.14 3.34
C LYS A 385 2.64 2.64 4.79
N LYS A 386 3.41 1.95 5.61
CA LYS A 386 3.66 2.37 7.02
C LYS A 386 4.35 3.73 7.17
N PHE A 387 5.20 4.11 6.20
CA PHE A 387 5.94 5.37 6.22
C PHE A 387 5.28 6.50 5.42
N ASN A 388 4.19 6.19 4.69
CA ASN A 388 3.52 7.16 3.79
C ASN A 388 4.42 7.63 2.65
N ILE A 389 5.30 6.74 2.18
CA ILE A 389 6.15 6.99 1.02
C ILE A 389 5.51 6.29 -0.18
N LYS A 390 5.48 6.99 -1.32
CA LYS A 390 4.95 6.41 -2.56
C LYS A 390 5.91 5.40 -3.18
N THR A 391 5.36 4.25 -3.61
CA THR A 391 6.13 3.28 -4.39
C THR A 391 5.36 2.89 -5.67
N ALA A 392 6.09 2.30 -6.61
CA ALA A 392 5.47 1.63 -7.75
C ALA A 392 4.87 0.32 -7.25
N LEU A 393 3.87 -0.17 -7.98
CA LEU A 393 3.17 -1.40 -7.60
C LEU A 393 3.73 -2.66 -8.32
N SER A 394 4.32 -2.47 -9.51
CA SER A 394 4.95 -3.56 -10.26
C SER A 394 6.46 -3.39 -10.35
N PHE A 395 7.16 -4.52 -10.28
CA PHE A 395 8.61 -4.62 -10.56
C PHE A 395 8.96 -4.21 -12.00
N PHE A 396 8.03 -4.33 -12.93
CA PHE A 396 8.28 -3.96 -14.33
C PHE A 396 7.81 -2.55 -14.69
N SER A 397 7.41 -1.75 -13.70
CA SER A 397 7.06 -0.34 -13.92
C SER A 397 8.22 0.38 -14.56
N MET A 398 7.89 1.43 -15.32
CA MET A 398 8.91 2.17 -16.06
C MET A 398 9.80 2.98 -15.12
N ASN A 399 11.10 2.90 -15.38
CA ASN A 399 12.10 3.76 -14.77
C ASN A 399 12.52 4.82 -15.80
N HIS A 400 12.69 6.04 -15.32
CA HIS A 400 13.19 7.14 -16.12
C HIS A 400 14.62 7.44 -15.67
N ASP A 401 15.21 8.54 -16.15
CA ASP A 401 16.55 8.92 -15.73
C ASP A 401 16.56 9.25 -14.22
N PRO A 402 17.63 8.89 -13.52
CA PRO A 402 17.71 9.27 -12.11
C PRO A 402 17.93 10.78 -11.92
N VAL A 403 17.50 11.29 -10.77
CA VAL A 403 17.77 12.66 -10.34
C VAL A 403 18.64 12.65 -9.08
N LYS A 404 19.13 13.82 -8.68
CA LYS A 404 19.85 13.94 -7.41
C LYS A 404 19.12 14.87 -6.42
N ILE A 405 19.43 14.70 -5.15
CA ILE A 405 18.80 15.42 -4.05
C ILE A 405 19.91 16.14 -3.25
N PRO A 406 20.27 17.37 -3.67
CA PRO A 406 21.36 18.10 -3.01
C PRO A 406 21.11 18.55 -1.57
N ASN A 407 19.86 18.72 -1.14
CA ASN A 407 19.56 19.34 0.17
C ASN A 407 18.88 18.44 1.19
N LEU A 408 19.34 17.20 1.31
CA LEU A 408 18.83 16.30 2.35
C LEU A 408 19.04 16.81 3.78
N LEU A 409 20.07 17.63 4.00
CA LEU A 409 20.36 18.20 5.34
C LEU A 409 19.63 19.53 5.59
N ASP A 410 18.68 19.88 4.72
CA ASP A 410 17.75 21.01 4.90
C ASP A 410 16.38 20.49 5.33
N ASP A 411 15.98 20.81 6.57
CA ASP A 411 14.66 20.41 7.11
C ASP A 411 13.45 21.05 6.40
N THR A 412 13.66 22.10 5.62
CA THR A 412 12.59 22.62 4.76
C THR A 412 12.31 21.69 3.54
N ILE A 413 13.30 20.89 3.12
CA ILE A 413 13.12 19.91 2.06
C ILE A 413 12.82 18.51 2.60
N TYR A 414 13.65 18.05 3.55
CA TYR A 414 13.62 16.66 4.04
C TYR A 414 13.83 16.64 5.55
N ASN A 415 12.88 16.07 6.30
CA ASN A 415 13.01 15.95 7.76
C ASN A 415 12.90 14.50 8.21
N ASP A 416 13.18 14.25 9.48
CA ASP A 416 13.31 12.87 9.97
C ASP A 416 12.02 12.29 10.56
N THR A 417 10.88 12.91 10.28
CA THR A 417 9.59 12.32 10.63
C THR A 417 8.65 12.12 9.44
N GLU A 418 8.79 12.96 8.40
CA GLU A 418 7.96 12.86 7.19
C GLU A 418 8.73 12.79 5.87
N GLY A 419 10.06 12.90 5.90
CA GLY A 419 10.86 12.95 4.67
C GLY A 419 10.53 14.16 3.81
N PHE A 420 10.23 13.90 2.53
CA PHE A 420 9.79 14.94 1.59
C PHE A 420 8.34 15.37 1.78
N ASN A 421 7.50 14.46 2.32
CA ASN A 421 6.03 14.62 2.30
C ASN A 421 5.51 15.31 3.57
N ILE A 422 5.93 16.56 3.72
CA ILE A 422 5.73 17.35 4.93
C ILE A 422 4.32 17.97 4.95
N GLU A 423 3.58 17.73 6.04
CA GLU A 423 2.18 18.15 6.15
C GLU A 423 2.03 19.66 6.31
N SER A 424 2.92 20.26 7.09
CA SER A 424 2.92 21.70 7.28
C SER A 424 3.28 22.53 6.02
N LYS A 425 3.64 21.86 4.92
CA LYS A 425 3.80 22.50 3.62
C LYS A 425 2.76 22.01 2.60
N ASP A 426 1.68 21.41 3.07
CA ASP A 426 0.67 20.78 2.21
C ASP A 426 1.30 19.85 1.13
N LEU A 427 2.30 19.06 1.56
CA LEU A 427 3.01 18.08 0.71
C LEU A 427 2.83 16.61 1.12
N LYS A 428 2.09 16.34 2.19
CA LYS A 428 1.74 14.98 2.57
C LYS A 428 0.65 14.43 1.65
N SER A 429 -0.45 15.17 1.52
CA SER A 429 -1.56 14.83 0.62
C SER A 429 -1.05 14.39 -0.76
N GLU A 430 -1.50 13.21 -1.19
CA GLU A 430 -1.22 12.66 -2.55
C GLU A 430 0.27 12.50 -2.90
N TYR A 431 1.12 12.35 -1.88
CA TYR A 431 2.59 12.19 -2.04
C TYR A 431 3.24 13.32 -2.87
N LYS A 432 2.76 14.55 -2.69
CA LYS A 432 3.19 15.67 -3.53
C LYS A 432 4.66 16.08 -3.31
N GLY A 433 5.21 15.81 -2.13
CA GLY A 433 6.64 16.03 -1.86
C GLY A 433 7.58 15.21 -2.77
N GLN A 434 7.08 14.09 -3.27
CA GLN A 434 7.79 13.25 -4.23
C GLN A 434 7.45 13.55 -5.71
N ASN A 435 6.36 14.26 -5.95
CA ASN A 435 5.88 14.55 -7.31
C ASN A 435 6.78 15.58 -7.98
N MET A 436 7.32 15.23 -9.15
CA MET A 436 8.29 16.09 -9.86
C MET A 436 7.70 17.32 -10.55
N ARG A 437 6.38 17.34 -10.75
CA ARG A 437 5.71 18.52 -11.31
C ARG A 437 5.40 19.53 -10.21
N VAL A 438 5.30 19.07 -8.96
CA VAL A 438 5.01 19.94 -7.83
C VAL A 438 6.26 20.41 -7.07
N ASN A 439 7.00 19.48 -6.48
CA ASN A 439 8.07 19.83 -5.52
C ASN A 439 9.41 20.03 -6.24
N THR A 440 9.48 21.07 -7.05
CA THR A 440 10.63 21.32 -7.92
C THR A 440 11.92 21.80 -7.20
N ASN A 441 11.79 22.30 -5.97
CA ASN A 441 12.97 22.66 -5.14
C ASN A 441 13.73 21.46 -4.55
N ALA A 442 13.11 20.27 -4.52
CA ALA A 442 13.68 19.12 -3.83
C ALA A 442 14.70 18.32 -4.66
N PHE A 443 14.67 18.49 -5.99
CA PHE A 443 15.55 17.74 -6.90
C PHE A 443 16.18 18.56 -8.01
N ARG A 444 17.31 18.07 -8.51
CA ARG A 444 17.97 18.60 -9.72
C ARG A 444 18.35 17.46 -10.65
N ASN A 445 18.35 17.74 -11.94
CA ASN A 445 18.79 16.76 -12.94
C ASN A 445 20.29 16.48 -12.82
N VAL A 446 20.70 15.25 -13.10
CA VAL A 446 22.12 14.88 -13.13
C VAL A 446 22.72 15.39 -14.45
N ASP A 447 23.99 15.79 -14.43
CA ASP A 447 24.61 16.29 -15.68
C ASP A 447 24.96 15.12 -16.62
N GLY A 448 24.77 15.34 -17.92
CA GLY A 448 24.87 14.29 -18.93
C GLY A 448 26.25 13.65 -19.12
N SER A 449 27.31 14.33 -18.69
CA SER A 449 28.67 13.78 -18.73
C SER A 449 28.76 12.38 -18.14
N GLY A 450 28.14 12.19 -16.98
CA GLY A 450 28.24 10.92 -16.22
C GLY A 450 27.15 9.90 -16.45
N LEU A 451 26.09 10.27 -17.16
CA LEU A 451 24.95 9.37 -17.38
C LEU A 451 25.09 8.60 -18.68
N VAL A 452 25.06 7.28 -18.56
CA VAL A 452 25.21 6.36 -19.68
C VAL A 452 23.99 5.44 -19.75
N SER A 453 23.62 5.05 -20.98
CA SER A 453 22.49 4.16 -21.22
C SER A 453 22.84 3.03 -22.19
N LYS A 454 21.94 2.06 -22.28
CA LYS A 454 21.97 1.03 -23.31
C LYS A 454 20.99 1.52 -24.38
N LEU A 455 21.54 1.85 -25.55
CA LEU A 455 20.73 2.27 -26.70
C LEU A 455 20.86 1.25 -27.84
N ILE A 456 19.85 1.22 -28.70
CA ILE A 456 19.91 0.44 -29.96
C ILE A 456 19.44 1.29 -31.13
N GLY A 457 20.08 1.11 -32.29
CA GLY A 457 19.72 1.82 -33.51
C GLY A 457 18.70 1.06 -34.34
N LEU A 458 17.78 1.78 -34.98
CA LEU A 458 16.83 1.21 -35.94
C LEU A 458 16.90 1.98 -37.25
N CYS A 459 17.58 1.41 -38.24
CA CYS A 459 17.86 2.07 -39.52
C CYS A 459 16.98 1.58 -40.67
N LYS A 460 16.48 2.54 -41.46
CA LYS A 460 15.53 2.27 -42.55
C LYS A 460 15.75 3.27 -43.68
N LEU A 486 17.16 6.76 -42.61
CA LEU A 486 16.77 7.29 -41.31
C LEU A 486 17.07 6.30 -40.19
N CYS A 487 18.04 6.63 -39.33
CA CYS A 487 18.34 5.86 -38.11
C CYS A 487 17.79 6.55 -36.86
N ILE A 488 17.09 5.78 -36.02
CA ILE A 488 16.58 6.27 -34.74
C ILE A 488 17.15 5.43 -33.59
N LYS A 489 17.44 6.09 -32.47
CA LYS A 489 18.01 5.44 -31.29
C LYS A 489 16.94 5.24 -30.22
N ILE A 490 16.91 4.07 -29.58
CA ILE A 490 15.91 3.74 -28.56
C ILE A 490 16.60 3.34 -27.26
N LYS A 491 16.13 3.91 -26.15
CA LYS A 491 16.58 3.52 -24.80
C LYS A 491 16.11 2.12 -24.43
N ASN A 492 17.01 1.36 -23.81
CA ASN A 492 16.70 0.02 -23.29
C ASN A 492 15.51 0.02 -22.33
N GLU A 493 15.35 1.11 -21.58
CA GLU A 493 14.22 1.32 -20.67
C GLU A 493 12.84 1.28 -21.37
N ASP A 494 12.78 1.66 -22.65
CA ASP A 494 11.53 1.63 -23.44
C ASP A 494 11.14 0.25 -24.03
N LEU A 495 12.02 -0.74 -23.94
CA LEU A 495 11.76 -2.06 -24.49
C LEU A 495 10.94 -2.93 -23.52
N THR A 496 10.49 -4.11 -23.97
CA THR A 496 9.60 -4.98 -23.20
C THR A 496 10.34 -6.22 -22.66
N PHE A 497 10.24 -6.44 -21.36
CA PHE A 497 10.82 -7.63 -20.73
C PHE A 497 9.97 -8.85 -21.06
N ILE A 498 10.61 -9.87 -21.64
CA ILE A 498 9.95 -11.16 -21.92
C ILE A 498 10.84 -12.30 -21.45
N ALA A 499 10.34 -13.07 -20.48
CA ALA A 499 11.14 -14.10 -19.80
C ALA A 499 11.44 -15.33 -20.67
N GLU A 500 12.67 -15.84 -20.55
CA GLU A 500 13.04 -17.15 -21.11
C GLU A 500 12.17 -18.23 -20.47
N LYS A 501 11.78 -19.23 -21.27
CA LYS A 501 10.85 -20.29 -20.85
C LYS A 501 11.54 -21.29 -19.91
N ASN A 502 12.83 -21.53 -20.15
CA ASN A 502 13.62 -22.47 -19.35
C ASN A 502 13.97 -21.97 -17.94
N SER A 503 13.62 -20.72 -17.61
CA SER A 503 13.75 -20.21 -16.23
C SER A 503 12.55 -20.55 -15.33
N PHE A 504 11.53 -21.22 -15.86
CA PHE A 504 10.39 -21.68 -15.05
C PHE A 504 10.50 -23.18 -14.77
N SER A 505 10.00 -23.60 -13.60
CA SER A 505 10.12 -24.97 -13.12
C SER A 505 9.28 -25.97 -13.92
N GLU A 506 9.76 -27.20 -13.97
CA GLU A 506 9.03 -28.36 -14.52
C GLU A 506 8.93 -29.52 -13.52
N GLU A 507 9.19 -29.26 -12.23
CA GLU A 507 9.07 -30.27 -11.19
C GLU A 507 7.63 -30.79 -10.99
N PRO A 508 6.61 -29.93 -11.25
CA PRO A 508 5.24 -30.45 -11.11
C PRO A 508 4.76 -31.41 -12.22
N PHE A 509 5.55 -31.63 -13.28
CA PHE A 509 5.22 -32.62 -14.32
C PHE A 509 5.83 -34.01 -14.07
N GLN A 510 6.58 -34.17 -12.98
CA GLN A 510 7.31 -35.40 -12.67
C GLN A 510 6.52 -36.35 -11.76
N ASP A 511 7.06 -37.55 -11.56
CA ASP A 511 6.44 -38.57 -10.72
C ASP A 511 6.67 -38.27 -9.24
N GLU A 512 5.58 -38.00 -8.51
CA GLU A 512 5.61 -37.91 -7.05
C GLU A 512 5.13 -39.22 -6.45
N ILE A 513 5.96 -39.83 -5.59
CA ILE A 513 5.65 -41.12 -4.95
C ILE A 513 5.03 -40.89 -3.56
N VAL A 514 3.78 -41.32 -3.40
CA VAL A 514 3.06 -41.21 -2.13
C VAL A 514 3.37 -42.42 -1.26
N SER A 515 3.34 -42.23 0.06
CA SER A 515 3.55 -43.30 1.04
C SER A 515 2.69 -43.04 2.27
N TYR A 516 2.84 -43.86 3.30
CA TYR A 516 2.16 -43.64 4.58
C TYR A 516 2.65 -42.35 5.24
N ASN A 517 3.96 -42.11 5.18
CA ASN A 517 4.61 -41.06 5.97
C ASN A 517 5.12 -39.86 5.14
N THR A 518 4.55 -39.64 3.95
CA THR A 518 4.77 -38.38 3.23
C THR A 518 3.92 -37.28 3.87
N LYS A 519 4.51 -36.11 4.12
CA LYS A 519 3.80 -34.97 4.71
C LYS A 519 3.18 -34.05 3.64
N ASN A 520 2.46 -33.03 4.09
CA ASN A 520 1.84 -32.02 3.21
C ASN A 520 2.77 -30.83 2.99
N LYS A 521 2.73 -30.25 1.78
CA LYS A 521 3.36 -28.97 1.49
C LYS A 521 2.48 -27.84 2.05
N PRO A 522 3.07 -26.85 2.74
CA PRO A 522 2.28 -25.82 3.43
C PRO A 522 1.41 -24.91 2.53
N LEU A 523 1.91 -24.57 1.35
CA LEU A 523 1.27 -23.62 0.41
C LEU A 523 1.02 -22.21 1.00
N ASN A 524 1.69 -21.88 2.11
CA ASN A 524 1.47 -20.66 2.88
C ASN A 524 2.82 -19.96 3.02
N PHE A 525 3.04 -18.95 2.18
CA PHE A 525 4.30 -18.21 2.18
C PHE A 525 4.01 -16.71 2.24
N ASN A 526 3.71 -16.25 3.45
CA ASN A 526 3.43 -14.84 3.69
C ASN A 526 3.53 -14.56 5.19
N TYR A 527 3.74 -13.30 5.54
CA TYR A 527 3.76 -12.91 6.95
C TYR A 527 3.39 -11.43 7.10
N SER A 528 2.49 -11.14 8.02
CA SER A 528 1.96 -9.80 8.21
C SER A 528 3.01 -8.93 8.89
N LEU A 529 3.22 -7.72 8.38
CA LEU A 529 4.12 -6.74 8.99
C LEU A 529 3.56 -6.22 10.32
N ASP A 530 2.24 -6.08 10.41
CA ASP A 530 1.54 -5.77 11.67
C ASP A 530 1.81 -6.81 12.76
N LYS A 531 1.82 -8.08 12.40
CA LYS A 531 2.16 -9.16 13.33
C LYS A 531 3.62 -9.05 13.86
N ILE A 532 4.54 -8.60 13.01
CA ILE A 532 5.96 -8.42 13.38
C ILE A 532 6.13 -7.28 14.39
N ILE A 533 5.40 -6.19 14.16
CA ILE A 533 5.39 -5.04 15.05
C ILE A 533 4.81 -5.43 16.42
N VAL A 534 3.67 -6.13 16.40
CA VAL A 534 3.01 -6.60 17.63
C VAL A 534 3.96 -7.46 18.46
N ASP A 535 4.60 -8.44 17.83
CA ASP A 535 5.56 -9.30 18.53
C ASP A 535 6.79 -8.54 19.01
N TYR A 536 7.23 -7.55 18.23
CA TYR A 536 8.37 -6.71 18.62
C TYR A 536 8.14 -5.97 19.94
N ASN A 537 6.94 -5.43 20.13
CA ASN A 537 6.60 -4.70 21.37
C ASN A 537 6.57 -5.60 22.61
N LEU A 538 6.21 -6.87 22.43
CA LEU A 538 6.16 -7.85 23.52
C LEU A 538 7.50 -8.46 23.90
N GLN A 539 8.54 -8.29 23.07
CA GLN A 539 9.87 -8.88 23.31
C GLN A 539 10.51 -8.40 24.61
N SER A 540 11.12 -9.34 25.34
CA SER A 540 12.00 -9.01 26.48
C SER A 540 13.38 -8.63 25.93
N LYS A 541 13.99 -7.64 26.56
CA LYS A 541 15.20 -6.99 26.02
C LYS A 541 16.51 -7.81 26.19
N ILE A 542 16.71 -8.79 25.30
CA ILE A 542 17.93 -9.62 25.27
C ILE A 542 19.17 -8.78 24.89
N THR A 543 20.30 -9.07 25.54
CA THR A 543 21.51 -8.23 25.44
C THR A 543 22.70 -9.00 24.87
N LEU A 544 23.40 -8.38 23.93
CA LEU A 544 24.51 -9.01 23.24
C LEU A 544 25.80 -8.94 24.05
N PRO A 545 26.75 -9.86 23.80
CA PRO A 545 28.05 -9.80 24.46
C PRO A 545 28.97 -8.73 23.89
N ASN A 546 30.04 -8.44 24.64
CA ASN A 546 31.08 -7.50 24.20
C ASN A 546 31.66 -8.01 22.89
N ASP A 547 31.82 -7.14 21.91
CA ASP A 547 32.15 -7.57 20.55
C ASP A 547 33.63 -7.41 20.16
N ARG A 548 34.50 -7.17 21.13
CA ARG A 548 35.96 -7.24 20.90
C ARG A 548 36.42 -8.69 20.93
N THR A 549 37.40 -9.03 20.10
CA THR A 549 37.91 -10.41 20.04
C THR A 549 39.41 -10.48 19.67
N THR A 550 39.94 -11.69 19.63
CA THR A 550 41.34 -11.96 19.30
C THR A 550 41.67 -11.56 17.86
N PRO A 551 42.95 -11.22 17.55
CA PRO A 551 43.32 -10.81 16.18
C PRO A 551 42.98 -11.83 15.08
N VAL A 552 42.63 -11.33 13.90
CA VAL A 552 42.20 -12.14 12.77
C VAL A 552 43.36 -12.36 11.81
N THR A 553 43.65 -13.62 11.49
CA THR A 553 44.72 -14.01 10.57
C THR A 553 44.36 -15.05 9.49
N LYS A 554 43.22 -15.74 9.61
CA LYS A 554 42.95 -16.92 8.77
C LYS A 554 42.44 -16.61 7.35
N GLY A 555 41.56 -15.61 7.21
CA GLY A 555 40.96 -15.28 5.91
C GLY A 555 41.93 -14.90 4.79
N ILE A 556 41.39 -14.67 3.59
CA ILE A 556 42.19 -14.36 2.41
C ILE A 556 41.72 -13.00 1.85
N PRO A 557 42.63 -12.03 1.68
CA PRO A 557 42.22 -10.67 1.34
C PRO A 557 41.92 -10.46 -0.15
N TYR A 558 40.92 -11.18 -0.66
CA TYR A 558 40.53 -11.15 -2.07
C TYR A 558 39.03 -10.92 -2.19
N ALA A 559 38.66 -9.77 -2.77
CA ALA A 559 37.29 -9.51 -3.17
C ALA A 559 37.08 -10.10 -4.56
N PRO A 560 35.85 -10.59 -4.85
CA PRO A 560 35.55 -10.99 -6.23
C PRO A 560 35.69 -9.82 -7.21
N GLU A 561 36.25 -10.13 -8.38
CA GLU A 561 36.50 -9.13 -9.41
C GLU A 561 35.22 -8.42 -9.82
N TYR A 562 35.27 -7.10 -9.90
CA TYR A 562 34.15 -6.31 -10.40
C TYR A 562 33.87 -6.64 -11.88
N LYS A 563 32.61 -6.91 -12.20
CA LYS A 563 32.18 -7.22 -13.58
C LYS A 563 31.70 -5.95 -14.26
N SER A 564 32.46 -5.48 -15.24
CA SER A 564 32.15 -4.22 -15.93
C SER A 564 30.90 -4.32 -16.78
N ASN A 565 30.17 -3.21 -16.86
CA ASN A 565 29.01 -3.07 -17.74
C ASN A 565 29.34 -2.21 -18.97
N ALA A 566 30.63 -1.88 -19.17
CA ALA A 566 31.04 -1.00 -20.27
C ALA A 566 30.92 -1.67 -21.64
N ALA A 567 30.46 -0.91 -22.62
CA ALA A 567 30.38 -1.34 -24.02
C ALA A 567 31.03 -0.28 -24.91
N SER A 568 31.66 -0.74 -25.99
CA SER A 568 32.30 0.17 -26.95
C SER A 568 31.30 0.72 -27.96
N THR A 569 30.38 -0.12 -28.43
CA THR A 569 29.42 0.28 -29.48
C THR A 569 27.96 0.00 -29.11
N ILE A 570 27.09 0.56 -29.93
CA ILE A 570 25.65 0.35 -29.89
C ILE A 570 25.35 -0.82 -30.82
N GLU A 571 24.41 -1.69 -30.44
CA GLU A 571 23.84 -2.68 -31.37
C GLU A 571 22.96 -1.93 -32.36
N ILE A 572 23.21 -2.10 -33.65
CA ILE A 572 22.39 -1.45 -34.69
C ILE A 572 21.70 -2.53 -35.53
N HIS A 573 20.41 -2.30 -35.80
CA HIS A 573 19.58 -3.22 -36.56
C HIS A 573 19.10 -2.50 -37.82
N ASN A 574 19.41 -3.06 -38.99
CA ASN A 574 18.91 -2.54 -40.27
C ASN A 574 17.66 -3.32 -40.64
N ILE A 575 16.55 -2.62 -40.91
CA ILE A 575 15.24 -3.27 -41.13
C ILE A 575 14.47 -2.76 -42.34
N ASP A 576 13.60 -3.63 -42.88
CA ASP A 576 12.83 -3.36 -44.09
C ASP A 576 11.58 -2.57 -43.77
N ASP A 577 10.78 -3.10 -42.84
CA ASP A 577 9.42 -2.58 -42.57
C ASP A 577 9.38 -1.55 -41.44
N ASN A 578 8.22 -0.90 -41.29
CA ASN A 578 7.94 0.02 -40.18
C ASN A 578 7.47 -0.77 -38.93
N THR A 579 8.20 -0.62 -37.82
CA THR A 579 7.77 -1.13 -36.51
C THR A 579 7.08 -0.03 -35.70
N ILE A 580 6.58 -0.39 -34.52
CA ILE A 580 5.93 0.55 -33.58
C ILE A 580 6.74 1.85 -33.29
N TYR A 581 8.06 1.72 -33.23
CA TYR A 581 8.94 2.83 -32.84
C TYR A 581 9.01 3.94 -33.90
N GLN A 582 8.96 3.57 -35.18
CA GLN A 582 8.82 4.54 -36.27
C GLN A 582 7.48 5.29 -36.18
N TYR A 583 6.40 4.53 -35.95
CA TYR A 583 5.04 5.11 -35.77
C TYR A 583 4.98 6.16 -34.65
N LEU A 584 5.70 5.91 -33.55
CA LEU A 584 5.79 6.87 -32.44
C LEU A 584 6.75 8.03 -32.74
N TYR A 585 7.89 7.73 -33.37
CA TYR A 585 8.83 8.78 -33.81
C TYR A 585 8.17 9.75 -34.79
N ALA A 586 7.26 9.23 -35.62
CA ALA A 586 6.50 10.04 -36.57
C ALA A 586 5.55 11.04 -35.93
N GLN A 587 5.17 10.81 -34.66
CA GLN A 587 4.29 11.72 -33.93
C GLN A 587 5.02 12.87 -33.22
N LYS A 588 6.36 12.85 -33.22
CA LYS A 588 7.16 13.88 -32.53
C LYS A 588 7.07 15.24 -33.20
N SER A 589 6.72 16.29 -32.45
CA SER A 589 6.70 17.66 -32.95
C SER A 589 8.13 18.21 -33.10
N PRO A 590 8.37 19.12 -34.08
CA PRO A 590 9.68 19.79 -34.17
C PRO A 590 9.90 20.80 -33.06
N THR A 591 11.12 20.80 -32.50
CA THR A 591 11.47 21.67 -31.37
C THR A 591 11.77 23.10 -31.86
N THR A 592 10.75 23.74 -32.44
CA THR A 592 10.90 25.05 -33.09
C THR A 592 9.54 25.65 -33.43
N LEU A 593 9.37 26.95 -33.16
CA LEU A 593 8.09 27.63 -33.40
C LEU A 593 7.86 27.93 -34.88
N GLN A 594 7.36 26.93 -35.61
CA GLN A 594 7.17 26.99 -37.08
C GLN A 594 5.81 26.38 -37.43
N ARG A 595 5.27 26.72 -38.60
CA ARG A 595 4.03 26.10 -39.11
C ARG A 595 4.09 24.56 -39.11
N ILE A 596 3.05 23.90 -38.61
CA ILE A 596 2.98 22.44 -38.49
C ILE A 596 1.62 21.93 -38.99
N THR A 597 1.60 20.71 -39.51
CA THR A 597 0.37 20.05 -39.97
C THR A 597 0.35 18.56 -39.60
N MET A 598 -0.85 17.97 -39.62
CA MET A 598 -1.04 16.55 -39.32
C MET A 598 -1.47 15.76 -40.56
N THR A 599 -0.86 14.60 -40.80
CA THR A 599 -1.23 13.71 -41.91
C THR A 599 -1.45 12.28 -41.44
N ASN A 600 -2.31 11.56 -42.16
CA ASN A 600 -2.56 10.13 -41.88
C ASN A 600 -1.50 9.18 -42.47
N SER A 601 -0.52 9.71 -43.20
CA SER A 601 0.60 8.91 -43.71
C SER A 601 1.77 8.97 -42.74
N VAL A 602 2.19 7.80 -42.26
CA VAL A 602 3.36 7.68 -41.37
C VAL A 602 4.68 8.07 -42.05
N ASP A 603 4.81 7.76 -43.34
CA ASP A 603 6.05 8.04 -44.08
C ASP A 603 6.22 9.53 -44.40
N ASP A 604 5.11 10.21 -44.69
CA ASP A 604 5.11 11.68 -44.85
C ASP A 604 5.69 12.36 -43.61
N ALA A 605 5.15 12.01 -42.45
CA ALA A 605 5.55 12.63 -41.18
C ALA A 605 7.00 12.34 -40.76
N LEU A 606 7.51 11.18 -41.12
CA LEU A 606 8.91 10.82 -40.85
C LEU A 606 9.88 11.70 -41.64
N ILE A 607 9.64 11.80 -42.95
CA ILE A 607 10.54 12.51 -43.88
C ILE A 607 10.43 14.04 -43.71
N ASN A 608 9.20 14.54 -43.75
CA ASN A 608 8.94 15.98 -43.66
C ASN A 608 9.02 16.46 -42.22
N SER A 609 9.90 17.43 -41.96
CA SER A 609 10.09 18.00 -40.63
C SER A 609 8.79 18.54 -40.03
N THR A 610 8.12 19.42 -40.77
CA THR A 610 6.92 20.11 -40.27
C THR A 610 5.68 19.22 -40.06
N LYS A 611 5.66 18.03 -40.65
CA LYS A 611 4.46 17.18 -40.64
C LYS A 611 4.52 16.10 -39.53
N ILE A 612 3.35 15.81 -38.96
CA ILE A 612 3.18 14.92 -37.80
C ILE A 612 2.14 13.83 -38.11
N TYR A 613 2.41 12.61 -37.65
CA TYR A 613 1.48 11.49 -37.83
C TYR A 613 0.32 11.57 -36.84
N SER A 614 -0.86 11.17 -37.30
CA SER A 614 -2.06 11.11 -36.45
C SER A 614 -3.01 10.01 -36.90
N TYR A 615 -3.90 9.62 -35.98
CA TYR A 615 -4.88 8.54 -36.18
C TYR A 615 -6.28 9.02 -35.84
N PHE A 616 -6.48 10.35 -35.82
CA PHE A 616 -7.77 10.99 -35.55
C PHE A 616 -8.16 11.79 -36.80
N PRO A 617 -8.97 11.19 -37.71
CA PRO A 617 -9.34 11.88 -38.97
C PRO A 617 -10.08 13.23 -38.81
N SER A 618 -11.07 13.28 -37.91
CA SER A 618 -11.84 14.51 -37.65
C SER A 618 -10.99 15.66 -37.11
N VAL A 619 -9.91 15.32 -36.40
CA VAL A 619 -8.99 16.33 -35.87
C VAL A 619 -8.02 16.81 -36.96
N ILE A 620 -7.60 15.90 -37.86
CA ILE A 620 -6.72 16.28 -38.98
C ILE A 620 -7.37 17.32 -39.91
N SER A 621 -8.64 17.09 -40.25
CA SER A 621 -9.42 18.02 -41.10
C SER A 621 -9.35 19.46 -40.59
N LYS A 622 -9.62 19.64 -39.31
CA LYS A 622 -9.81 20.96 -38.72
C LYS A 622 -8.50 21.71 -38.50
N VAL A 623 -7.49 21.06 -37.92
CA VAL A 623 -6.20 21.73 -37.61
C VAL A 623 -5.43 22.22 -38.85
N ASN A 624 -5.55 21.51 -39.96
CA ASN A 624 -4.93 21.92 -41.23
C ASN A 624 -5.63 23.15 -41.84
N GLN A 625 -6.95 23.25 -41.65
CA GLN A 625 -7.74 24.40 -42.07
C GLN A 625 -7.39 25.66 -41.26
N GLY A 626 -6.84 26.67 -41.92
CA GLY A 626 -6.62 27.99 -41.32
C GLY A 626 -7.91 28.78 -41.31
N ALA A 627 -8.45 29.04 -40.11
CA ALA A 627 -9.70 29.79 -39.95
C ALA A 627 -9.52 31.26 -40.36
N GLN A 628 -10.17 31.65 -41.46
CA GLN A 628 -10.11 33.02 -41.99
C GLN A 628 -11.43 33.74 -41.76
N GLY A 629 -11.37 34.93 -41.17
CA GLY A 629 -12.54 35.79 -41.00
C GLY A 629 -13.60 35.31 -40.02
N ILE A 630 -13.24 34.36 -39.15
CA ILE A 630 -14.15 33.86 -38.11
C ILE A 630 -13.49 33.97 -36.75
N LEU A 631 -14.31 34.11 -35.71
CA LEU A 631 -13.83 34.25 -34.34
C LEU A 631 -13.27 32.90 -33.86
N PHE A 632 -12.32 32.96 -32.93
CA PHE A 632 -11.67 31.75 -32.40
C PHE A 632 -12.60 30.85 -31.58
N LEU A 633 -13.67 31.41 -31.00
CA LEU A 633 -14.66 30.65 -30.22
C LEU A 633 -15.01 29.31 -30.86
N GLN A 634 -15.55 29.35 -32.09
CA GLN A 634 -15.93 28.13 -32.81
C GLN A 634 -14.73 27.38 -33.37
N TRP A 635 -13.70 28.11 -33.80
CA TRP A 635 -12.46 27.51 -34.34
C TRP A 635 -11.79 26.57 -33.32
N VAL A 636 -11.50 27.10 -32.14
CA VAL A 636 -10.79 26.36 -31.10
C VAL A 636 -11.69 25.30 -30.47
N ARG A 637 -12.92 25.66 -30.14
CA ARG A 637 -13.90 24.70 -29.59
C ARG A 637 -14.03 23.46 -30.48
N ASP A 638 -14.09 23.65 -31.79
CA ASP A 638 -14.19 22.54 -32.75
C ASP A 638 -12.92 21.66 -32.83
N ILE A 639 -11.76 22.20 -32.45
CA ILE A 639 -10.55 21.36 -32.27
C ILE A 639 -10.74 20.45 -31.05
N ILE A 640 -11.28 21.00 -29.97
CA ILE A 640 -11.40 20.30 -28.69
C ILE A 640 -12.49 19.22 -28.74
N ASP A 641 -13.73 19.60 -29.00
CA ASP A 641 -14.84 18.63 -28.97
C ASP A 641 -14.85 17.61 -30.14
N ASP A 642 -13.95 17.77 -31.11
CA ASP A 642 -13.62 16.69 -32.07
C ASP A 642 -12.64 15.68 -31.45
N PHE A 643 -11.57 16.19 -30.82
CA PHE A 643 -10.60 15.35 -30.09
C PHE A 643 -11.30 14.54 -29.00
N THR A 644 -12.25 15.17 -28.30
CA THR A 644 -13.10 14.50 -27.32
C THR A 644 -13.84 13.31 -27.94
N ASN A 645 -14.59 13.56 -29.01
CA ASN A 645 -15.40 12.53 -29.68
C ASN A 645 -14.53 11.41 -30.26
N GLU A 646 -13.35 11.76 -30.77
CA GLU A 646 -12.41 10.78 -31.32
C GLU A 646 -11.73 9.93 -30.23
N SER A 647 -11.23 10.60 -29.19
CA SER A 647 -10.47 9.94 -28.11
C SER A 647 -11.34 9.12 -27.14
N SER A 648 -12.62 9.47 -27.02
CA SER A 648 -13.53 8.81 -26.07
C SER A 648 -14.18 7.53 -26.59
N GLN A 649 -13.86 7.10 -27.81
CA GLN A 649 -14.49 5.92 -28.43
C GLN A 649 -14.31 4.66 -27.58
N LYS A 650 -15.43 4.00 -27.32
CA LYS A 650 -15.48 2.71 -26.63
C LYS A 650 -16.38 1.78 -27.41
N THR A 651 -16.17 0.49 -27.24
CA THR A 651 -17.06 -0.54 -27.80
C THR A 651 -16.77 -1.88 -27.14
N THR A 652 -17.61 -2.87 -27.40
CA THR A 652 -17.38 -4.23 -26.90
C THR A 652 -17.52 -5.20 -28.05
N ILE A 653 -16.93 -6.38 -27.86
CA ILE A 653 -17.01 -7.47 -28.83
C ILE A 653 -17.78 -8.61 -28.16
N ASP A 654 -18.96 -8.90 -28.72
CA ASP A 654 -19.92 -9.86 -28.15
C ASP A 654 -19.28 -11.22 -27.84
N LYS A 655 -18.41 -11.66 -28.74
CA LYS A 655 -17.66 -12.91 -28.62
C LYS A 655 -16.69 -12.95 -27.42
N ILE A 656 -16.19 -11.79 -27.00
CA ILE A 656 -15.29 -11.69 -25.84
C ILE A 656 -16.03 -11.08 -24.65
N SER A 657 -16.56 -11.93 -23.78
CA SER A 657 -17.34 -11.50 -22.60
C SER A 657 -16.52 -10.72 -21.57
N ASP A 658 -15.26 -11.13 -21.40
CA ASP A 658 -14.39 -10.66 -20.31
C ASP A 658 -13.98 -9.20 -20.38
N VAL A 659 -13.92 -8.63 -21.58
CA VAL A 659 -13.36 -7.32 -21.77
C VAL A 659 -14.48 -6.29 -21.92
N SER A 660 -14.68 -5.49 -20.88
CA SER A 660 -15.79 -4.54 -20.85
C SER A 660 -15.59 -3.32 -21.75
N THR A 661 -14.33 -3.02 -22.09
CA THR A 661 -13.97 -1.79 -22.79
C THR A 661 -12.91 -2.05 -23.86
N ILE A 662 -13.24 -1.73 -25.12
CA ILE A 662 -12.30 -1.80 -26.27
C ILE A 662 -12.14 -0.40 -26.87
N VAL A 663 -10.88 -0.01 -27.11
CA VAL A 663 -10.57 1.28 -27.72
C VAL A 663 -10.05 0.99 -29.14
N PRO A 664 -10.86 1.29 -30.19
CA PRO A 664 -10.52 0.86 -31.56
C PRO A 664 -9.25 1.46 -32.18
N TYR A 665 -8.86 2.67 -31.77
CA TYR A 665 -7.73 3.38 -32.40
C TYR A 665 -6.32 2.97 -31.89
N ILE A 666 -6.23 1.81 -31.23
CA ILE A 666 -4.94 1.25 -30.80
C ILE A 666 -4.10 0.84 -32.02
N GLY A 667 -4.73 0.11 -32.94
CA GLY A 667 -4.06 -0.44 -34.13
C GLY A 667 -3.34 0.59 -34.98
N PRO A 668 -4.05 1.64 -35.44
CA PRO A 668 -3.46 2.73 -36.25
C PRO A 668 -2.35 3.53 -35.56
N ALA A 669 -2.47 3.71 -34.24
CA ALA A 669 -1.46 4.42 -33.46
C ALA A 669 -0.16 3.64 -33.23
N LEU A 670 -0.25 2.29 -33.16
CA LEU A 670 0.90 1.44 -32.85
C LEU A 670 1.24 0.41 -33.93
N ASN A 671 0.61 0.52 -35.10
CA ASN A 671 0.79 -0.44 -36.19
C ASN A 671 0.51 -1.89 -35.74
N ILE A 672 -0.61 -2.07 -35.05
CA ILE A 672 -1.08 -3.40 -34.68
C ILE A 672 -2.22 -3.74 -35.64
N VAL A 673 -1.87 -4.46 -36.70
CA VAL A 673 -2.82 -4.76 -37.78
C VAL A 673 -2.54 -6.13 -38.38
N LYS A 674 -3.59 -6.78 -38.89
CA LYS A 674 -3.53 -8.13 -39.45
C LYS A 674 -3.64 -8.08 -40.99
N GLN A 675 -2.93 -8.97 -41.67
CA GLN A 675 -2.95 -9.05 -43.15
C GLN A 675 -4.37 -9.06 -43.74
N GLY A 676 -4.65 -8.10 -44.62
CA GLY A 676 -5.98 -7.92 -45.20
C GLY A 676 -7.01 -7.38 -44.22
N TYR A 677 -6.60 -6.42 -43.38
CA TYR A 677 -7.51 -5.72 -42.45
C TYR A 677 -7.07 -4.25 -42.27
N GLU A 678 -6.95 -3.53 -43.40
CA GLU A 678 -6.60 -2.11 -43.38
C GLU A 678 -7.75 -1.29 -42.79
N GLY A 679 -7.45 -0.53 -41.75
CA GLY A 679 -8.46 0.27 -41.06
C GLY A 679 -9.60 -0.53 -40.45
N ASN A 680 -9.33 -1.79 -40.14
CA ASN A 680 -10.34 -2.68 -39.54
C ASN A 680 -9.70 -3.45 -38.39
N PHE A 681 -9.57 -2.76 -37.26
CA PHE A 681 -9.00 -3.33 -36.05
C PHE A 681 -10.01 -4.24 -35.33
N ILE A 682 -11.27 -3.83 -35.31
CA ILE A 682 -12.32 -4.58 -34.58
C ILE A 682 -12.56 -5.92 -35.26
N GLY A 683 -12.51 -5.94 -36.59
CA GLY A 683 -12.59 -7.18 -37.36
C GLY A 683 -11.46 -8.14 -37.05
N ALA A 684 -10.25 -7.60 -36.89
CA ALA A 684 -9.08 -8.40 -36.52
C ALA A 684 -9.21 -9.03 -35.13
N LEU A 685 -9.76 -8.27 -34.18
CA LEU A 685 -9.98 -8.79 -32.81
C LEU A 685 -11.02 -9.91 -32.74
N GLU A 686 -12.13 -9.76 -33.48
CA GLU A 686 -13.19 -10.78 -33.53
C GLU A 686 -12.69 -12.17 -33.96
N THR A 687 -11.76 -12.20 -34.92
CA THR A 687 -11.27 -13.46 -35.50
C THR A 687 -10.10 -14.06 -34.69
N THR A 688 -9.11 -13.26 -34.34
CA THR A 688 -7.90 -13.75 -33.62
C THR A 688 -8.01 -13.74 -32.09
N GLY A 689 -8.73 -12.78 -31.52
CA GLY A 689 -8.84 -12.62 -30.06
C GLY A 689 -7.80 -11.65 -29.51
N VAL A 690 -7.69 -11.57 -28.19
CA VAL A 690 -6.77 -10.60 -27.54
C VAL A 690 -5.28 -10.80 -27.83
N VAL A 691 -4.89 -12.03 -28.20
CA VAL A 691 -3.51 -12.34 -28.59
C VAL A 691 -2.97 -11.49 -29.76
N LEU A 692 -3.86 -10.91 -30.57
CA LEU A 692 -3.45 -9.93 -31.59
C LEU A 692 -2.59 -8.79 -31.03
N LEU A 693 -2.91 -8.35 -29.81
CA LEU A 693 -2.22 -7.23 -29.15
C LEU A 693 -0.77 -7.52 -28.75
N LEU A 694 -0.43 -8.79 -28.54
CA LEU A 694 0.93 -9.19 -28.15
C LEU A 694 1.91 -9.16 -29.32
N GLU A 695 3.06 -8.50 -29.13
CA GLU A 695 4.12 -8.51 -30.14
C GLU A 695 4.78 -9.89 -30.21
N TYR A 696 5.03 -10.53 -29.05
CA TYR A 696 5.52 -11.91 -28.99
C TYR A 696 4.37 -12.84 -28.62
N ILE A 697 4.13 -13.84 -29.48
CA ILE A 697 3.06 -14.81 -29.30
C ILE A 697 3.62 -16.02 -28.55
N PRO A 698 3.13 -16.27 -27.32
CA PRO A 698 3.74 -17.29 -26.47
C PRO A 698 3.23 -18.69 -26.76
N GLU A 699 4.02 -19.68 -26.36
CA GLU A 699 3.67 -21.08 -26.51
C GLU A 699 3.01 -21.48 -25.19
N ILE A 700 1.72 -21.75 -25.24
CA ILE A 700 0.91 -21.94 -24.02
C ILE A 700 0.49 -23.39 -23.73
N THR A 701 1.12 -24.36 -24.41
CA THR A 701 0.86 -25.78 -24.18
C THR A 701 1.51 -26.22 -22.87
N LEU A 702 0.97 -27.27 -22.26
CA LEU A 702 1.62 -27.96 -21.15
C LEU A 702 1.87 -29.41 -21.51
N PRO A 703 3.01 -29.98 -21.06
CA PRO A 703 3.23 -31.41 -21.25
C PRO A 703 2.38 -32.28 -20.32
N VAL A 704 2.52 -33.60 -20.46
CA VAL A 704 1.76 -34.56 -19.68
C VAL A 704 2.17 -34.49 -18.20
N ILE A 705 1.19 -34.32 -17.33
CA ILE A 705 1.42 -34.31 -15.89
C ILE A 705 1.45 -35.77 -15.43
N ALA A 706 2.64 -36.23 -15.00
CA ALA A 706 2.82 -37.62 -14.58
C ALA A 706 1.89 -37.98 -13.42
N ALA A 707 1.10 -39.03 -13.60
CA ALA A 707 0.15 -39.48 -12.58
C ALA A 707 0.89 -39.95 -11.33
N LEU A 708 0.22 -39.83 -10.19
CA LEU A 708 0.80 -40.22 -8.90
C LEU A 708 0.93 -41.74 -8.81
N SER A 709 1.92 -42.18 -8.03
CA SER A 709 2.16 -43.60 -7.76
C SER A 709 2.14 -43.86 -6.25
N ILE A 710 1.77 -45.09 -5.87
CA ILE A 710 1.70 -45.50 -4.47
C ILE A 710 2.72 -46.61 -4.20
N ALA A 711 3.65 -46.36 -3.29
CA ALA A 711 4.73 -47.31 -2.95
C ALA A 711 4.58 -48.01 -1.60
N GLU A 712 3.64 -47.56 -0.76
CA GLU A 712 3.42 -48.16 0.56
C GLU A 712 2.56 -49.42 0.45
N SER A 713 3.22 -50.56 0.23
CA SER A 713 2.56 -51.85 0.08
C SER A 713 2.15 -52.49 1.41
N SER A 714 2.96 -52.25 2.45
CA SER A 714 2.76 -52.90 3.75
C SER A 714 1.43 -52.54 4.41
N THR A 715 0.64 -53.58 4.71
CA THR A 715 -0.52 -53.46 5.60
C THR A 715 -0.26 -54.35 6.82
N GLN A 716 0.91 -54.13 7.43
CA GLN A 716 1.29 -54.81 8.68
C GLN A 716 0.49 -54.24 9.83
N LYS A 717 0.30 -52.92 9.83
CA LYS A 717 -0.52 -52.22 10.80
C LYS A 717 -1.93 -51.95 10.24
N GLU A 718 -2.91 -52.05 11.13
CA GLU A 718 -4.31 -51.77 10.81
C GLU A 718 -4.52 -50.26 10.75
N LYS A 719 -5.55 -49.84 10.00
CA LYS A 719 -5.85 -48.43 9.78
C LYS A 719 -4.66 -47.72 9.14
N ILE A 720 -4.23 -48.25 7.99
CA ILE A 720 -3.21 -47.61 7.16
C ILE A 720 -3.92 -46.87 6.01
N ILE A 721 -5.00 -46.18 6.40
CA ILE A 721 -5.89 -45.42 5.53
C ILE A 721 -5.42 -43.97 5.40
N LYS A 722 -4.44 -43.58 6.22
CA LYS A 722 -3.77 -42.28 6.09
C LYS A 722 -3.04 -42.18 4.75
N THR A 723 -2.58 -43.32 4.23
CA THR A 723 -2.03 -43.40 2.88
C THR A 723 -3.05 -43.01 1.80
N ILE A 724 -4.33 -43.28 2.04
CA ILE A 724 -5.41 -42.82 1.16
C ILE A 724 -5.63 -41.30 1.28
N ASP A 725 -5.57 -40.76 2.50
CA ASP A 725 -5.70 -39.29 2.71
C ASP A 725 -4.60 -38.51 1.99
N ASN A 726 -3.35 -38.90 2.24
CA ASN A 726 -2.17 -38.30 1.60
C ASN A 726 -2.32 -38.17 0.10
N PHE A 727 -2.66 -39.28 -0.55
CA PHE A 727 -2.86 -39.35 -2.00
C PHE A 727 -3.87 -38.32 -2.50
N LEU A 728 -4.95 -38.12 -1.76
CA LEU A 728 -6.00 -37.14 -2.12
C LEU A 728 -5.57 -35.69 -1.86
N GLU A 729 -4.79 -35.50 -0.78
CA GLU A 729 -4.20 -34.20 -0.48
C GLU A 729 -3.21 -33.79 -1.58
N LYS A 730 -2.27 -34.69 -1.88
CA LYS A 730 -1.25 -34.46 -2.91
C LYS A 730 -1.83 -34.31 -4.32
N ARG A 731 -3.03 -34.84 -4.54
CA ARG A 731 -3.80 -34.59 -5.77
C ARG A 731 -4.35 -33.16 -5.78
N TYR A 732 -4.86 -32.66 -4.64
CA TYR A 732 -5.29 -31.26 -4.54
C TYR A 732 -4.12 -30.29 -4.76
N GLU A 733 -2.95 -30.62 -4.21
CA GLU A 733 -1.74 -29.81 -4.39
C GLU A 733 -1.29 -29.66 -5.86
N LYS A 734 -1.48 -30.70 -6.68
CA LYS A 734 -1.12 -30.62 -8.12
C LYS A 734 -1.83 -29.50 -8.86
N TRP A 735 -3.13 -29.36 -8.61
CA TRP A 735 -3.94 -28.33 -9.27
C TRP A 735 -3.47 -26.92 -8.92
N ILE A 736 -3.10 -26.73 -7.65
CA ILE A 736 -2.61 -25.42 -7.18
C ILE A 736 -1.20 -25.15 -7.70
N GLU A 737 -0.33 -26.16 -7.68
CA GLU A 737 1.02 -26.04 -8.24
C GLU A 737 1.05 -25.63 -9.72
N VAL A 738 0.24 -26.32 -10.54
CA VAL A 738 0.19 -26.07 -11.99
C VAL A 738 -0.51 -24.75 -12.31
N TYR A 739 -1.57 -24.44 -11.57
CA TYR A 739 -2.23 -23.14 -11.70
C TYR A 739 -1.27 -21.97 -11.45
N LYS A 740 -0.49 -22.08 -10.38
CA LYS A 740 0.46 -21.02 -9.99
C LYS A 740 1.68 -20.94 -10.90
N LEU A 741 2.07 -22.06 -11.49
CA LEU A 741 3.12 -22.06 -12.51
C LEU A 741 2.67 -21.33 -13.77
N VAL A 742 1.41 -21.52 -14.17
CA VAL A 742 0.84 -20.79 -15.30
C VAL A 742 0.79 -19.29 -15.00
N LYS A 743 0.41 -18.94 -13.77
CA LYS A 743 0.35 -17.54 -13.36
C LYS A 743 1.73 -16.86 -13.38
N ALA A 744 2.74 -17.60 -12.94
CA ALA A 744 4.13 -17.13 -12.98
C ALA A 744 4.61 -16.81 -14.39
N LYS A 745 4.35 -17.73 -15.32
CA LYS A 745 4.74 -17.55 -16.71
C LYS A 745 4.02 -16.38 -17.37
N TRP A 746 2.72 -16.25 -17.09
CA TRP A 746 1.91 -15.12 -17.57
C TRP A 746 2.48 -13.75 -17.14
N LEU A 747 2.88 -13.65 -15.87
CA LEU A 747 3.45 -12.41 -15.32
C LEU A 747 4.73 -11.99 -16.03
N GLY A 748 5.64 -12.93 -16.21
CA GLY A 748 6.93 -12.67 -16.85
C GLY A 748 6.92 -12.58 -18.37
N THR A 749 5.91 -13.19 -19.00
CA THR A 749 5.86 -13.38 -20.47
C THR A 749 4.74 -12.63 -21.19
N VAL A 750 3.58 -12.47 -20.55
CA VAL A 750 2.38 -11.93 -21.22
C VAL A 750 1.88 -10.61 -20.64
N ASN A 751 1.75 -10.52 -19.31
CA ASN A 751 1.29 -9.30 -18.65
C ASN A 751 2.23 -8.11 -18.89
N THR A 752 3.54 -8.38 -18.98
CA THR A 752 4.54 -7.34 -19.27
C THR A 752 4.32 -6.67 -20.62
N GLN A 753 3.83 -7.44 -21.59
CA GLN A 753 3.53 -6.92 -22.93
C GLN A 753 2.34 -5.99 -22.88
N PHE A 754 1.27 -6.43 -22.20
CA PHE A 754 0.06 -5.59 -22.00
C PHE A 754 0.35 -4.30 -21.21
N GLN A 755 1.29 -4.35 -20.26
CA GLN A 755 1.71 -3.16 -19.53
C GLN A 755 2.34 -2.11 -20.47
N LYS A 756 3.29 -2.55 -21.31
CA LYS A 756 3.98 -1.65 -22.28
C LYS A 756 3.07 -1.02 -23.33
N ARG A 757 1.96 -1.70 -23.66
CA ARG A 757 0.92 -1.11 -24.53
C ARG A 757 0.33 0.16 -23.95
N SER A 758 0.05 0.14 -22.65
CA SER A 758 -0.42 1.33 -21.94
C SER A 758 0.61 2.46 -22.00
N TYR A 759 1.88 2.17 -21.68
CA TYR A 759 2.95 3.18 -21.75
C TYR A 759 3.09 3.75 -23.15
N GLN A 760 3.00 2.88 -24.15
CA GLN A 760 3.04 3.29 -25.55
C GLN A 760 1.87 4.19 -25.92
N MET A 761 0.66 3.81 -25.50
CA MET A 761 -0.51 4.66 -25.72
C MET A 761 -0.45 6.01 -25.01
N TYR A 762 0.15 6.05 -23.82
CA TYR A 762 0.35 7.31 -23.10
C TYR A 762 1.30 8.23 -23.86
N ARG A 763 2.40 7.70 -24.39
CA ARG A 763 3.36 8.51 -25.18
C ARG A 763 2.69 9.15 -26.40
N SER A 764 1.90 8.34 -27.12
CA SER A 764 1.23 8.82 -28.33
C SER A 764 0.20 9.90 -27.97
N LEU A 765 -0.61 9.67 -26.94
CA LEU A 765 -1.56 10.69 -26.47
C LEU A 765 -0.87 11.98 -26.00
N GLU A 766 0.33 11.86 -25.42
CA GLU A 766 1.15 13.04 -25.10
C GLU A 766 1.58 13.77 -26.37
N TYR A 767 2.18 13.03 -27.30
CA TYR A 767 2.61 13.59 -28.59
C TYR A 767 1.48 14.30 -29.34
N GLN A 768 0.30 13.65 -29.42
CA GLN A 768 -0.86 14.20 -30.12
C GLN A 768 -1.33 15.49 -29.47
N VAL A 769 -1.53 15.46 -28.15
CA VAL A 769 -1.90 16.66 -27.37
C VAL A 769 -0.87 17.78 -27.53
N ASP A 770 0.43 17.45 -27.45
CA ASP A 770 1.50 18.45 -27.59
C ASP A 770 1.51 19.11 -28.98
N ALA A 771 1.29 18.31 -30.04
CA ALA A 771 1.17 18.84 -31.40
C ALA A 771 0.07 19.90 -31.50
N ILE A 772 -1.13 19.56 -31.00
CA ILE A 772 -2.29 20.46 -31.03
C ILE A 772 -2.05 21.76 -30.26
N LYS A 773 -1.48 21.65 -29.05
CA LYS A 773 -1.14 22.83 -28.24
C LYS A 773 -0.09 23.73 -28.91
N LYS A 774 0.71 23.17 -29.80
CA LYS A 774 1.64 23.97 -30.62
C LYS A 774 0.99 24.49 -31.90
N ILE A 775 0.11 23.70 -32.54
CA ILE A 775 -0.69 24.17 -33.69
C ILE A 775 -1.46 25.44 -33.33
N ILE A 776 -2.19 25.38 -32.22
CA ILE A 776 -3.07 26.48 -31.79
C ILE A 776 -2.33 27.79 -31.45
N ASP A 777 -1.07 27.72 -31.05
CA ASP A 777 -0.29 28.91 -30.71
C ASP A 777 0.19 29.74 -31.91
N TYR A 778 0.45 29.10 -33.05
CA TYR A 778 0.90 29.82 -34.25
C TYR A 778 -0.23 30.63 -34.85
N GLU A 779 -1.42 30.05 -34.92
CA GLU A 779 -2.61 30.76 -35.43
C GLU A 779 -3.08 31.86 -34.48
N TYR A 780 -2.71 31.77 -33.19
CA TYR A 780 -2.94 32.85 -32.23
C TYR A 780 -1.98 34.04 -32.41
N LYS A 781 -0.70 33.74 -32.68
CA LYS A 781 0.30 34.81 -32.94
C LYS A 781 0.02 35.59 -34.22
N ILE A 782 -0.38 34.89 -35.27
CA ILE A 782 -0.75 35.50 -36.56
C ILE A 782 -2.06 36.30 -36.45
N TYR A 783 -2.97 35.89 -35.58
CA TYR A 783 -4.27 36.57 -35.36
C TYR A 783 -4.08 38.04 -34.98
N SER A 784 -4.63 38.93 -35.80
CA SER A 784 -4.59 40.37 -35.55
C SER A 784 -6.03 40.91 -35.55
N GLY A 785 -6.72 40.69 -34.43
CA GLY A 785 -8.11 41.09 -34.25
C GLY A 785 -8.30 41.90 -32.97
N PRO A 786 -9.40 42.68 -32.89
CA PRO A 786 -9.63 43.58 -31.74
C PRO A 786 -9.89 42.87 -30.40
N ASP A 787 -10.58 41.73 -30.45
CA ASP A 787 -10.88 40.94 -29.24
C ASP A 787 -9.67 40.20 -28.62
N LYS A 788 -8.58 40.06 -29.37
CA LYS A 788 -7.40 39.26 -28.99
C LYS A 788 -6.97 39.30 -27.51
N GLU A 789 -6.85 40.51 -26.96
CA GLU A 789 -6.36 40.71 -25.60
C GLU A 789 -7.31 40.15 -24.52
N GLN A 790 -8.62 40.23 -24.76
CA GLN A 790 -9.62 39.76 -23.81
C GLN A 790 -9.73 38.23 -23.80
N ILE A 791 -9.74 37.61 -24.98
CA ILE A 791 -9.97 36.16 -25.12
C ILE A 791 -8.80 35.24 -24.73
N ALA A 792 -7.64 35.81 -24.41
CA ALA A 792 -6.41 35.03 -24.11
C ALA A 792 -6.58 33.96 -23.02
N ASP A 793 -7.25 34.29 -21.92
CA ASP A 793 -7.47 33.35 -20.83
C ASP A 793 -8.37 32.15 -21.20
N GLU A 794 -9.36 32.40 -22.06
CA GLU A 794 -10.26 31.34 -22.56
C GLU A 794 -9.60 30.40 -23.55
N ILE A 795 -8.55 30.87 -24.23
CA ILE A 795 -7.73 30.02 -25.11
C ILE A 795 -6.91 29.04 -24.27
N ASN A 796 -6.18 29.58 -23.29
CA ASN A 796 -5.39 28.76 -22.35
C ASN A 796 -6.27 27.87 -21.46
N ASN A 797 -7.53 28.27 -21.27
CA ASN A 797 -8.52 27.46 -20.56
C ASN A 797 -8.86 26.16 -21.31
N LEU A 798 -8.95 26.25 -22.64
CA LEU A 798 -9.28 25.08 -23.48
C LEU A 798 -8.07 24.19 -23.84
N LYS A 799 -6.84 24.64 -23.56
CA LYS A 799 -5.65 23.78 -23.69
C LYS A 799 -5.49 22.82 -22.50
N ASN A 800 -5.93 23.26 -21.31
CA ASN A 800 -6.03 22.36 -20.14
C ASN A 800 -7.16 21.33 -20.31
N LYS A 801 -8.21 21.71 -21.04
CA LYS A 801 -9.31 20.81 -21.38
C LYS A 801 -8.88 19.62 -22.26
N LEU A 802 -7.79 19.77 -23.02
CA LEU A 802 -7.21 18.64 -23.77
C LEU A 802 -6.68 17.58 -22.83
N GLU A 803 -5.77 17.98 -21.94
CA GLU A 803 -5.23 17.10 -20.90
C GLU A 803 -6.32 16.32 -20.17
N GLU A 804 -7.43 16.98 -19.88
CA GLU A 804 -8.58 16.38 -19.19
C GLU A 804 -9.19 15.20 -19.95
N LYS A 805 -9.24 15.29 -21.28
CA LYS A 805 -9.83 14.23 -22.12
C LYS A 805 -8.85 13.14 -22.55
N ALA A 806 -7.56 13.47 -22.65
CA ALA A 806 -6.51 12.47 -22.82
C ALA A 806 -6.37 11.58 -21.57
N ASN A 807 -6.60 12.17 -20.39
CA ASN A 807 -6.62 11.42 -19.13
C ASN A 807 -7.81 10.47 -19.06
N LYS A 808 -8.96 10.95 -19.52
CA LYS A 808 -10.18 10.12 -19.62
C LYS A 808 -10.01 8.98 -20.64
N ALA A 809 -9.20 9.22 -21.68
CA ALA A 809 -8.87 8.18 -22.65
C ALA A 809 -7.96 7.10 -22.08
N MET A 810 -6.98 7.50 -21.27
CA MET A 810 -6.07 6.55 -20.60
C MET A 810 -6.79 5.68 -19.57
N ILE A 811 -7.88 6.18 -18.99
CA ILE A 811 -8.73 5.37 -18.11
C ILE A 811 -9.36 4.22 -18.91
N ASN A 812 -9.94 4.55 -20.07
CA ASN A 812 -10.45 3.56 -21.01
C ASN A 812 -9.37 2.57 -21.46
N ILE A 813 -8.22 3.09 -21.86
CA ILE A 813 -7.10 2.26 -22.37
C ILE A 813 -6.57 1.28 -21.31
N ASN A 814 -6.31 1.78 -20.10
CA ASN A 814 -5.85 0.92 -18.99
C ASN A 814 -6.88 -0.14 -18.60
N ILE A 815 -8.16 0.19 -18.62
CA ILE A 815 -9.21 -0.82 -18.42
C ILE A 815 -9.08 -1.90 -19.50
N PHE A 816 -8.93 -1.46 -20.74
CA PHE A 816 -8.81 -2.35 -21.91
C PHE A 816 -7.62 -3.31 -21.77
N MET A 817 -6.41 -2.78 -21.56
CA MET A 817 -5.21 -3.64 -21.46
C MET A 817 -5.21 -4.53 -20.21
N ARG A 818 -5.68 -4.00 -19.09
CA ARG A 818 -5.80 -4.75 -17.83
C ARG A 818 -6.76 -5.95 -17.94
N GLU A 819 -7.96 -5.70 -18.48
CA GLU A 819 -8.97 -6.77 -18.63
C GLU A 819 -8.61 -7.78 -19.71
N SER A 820 -7.95 -7.33 -20.77
CA SER A 820 -7.51 -8.22 -21.85
C SER A 820 -6.45 -9.20 -21.35
N SER A 821 -5.43 -8.67 -20.68
CA SER A 821 -4.41 -9.51 -20.02
C SER A 821 -5.01 -10.58 -19.11
N ARG A 822 -6.00 -10.18 -18.32
CA ARG A 822 -6.72 -11.10 -17.43
C ARG A 822 -7.43 -12.19 -18.23
N SER A 823 -8.13 -11.76 -19.28
CA SER A 823 -8.90 -12.66 -20.15
C SER A 823 -8.03 -13.76 -20.73
N PHE A 824 -6.84 -13.36 -21.23
CA PHE A 824 -5.90 -14.31 -21.81
C PHE A 824 -5.37 -15.35 -20.82
N LEU A 825 -5.20 -14.95 -19.55
CA LEU A 825 -4.82 -15.88 -18.49
C LEU A 825 -5.96 -16.84 -18.17
N VAL A 826 -7.11 -16.27 -17.84
CA VAL A 826 -8.25 -17.02 -17.29
C VAL A 826 -8.84 -18.00 -18.32
N ASN A 827 -8.89 -17.59 -19.58
CA ASN A 827 -9.38 -18.44 -20.68
C ASN A 827 -8.25 -19.26 -21.35
N GLN A 828 -7.51 -18.65 -22.29
CA GLN A 828 -6.56 -19.37 -23.16
C GLN A 828 -5.57 -20.23 -22.38
N MET A 829 -4.84 -19.60 -21.46
CA MET A 829 -3.72 -20.27 -20.76
C MET A 829 -4.15 -21.31 -19.72
N ILE A 830 -5.22 -21.04 -18.99
CA ILE A 830 -5.65 -21.95 -17.93
C ILE A 830 -6.45 -23.15 -18.47
N ASN A 831 -7.12 -22.99 -19.61
CA ASN A 831 -7.77 -24.12 -20.29
C ASN A 831 -6.76 -25.22 -20.63
N GLU A 832 -5.58 -24.81 -21.10
CA GLU A 832 -4.50 -25.74 -21.42
C GLU A 832 -4.03 -26.48 -20.17
N ALA A 833 -4.08 -25.80 -19.01
CA ALA A 833 -3.81 -26.43 -17.72
C ALA A 833 -4.90 -27.40 -17.32
N LYS A 834 -6.16 -27.00 -17.50
CA LYS A 834 -7.32 -27.84 -17.14
C LYS A 834 -7.39 -29.15 -17.95
N LYS A 835 -7.08 -29.08 -19.25
CA LYS A 835 -7.02 -30.27 -20.13
C LYS A 835 -6.08 -31.35 -19.59
N GLN A 836 -4.87 -30.94 -19.24
CA GLN A 836 -3.86 -31.87 -18.71
C GLN A 836 -4.12 -32.25 -17.24
N LEU A 837 -4.80 -31.40 -16.49
CA LEU A 837 -5.14 -31.69 -15.10
C LEU A 837 -6.29 -32.71 -14.98
N LEU A 838 -7.22 -32.70 -15.93
CA LEU A 838 -8.28 -33.71 -15.98
C LEU A 838 -7.72 -35.07 -16.40
N GLU A 839 -6.89 -35.08 -17.43
CA GLU A 839 -6.15 -36.28 -17.85
C GLU A 839 -5.36 -36.86 -16.67
N PHE A 840 -4.69 -35.98 -15.92
CA PHE A 840 -3.96 -36.35 -14.69
C PHE A 840 -4.86 -37.03 -13.64
N ASP A 841 -6.06 -36.52 -13.46
CA ASP A 841 -7.02 -37.11 -12.52
C ASP A 841 -7.38 -38.53 -12.94
N THR A 842 -8.16 -38.66 -14.02
CA THR A 842 -8.68 -39.97 -14.46
C THR A 842 -7.64 -41.11 -14.41
N GLN A 843 -6.42 -40.80 -14.83
CA GLN A 843 -5.28 -41.74 -14.71
C GLN A 843 -4.99 -42.10 -13.25
N SER A 844 -4.89 -41.08 -12.39
CA SER A 844 -4.57 -41.24 -10.96
C SER A 844 -5.64 -41.94 -10.12
N LYS A 845 -6.90 -41.96 -10.57
CA LYS A 845 -7.94 -42.78 -9.90
C LYS A 845 -7.72 -44.27 -10.14
N ASN A 846 -7.34 -44.61 -11.36
CA ASN A 846 -7.08 -46.02 -11.74
C ASN A 846 -5.81 -46.59 -11.12
N ILE A 847 -4.95 -45.73 -10.57
CA ILE A 847 -3.88 -46.16 -9.67
C ILE A 847 -4.40 -46.30 -8.24
N LEU A 848 -5.21 -45.31 -7.82
CA LEU A 848 -5.78 -45.29 -6.48
C LEU A 848 -6.66 -46.51 -6.20
N MET A 849 -7.59 -46.80 -7.12
CA MET A 849 -8.54 -47.90 -6.94
C MET A 849 -7.99 -49.30 -7.24
N GLN A 850 -6.92 -49.39 -8.04
CA GLN A 850 -6.16 -50.64 -8.15
C GLN A 850 -5.38 -50.97 -6.86
N TYR A 851 -5.04 -49.95 -6.08
CA TYR A 851 -4.42 -50.11 -4.75
C TYR A 851 -5.47 -50.44 -3.66
N ILE A 852 -6.66 -49.86 -3.76
CA ILE A 852 -7.79 -50.18 -2.86
C ILE A 852 -8.27 -51.62 -3.10
N LYS A 853 -8.31 -52.02 -4.36
CA LYS A 853 -8.67 -53.40 -4.74
C LYS A 853 -7.62 -54.40 -4.24
N ALA A 854 -6.34 -54.05 -4.34
CA ALA A 854 -5.25 -54.91 -3.87
C ALA A 854 -5.30 -55.17 -2.35
N ASN A 855 -5.59 -54.13 -1.56
CA ASN A 855 -5.72 -54.24 -0.10
C ASN A 855 -7.20 -54.19 0.32
N SER A 856 -8.06 -54.88 -0.43
CA SER A 856 -9.52 -54.79 -0.25
C SER A 856 -10.03 -55.55 0.99
N LYS A 857 -9.29 -56.58 1.41
CA LYS A 857 -9.71 -57.45 2.51
C LYS A 857 -9.50 -56.86 3.91
N PHE A 858 -8.75 -55.76 4.01
CA PHE A 858 -8.46 -55.12 5.29
C PHE A 858 -9.47 -54.02 5.65
N ILE A 859 -10.20 -53.51 4.66
CA ILE A 859 -11.15 -52.38 4.85
C ILE A 859 -12.64 -52.74 4.79
N GLY A 860 -12.97 -53.95 4.30
CA GLY A 860 -14.37 -54.40 4.24
C GLY A 860 -14.97 -54.64 5.62
N ILE A 861 -16.29 -54.82 5.66
CA ILE A 861 -17.07 -55.09 6.89
C ILE A 861 -16.84 -54.06 8.06
N THR A 862 -16.51 -52.81 7.72
CA THR A 862 -16.31 -51.74 8.74
C THR A 862 -16.81 -50.35 8.29
N GLU A 863 -17.72 -50.30 7.31
CA GLU A 863 -18.24 -49.03 6.77
C GLU A 863 -17.14 -48.11 6.20
N LEU A 864 -16.05 -48.71 5.72
CA LEU A 864 -14.89 -47.97 5.21
C LEU A 864 -14.79 -48.10 3.69
N LYS A 865 -14.80 -49.33 3.18
CA LYS A 865 -14.74 -49.56 1.72
C LYS A 865 -15.99 -49.02 1.01
N LYS A 866 -17.17 -49.35 1.51
CA LYS A 866 -18.44 -48.91 0.91
C LYS A 866 -18.69 -47.40 1.07
N LEU A 867 -18.11 -46.81 2.11
CA LEU A 867 -18.06 -45.34 2.26
C LEU A 867 -17.17 -44.67 1.21
N GLU A 868 -16.05 -45.31 0.87
CA GLU A 868 -14.98 -44.69 0.09
C GLU A 868 -14.96 -45.01 -1.42
N SER A 869 -16.09 -45.46 -1.95
CA SER A 869 -16.43 -45.27 -3.37
C SER A 869 -17.25 -43.99 -3.51
N LYS A 870 -18.14 -43.74 -2.55
CA LYS A 870 -18.96 -42.53 -2.50
C LYS A 870 -18.18 -41.27 -2.13
N ILE A 871 -17.02 -41.42 -1.49
CA ILE A 871 -16.13 -40.28 -1.19
C ILE A 871 -15.51 -39.67 -2.46
N ASN A 872 -15.38 -40.47 -3.53
CA ASN A 872 -14.84 -39.99 -4.81
C ASN A 872 -15.82 -39.17 -5.68
N LYS A 873 -16.84 -38.59 -5.05
CA LYS A 873 -17.52 -37.39 -5.58
C LYS A 873 -16.56 -36.18 -5.61
N VAL A 874 -15.69 -36.07 -4.60
CA VAL A 874 -14.67 -35.01 -4.54
C VAL A 874 -13.73 -35.05 -5.74
N PHE A 875 -13.42 -36.26 -6.19
CA PHE A 875 -12.55 -36.50 -7.32
C PHE A 875 -13.24 -36.15 -8.65
N SER A 876 -14.56 -36.29 -8.71
CA SER A 876 -15.36 -35.86 -9.87
C SER A 876 -15.45 -34.33 -10.04
N THR A 877 -15.30 -33.58 -8.94
CA THR A 877 -15.43 -32.11 -8.95
C THR A 877 -14.10 -31.42 -9.33
N PRO A 878 -14.13 -30.50 -10.34
CA PRO A 878 -12.93 -29.69 -10.60
C PRO A 878 -12.60 -28.67 -9.49
N ILE A 879 -11.33 -28.25 -9.46
CA ILE A 879 -10.85 -27.26 -8.50
C ILE A 879 -10.72 -25.92 -9.23
N PRO A 880 -11.50 -24.91 -8.82
CA PRO A 880 -11.55 -23.69 -9.62
C PRO A 880 -10.32 -22.77 -9.45
N PHE A 881 -10.05 -21.98 -10.49
CA PHE A 881 -8.93 -21.04 -10.51
C PHE A 881 -9.37 -19.67 -9.99
N SER A 882 -8.54 -19.05 -9.14
CA SER A 882 -8.78 -17.72 -8.60
C SER A 882 -7.74 -16.74 -9.13
N TYR A 883 -8.19 -15.76 -9.92
CA TYR A 883 -7.29 -14.76 -10.52
C TYR A 883 -6.74 -13.80 -9.47
N SER A 884 -7.62 -13.28 -8.63
CA SER A 884 -7.30 -12.37 -7.53
C SER A 884 -7.58 -13.10 -6.21
N LYS A 885 -8.66 -12.72 -5.52
CA LYS A 885 -8.94 -13.18 -4.16
C LYS A 885 -9.80 -14.42 -4.22
N ASN A 886 -9.45 -15.42 -3.40
CA ASN A 886 -10.28 -16.62 -3.25
C ASN A 886 -11.38 -16.26 -2.27
N LEU A 887 -12.60 -16.10 -2.80
CA LEU A 887 -13.74 -15.67 -2.01
C LEU A 887 -14.62 -16.86 -1.60
N ASP A 888 -15.06 -16.86 -0.36
CA ASP A 888 -15.93 -17.88 0.20
C ASP A 888 -17.13 -17.14 0.82
N CYS A 889 -18.23 -17.05 0.07
CA CYS A 889 -19.46 -16.43 0.56
C CYS A 889 -20.19 -17.25 1.62
N TRP A 890 -19.82 -18.53 1.76
CA TRP A 890 -20.34 -19.42 2.80
C TRP A 890 -19.17 -19.80 3.71
N GLU A 895 -16.40 -20.93 12.84
CA GLU A 895 -17.21 -19.79 13.22
C GLU A 895 -16.36 -18.71 13.88
N ASP A 896 -16.12 -17.63 13.13
CA ASP A 896 -15.46 -16.44 13.65
C ASP A 896 -15.96 -15.24 12.83
N ILE A 897 -16.50 -14.23 13.50
CA ILE A 897 -17.24 -13.16 12.83
C ILE A 897 -16.29 -12.27 12.01
N ASP A 898 -15.11 -11.98 12.54
CA ASP A 898 -14.08 -11.23 11.81
C ASP A 898 -13.71 -11.89 10.49
N VAL A 899 -13.47 -13.20 10.53
CA VAL A 899 -13.07 -13.97 9.34
C VAL A 899 -14.20 -14.09 8.31
N ILE A 900 -15.44 -14.24 8.76
CA ILE A 900 -16.60 -14.25 7.86
C ILE A 900 -16.71 -12.94 7.07
N LEU A 901 -16.49 -11.82 7.74
CA LEU A 901 -16.62 -10.50 7.13
C LEU A 901 -15.51 -10.18 6.09
N LYS A 902 -14.25 -10.42 6.46
CA LYS A 902 -13.14 -10.27 5.52
C LYS A 902 -13.33 -11.18 4.30
N LYS A 903 -13.61 -12.45 4.56
CA LYS A 903 -13.66 -13.48 3.53
C LYS A 903 -14.81 -13.26 2.53
N SER A 904 -15.88 -12.58 2.95
CA SER A 904 -17.02 -12.31 2.07
C SER A 904 -17.06 -10.91 1.43
N THR A 905 -16.11 -10.03 1.79
CA THR A 905 -16.07 -8.65 1.24
C THR A 905 -15.57 -8.64 -0.21
N ILE A 906 -16.35 -8.00 -1.09
CA ILE A 906 -16.01 -7.87 -2.52
C ILE A 906 -15.68 -6.44 -3.00
N LEU A 907 -15.96 -5.44 -2.17
CA LEU A 907 -15.56 -4.04 -2.42
C LEU A 907 -15.42 -3.34 -1.08
N ASN A 908 -14.45 -2.44 -0.96
CA ASN A 908 -14.17 -1.76 0.30
C ASN A 908 -13.35 -0.50 0.07
N LEU A 909 -14.02 0.65 0.12
CA LEU A 909 -13.38 1.94 -0.16
C LEU A 909 -12.69 2.47 1.09
N ASP A 910 -11.43 2.86 0.92
CA ASP A 910 -10.61 3.46 1.98
C ASP A 910 -9.88 4.67 1.39
N ILE A 911 -9.67 5.68 2.23
CA ILE A 911 -8.94 6.88 1.87
C ILE A 911 -7.65 6.95 2.68
N ASN A 912 -6.51 6.95 1.98
CA ASN A 912 -5.17 7.06 2.58
C ASN A 912 -4.38 8.16 1.88
N ASN A 913 -3.86 9.12 2.64
CA ASN A 913 -3.16 10.28 2.09
C ASN A 913 -3.96 10.93 0.95
N ASP A 914 -5.26 11.10 1.18
CA ASP A 914 -6.20 11.72 0.23
C ASP A 914 -6.37 10.97 -1.11
N ILE A 915 -6.13 9.66 -1.14
CA ILE A 915 -6.33 8.82 -2.33
C ILE A 915 -7.41 7.78 -2.02
N ILE A 916 -8.51 7.78 -2.79
CA ILE A 916 -9.58 6.79 -2.61
C ILE A 916 -9.22 5.53 -3.40
N SER A 917 -9.25 4.38 -2.73
CA SER A 917 -8.96 3.11 -3.41
C SER A 917 -9.69 1.93 -2.78
N ASP A 918 -9.71 0.81 -3.51
CA ASP A 918 -10.35 -0.43 -3.08
C ASP A 918 -9.34 -1.38 -2.43
N ILE A 919 -9.59 -1.75 -1.17
CA ILE A 919 -8.70 -2.63 -0.40
C ILE A 919 -9.29 -4.03 -0.16
N SER A 920 -10.26 -4.41 -0.99
CA SER A 920 -10.98 -5.69 -0.81
C SER A 920 -10.15 -6.92 -1.17
N GLY A 921 -9.36 -6.82 -2.24
CA GLY A 921 -8.63 -7.96 -2.80
C GLY A 921 -8.80 -8.08 -4.31
N PHE A 922 -9.90 -7.55 -4.84
CA PHE A 922 -10.15 -7.46 -6.29
C PHE A 922 -9.95 -6.01 -6.64
N ASN A 923 -8.76 -5.61 -7.08
CA ASN A 923 -8.43 -4.18 -7.16
C ASN A 923 -9.25 -3.44 -8.23
N SER A 924 -10.50 -3.13 -7.87
CA SER A 924 -11.42 -2.42 -8.77
C SER A 924 -10.92 -1.01 -9.01
N SER A 925 -11.10 -0.51 -10.24
CA SER A 925 -10.71 0.84 -10.59
C SER A 925 -11.64 1.84 -9.92
N VAL A 926 -11.05 2.85 -9.30
CA VAL A 926 -11.79 3.91 -8.62
C VAL A 926 -11.38 5.21 -9.27
N ILE A 927 -12.35 5.92 -9.86
CA ILE A 927 -12.12 7.19 -10.56
C ILE A 927 -12.68 8.35 -9.74
N THR A 928 -11.83 9.31 -9.37
CA THR A 928 -12.22 10.48 -8.58
C THR A 928 -12.21 11.75 -9.46
N TYR A 929 -13.38 12.36 -9.61
CA TYR A 929 -13.59 13.53 -10.49
C TYR A 929 -13.30 14.85 -9.76
N PRO A 930 -12.96 15.93 -10.51
CA PRO A 930 -12.36 17.16 -9.92
C PRO A 930 -13.01 17.75 -8.66
N ASP A 931 -14.33 17.68 -8.55
CA ASP A 931 -15.05 18.32 -7.44
C ASP A 931 -15.67 17.32 -6.43
N ALA A 932 -15.18 16.09 -6.42
CA ALA A 932 -15.37 15.19 -5.28
C ALA A 932 -14.44 15.68 -4.20
N GLN A 933 -14.94 15.78 -2.97
CA GLN A 933 -14.24 16.48 -1.88
C GLN A 933 -13.99 15.53 -0.72
N LEU A 934 -13.11 15.95 0.19
CA LEU A 934 -12.77 15.16 1.38
C LEU A 934 -13.06 15.96 2.65
N VAL A 935 -13.70 15.29 3.63
CA VAL A 935 -14.01 15.87 4.94
C VAL A 935 -13.66 14.87 6.05
N PRO A 936 -13.63 15.32 7.31
CA PRO A 936 -13.45 14.39 8.42
C PRO A 936 -14.47 13.23 8.44
N GLY A 937 -13.97 12.01 8.70
CA GLY A 937 -14.78 10.78 8.73
C GLY A 937 -14.77 10.09 10.08
N ILE A 938 -15.30 8.87 10.11
CA ILE A 938 -15.43 8.09 11.36
C ILE A 938 -14.08 7.53 11.84
N ASN A 939 -13.12 7.38 10.93
CA ASN A 939 -11.77 6.94 11.26
C ASN A 939 -10.85 7.27 10.08
N GLY A 940 -10.50 8.56 9.97
CA GLY A 940 -9.76 9.11 8.83
C GLY A 940 -10.58 10.18 8.13
N LYS A 941 -10.81 9.99 6.83
CA LYS A 941 -11.54 10.96 5.99
C LYS A 941 -12.64 10.30 5.18
N ALA A 942 -13.63 11.11 4.80
CA ALA A 942 -14.80 10.61 4.09
C ALA A 942 -14.97 11.33 2.76
N ILE A 943 -15.69 10.68 1.85
CA ILE A 943 -16.07 11.28 0.58
C ILE A 943 -17.18 12.29 0.86
N HIS A 944 -17.12 13.44 0.19
CA HIS A 944 -18.09 14.52 0.32
C HIS A 944 -18.59 14.89 -1.07
N LEU A 945 -19.91 14.93 -1.24
CA LEU A 945 -20.53 15.17 -2.56
C LEU A 945 -21.40 16.43 -2.56
N VAL A 946 -21.06 17.36 -3.45
CA VAL A 946 -21.87 18.56 -3.71
C VAL A 946 -22.70 18.38 -5.00
N ASN A 947 -23.61 19.32 -5.26
CA ASN A 947 -24.55 19.24 -6.38
C ASN A 947 -24.09 19.96 -7.64
N ASN A 948 -23.10 19.38 -8.31
CA ASN A 948 -22.74 19.77 -9.67
C ASN A 948 -22.20 18.56 -10.44
N GLU A 949 -22.02 18.72 -11.75
CA GLU A 949 -21.64 17.62 -12.64
C GLU A 949 -20.29 16.97 -12.29
N SER A 950 -19.35 17.80 -11.80
CA SER A 950 -17.98 17.35 -11.48
C SER A 950 -17.82 16.57 -10.16
N SER A 951 -18.81 16.63 -9.25
CA SER A 951 -18.68 15.99 -7.94
C SER A 951 -19.19 14.55 -7.96
N GLU A 952 -18.24 13.61 -8.09
CA GLU A 952 -18.54 12.24 -8.51
C GLU A 952 -17.36 11.29 -8.18
N VAL A 953 -17.68 10.06 -7.78
CA VAL A 953 -16.69 8.99 -7.64
C VAL A 953 -17.26 7.73 -8.29
N ILE A 954 -16.52 7.14 -9.21
CA ILE A 954 -16.99 6.00 -10.01
C ILE A 954 -16.14 4.78 -9.69
N VAL A 955 -16.80 3.67 -9.36
CA VAL A 955 -16.12 2.40 -9.11
C VAL A 955 -16.45 1.40 -10.24
N HIS A 956 -15.50 1.21 -11.15
CA HIS A 956 -15.66 0.21 -12.22
C HIS A 956 -15.27 -1.17 -11.67
N LYS A 957 -16.28 -2.03 -11.45
CA LYS A 957 -16.08 -3.31 -10.77
C LYS A 957 -15.11 -4.19 -11.54
N ALA A 958 -14.24 -4.89 -10.81
CA ALA A 958 -13.35 -5.87 -11.39
C ALA A 958 -14.14 -7.00 -12.04
N MET A 959 -13.57 -7.58 -13.10
CA MET A 959 -14.26 -8.64 -13.86
C MET A 959 -14.52 -9.91 -13.08
N ASP A 960 -13.73 -10.18 -12.04
CA ASP A 960 -14.00 -11.29 -11.10
C ASP A 960 -15.32 -11.16 -10.30
N ILE A 961 -15.93 -9.97 -10.24
CA ILE A 961 -17.15 -9.77 -9.41
C ILE A 961 -18.39 -9.19 -10.14
N GLU A 962 -18.36 -9.07 -11.47
CA GLU A 962 -19.36 -8.24 -12.17
C GLU A 962 -20.80 -8.79 -12.21
N TYR A 963 -20.98 -10.10 -12.09
CA TYR A 963 -22.32 -10.74 -12.11
C TYR A 963 -22.76 -11.30 -10.73
N ASN A 964 -22.10 -10.87 -9.64
CA ASN A 964 -22.44 -11.35 -8.28
C ASN A 964 -23.78 -10.84 -7.74
N ASP A 965 -24.36 -9.84 -8.40
CA ASP A 965 -25.66 -9.30 -8.01
C ASP A 965 -26.85 -10.14 -8.51
N MET A 966 -26.71 -10.71 -9.73
CA MET A 966 -27.80 -11.39 -10.47
C MET A 966 -28.81 -12.24 -9.69
N PHE A 967 -28.36 -13.37 -9.16
CA PHE A 967 -29.23 -14.33 -8.47
C PHE A 967 -28.93 -14.44 -6.99
N ASN A 968 -27.83 -13.83 -6.54
CA ASN A 968 -27.24 -14.15 -5.24
C ASN A 968 -27.50 -13.06 -4.21
N ASN A 969 -27.28 -13.42 -2.94
CA ASN A 969 -27.46 -12.51 -1.83
C ASN A 969 -26.29 -11.53 -1.75
N PHE A 970 -26.56 -10.32 -1.28
CA PHE A 970 -25.51 -9.34 -1.06
C PHE A 970 -25.93 -8.27 -0.03
N THR A 971 -24.95 -7.79 0.73
CA THR A 971 -25.14 -6.71 1.69
C THR A 971 -24.35 -5.49 1.27
N VAL A 972 -24.94 -4.32 1.43
CA VAL A 972 -24.28 -3.03 1.19
C VAL A 972 -24.24 -2.28 2.52
N SER A 973 -23.07 -1.76 2.90
CA SER A 973 -22.93 -0.97 4.12
C SER A 973 -22.04 0.26 3.91
N PHE A 974 -22.37 1.34 4.64
CA PHE A 974 -21.60 2.59 4.59
C PHE A 974 -22.01 3.53 5.73
N TRP A 975 -21.13 4.47 6.05
CA TRP A 975 -21.46 5.58 6.95
C TRP A 975 -22.02 6.73 6.14
N LEU A 976 -23.05 7.40 6.69
CA LEU A 976 -23.77 8.47 6.00
C LEU A 976 -23.90 9.70 6.89
N ARG A 977 -23.75 10.89 6.28
CA ARG A 977 -23.96 12.17 6.95
C ARG A 977 -24.72 13.17 6.06
N VAL A 978 -26.02 13.33 6.35
CA VAL A 978 -26.95 14.23 5.67
C VAL A 978 -27.21 15.42 6.60
N PRO A 979 -27.11 16.68 6.09
CA PRO A 979 -27.42 17.83 6.95
C PRO A 979 -28.91 17.93 7.23
N LYS A 980 -29.27 18.60 8.33
CA LYS A 980 -30.68 18.78 8.73
C LYS A 980 -31.37 19.68 7.73
N VAL A 981 -32.43 19.17 7.10
CA VAL A 981 -33.17 19.92 6.09
C VAL A 981 -33.89 21.07 6.78
N SER A 982 -33.78 22.28 6.21
CA SER A 982 -34.45 23.47 6.76
C SER A 982 -35.96 23.44 6.53
N ALA A 983 -36.67 24.29 7.27
CA ALA A 983 -38.12 24.44 7.16
C ALA A 983 -38.51 24.74 5.70
N SER A 984 -37.88 25.78 5.15
CA SER A 984 -38.04 26.18 3.75
C SER A 984 -37.80 25.04 2.77
N HIS A 985 -36.69 24.34 2.94
CA HIS A 985 -36.29 23.29 1.97
C HIS A 985 -37.16 22.03 2.05
N LEU A 986 -37.85 21.80 3.16
CA LEU A 986 -38.87 20.74 3.22
C LEU A 986 -40.14 21.14 2.45
N GLU A 987 -40.49 22.43 2.49
CA GLU A 987 -41.62 22.97 1.73
C GLU A 987 -41.34 22.92 0.22
N GLN A 988 -40.18 23.42 -0.19
CA GLN A 988 -39.80 23.46 -1.62
C GLN A 988 -39.55 22.08 -2.20
N TYR A 989 -38.68 21.31 -1.54
CA TYR A 989 -38.12 20.09 -2.13
C TYR A 989 -38.62 18.76 -1.55
N GLY A 990 -39.43 18.79 -0.49
CA GLY A 990 -39.94 17.56 0.15
C GLY A 990 -40.46 16.45 -0.76
N THR A 991 -40.94 16.82 -1.95
CA THR A 991 -41.36 15.85 -2.98
C THR A 991 -40.19 15.23 -3.76
N ASN A 992 -39.18 16.04 -4.04
CA ASN A 992 -38.03 15.67 -4.90
C ASN A 992 -37.17 14.52 -4.37
N GLU A 993 -37.23 13.38 -5.07
CA GLU A 993 -36.37 12.23 -4.80
C GLU A 993 -35.12 12.29 -5.68
N TYR A 994 -33.96 12.15 -5.04
CA TYR A 994 -32.67 12.05 -5.74
C TYR A 994 -31.89 10.86 -5.19
N SER A 995 -31.11 10.21 -6.06
CA SER A 995 -30.24 9.11 -5.65
C SER A 995 -28.85 9.64 -5.33
N ILE A 996 -28.20 8.99 -4.37
CA ILE A 996 -26.83 9.31 -3.94
C ILE A 996 -25.80 8.23 -4.32
N ILE A 997 -26.21 6.96 -4.31
CA ILE A 997 -25.39 5.83 -4.72
C ILE A 997 -26.27 4.90 -5.55
N SER A 998 -25.81 4.47 -6.74
CA SER A 998 -26.56 3.46 -7.52
C SER A 998 -25.75 2.72 -8.59
N SER A 999 -26.29 1.57 -8.98
CA SER A 999 -25.70 0.68 -9.98
C SER A 999 -26.65 0.41 -11.16
N MET A 1000 -27.45 1.40 -11.55
CA MET A 1000 -28.50 1.22 -12.57
C MET A 1000 -28.04 1.68 -13.95
N LYS A 1001 -28.41 0.91 -14.98
CA LYS A 1001 -27.82 0.95 -16.34
C LYS A 1001 -27.39 2.34 -16.87
N GLY A 1008 -32.30 1.40 -16.29
CA GLY A 1008 -32.50 -0.04 -16.39
C GLY A 1008 -32.43 -0.73 -15.03
N SER A 1009 -32.02 -2.00 -15.04
CA SER A 1009 -31.96 -2.84 -13.83
C SER A 1009 -30.79 -2.47 -12.90
N GLY A 1010 -30.93 -2.85 -11.64
CA GLY A 1010 -29.92 -2.60 -10.60
C GLY A 1010 -30.50 -2.22 -9.25
N TRP A 1011 -29.64 -1.70 -8.36
CA TRP A 1011 -30.05 -1.18 -7.04
C TRP A 1011 -29.72 0.30 -6.91
N SER A 1012 -30.33 0.98 -5.93
CA SER A 1012 -30.02 2.39 -5.65
C SER A 1012 -30.39 2.83 -4.22
N VAL A 1013 -29.63 3.81 -3.71
CA VAL A 1013 -29.90 4.48 -2.44
C VAL A 1013 -30.28 5.92 -2.75
N SER A 1014 -31.34 6.39 -2.11
CA SER A 1014 -31.94 7.69 -2.46
C SER A 1014 -32.59 8.38 -1.26
N LEU A 1015 -32.70 9.70 -1.37
CA LEU A 1015 -33.31 10.54 -0.34
C LEU A 1015 -34.49 11.31 -0.91
N LYS A 1016 -35.58 11.38 -0.15
CA LYS A 1016 -36.76 12.17 -0.49
C LYS A 1016 -37.22 12.88 0.78
N GLY A 1017 -36.94 14.18 0.87
CA GLY A 1017 -37.21 14.95 2.09
C GLY A 1017 -36.40 14.39 3.26
N ASN A 1018 -37.09 13.97 4.33
CA ASN A 1018 -36.47 13.23 5.44
C ASN A 1018 -36.83 11.74 5.37
N ASN A 1019 -36.79 11.15 4.18
CA ASN A 1019 -37.02 9.69 3.99
C ASN A 1019 -35.84 9.03 3.27
N LEU A 1020 -35.44 7.84 3.73
CA LEU A 1020 -34.31 7.10 3.14
C LEU A 1020 -34.83 5.86 2.39
N ILE A 1021 -34.40 5.69 1.14
CA ILE A 1021 -35.02 4.73 0.21
C ILE A 1021 -34.01 3.75 -0.43
N TRP A 1022 -34.23 2.45 -0.18
CA TRP A 1022 -33.58 1.36 -0.93
C TRP A 1022 -34.49 0.92 -2.08
N THR A 1023 -33.91 0.56 -3.22
CA THR A 1023 -34.67 0.23 -4.43
C THR A 1023 -33.99 -0.86 -5.26
N LEU A 1024 -34.60 -2.04 -5.37
CA LEU A 1024 -34.19 -3.08 -6.32
C LEU A 1024 -35.03 -3.01 -7.60
N LYS A 1025 -34.48 -3.56 -8.69
CA LYS A 1025 -35.13 -3.51 -10.00
C LYS A 1025 -34.52 -4.54 -10.97
N ASP A 1026 -35.33 -5.53 -11.36
CA ASP A 1026 -34.86 -6.64 -12.22
C ASP A 1026 -34.84 -6.28 -13.72
N SER A 1027 -34.36 -7.23 -14.52
CA SER A 1027 -34.34 -7.11 -15.99
C SER A 1027 -35.73 -6.93 -16.61
N ALA A 1028 -36.74 -7.58 -16.04
CA ALA A 1028 -38.14 -7.45 -16.50
C ALA A 1028 -38.71 -6.03 -16.31
N GLY A 1029 -38.42 -5.42 -15.16
CA GLY A 1029 -39.00 -4.13 -14.78
C GLY A 1029 -39.63 -4.08 -13.39
N GLU A 1030 -39.80 -5.25 -12.75
CA GLU A 1030 -40.36 -5.35 -11.40
C GLU A 1030 -39.51 -4.60 -10.35
N VAL A 1031 -40.16 -3.75 -9.55
CA VAL A 1031 -39.51 -2.92 -8.54
C VAL A 1031 -39.99 -3.29 -7.13
N ARG A 1032 -39.04 -3.54 -6.22
CA ARG A 1032 -39.32 -3.68 -4.78
C ARG A 1032 -38.51 -2.63 -4.01
N GLN A 1033 -39.07 -2.13 -2.90
CA GLN A 1033 -38.49 -1.00 -2.17
C GLN A 1033 -38.65 -1.09 -0.66
N ILE A 1034 -37.80 -0.33 0.05
CA ILE A 1034 -37.96 -0.03 1.47
C ILE A 1034 -37.92 1.48 1.59
N THR A 1035 -38.77 2.04 2.45
CA THR A 1035 -38.75 3.48 2.74
C THR A 1035 -38.66 3.65 4.25
N PHE A 1036 -37.70 4.46 4.70
CA PHE A 1036 -37.55 4.77 6.11
C PHE A 1036 -37.98 6.22 6.34
N ARG A 1037 -38.99 6.39 7.19
CA ARG A 1037 -39.41 7.70 7.69
C ARG A 1037 -38.54 8.04 8.89
N ASP A 1038 -37.86 9.17 8.84
CA ASP A 1038 -36.97 9.58 9.92
C ASP A 1038 -37.81 10.07 11.08
N LEU A 1039 -37.25 10.00 12.28
CA LEU A 1039 -37.91 10.46 13.50
C LEU A 1039 -38.15 11.98 13.46
N PRO A 1040 -39.24 12.45 14.10
CA PRO A 1040 -39.56 13.88 14.13
C PRO A 1040 -38.67 14.71 15.08
N ASP A 1041 -38.24 14.12 16.20
CA ASP A 1041 -37.33 14.78 17.14
C ASP A 1041 -35.92 14.84 16.52
N LYS A 1042 -35.56 15.99 15.96
CA LYS A 1042 -34.32 16.09 15.16
C LYS A 1042 -33.03 16.02 15.98
N PHE A 1043 -33.11 16.25 17.29
CA PHE A 1043 -31.98 16.03 18.17
C PHE A 1043 -31.59 14.55 18.25
N ASN A 1044 -32.57 13.66 18.13
CA ASN A 1044 -32.32 12.21 18.17
C ASN A 1044 -32.52 11.54 16.80
N ALA A 1045 -32.52 12.31 15.72
CA ALA A 1045 -32.88 11.79 14.39
C ALA A 1045 -31.66 11.22 13.66
N TYR A 1046 -31.92 10.31 12.73
CA TYR A 1046 -30.87 9.61 11.98
C TYR A 1046 -30.42 10.32 10.69
N LEU A 1047 -31.14 11.36 10.27
CA LEU A 1047 -30.79 12.13 9.06
C LEU A 1047 -30.73 13.62 9.38
N ALA A 1048 -30.06 13.97 10.47
CA ALA A 1048 -29.96 15.36 10.95
C ALA A 1048 -28.53 15.69 11.41
N ASN A 1049 -27.60 15.58 10.46
CA ASN A 1049 -26.23 16.12 10.58
C ASN A 1049 -25.24 15.33 11.48
N LYS A 1050 -25.60 14.09 11.87
CA LYS A 1050 -24.67 13.16 12.56
C LYS A 1050 -24.20 12.02 11.63
N TRP A 1051 -23.04 11.45 11.93
CA TRP A 1051 -22.58 10.23 11.26
C TRP A 1051 -23.37 9.01 11.79
N VAL A 1052 -24.02 8.27 10.89
CA VAL A 1052 -24.76 7.06 11.25
C VAL A 1052 -24.36 5.92 10.32
N PHE A 1053 -24.46 4.67 10.79
CA PHE A 1053 -24.02 3.50 10.03
C PHE A 1053 -25.18 2.72 9.40
N ILE A 1054 -25.24 2.73 8.07
CA ILE A 1054 -26.30 2.06 7.31
C ILE A 1054 -25.81 0.67 6.92
N THR A 1055 -26.73 -0.30 6.91
CA THR A 1055 -26.47 -1.66 6.42
C THR A 1055 -27.74 -2.19 5.77
N ILE A 1056 -27.62 -2.68 4.53
CA ILE A 1056 -28.78 -3.13 3.75
C ILE A 1056 -28.56 -4.56 3.22
N THR A 1057 -29.10 -5.54 3.93
CA THR A 1057 -28.98 -6.94 3.54
C THR A 1057 -30.03 -7.31 2.49
N ASN A 1058 -29.68 -8.24 1.59
CA ASN A 1058 -30.61 -8.73 0.55
C ASN A 1058 -30.55 -10.26 0.44
N ASP A 1059 -31.58 -10.92 0.99
CA ASP A 1059 -31.81 -12.35 0.77
C ASP A 1059 -32.88 -12.47 -0.32
N ARG A 1060 -32.59 -13.25 -1.34
CA ARG A 1060 -33.49 -13.39 -2.50
C ARG A 1060 -34.68 -14.29 -2.17
N LEU A 1061 -34.44 -15.37 -1.42
CA LEU A 1061 -35.48 -16.31 -1.00
C LEU A 1061 -35.99 -15.94 0.40
N SER A 1062 -36.44 -14.69 0.55
CA SER A 1062 -36.84 -14.09 1.84
C SER A 1062 -37.08 -12.58 1.65
N SER A 1063 -36.75 -11.76 2.65
CA SER A 1063 -36.87 -10.30 2.59
C SER A 1063 -35.52 -9.61 2.56
N ALA A 1064 -35.53 -8.33 2.16
CA ALA A 1064 -34.37 -7.44 2.25
C ALA A 1064 -34.61 -6.49 3.41
N ASN A 1065 -33.60 -6.31 4.28
CA ASN A 1065 -33.76 -5.52 5.50
C ASN A 1065 -32.81 -4.31 5.54
N LEU A 1066 -33.30 -3.20 6.13
CA LEU A 1066 -32.51 -1.98 6.34
C LEU A 1066 -32.18 -1.86 7.82
N TYR A 1067 -30.88 -1.77 8.14
CA TYR A 1067 -30.43 -1.49 9.52
C TYR A 1067 -29.80 -0.10 9.61
N ILE A 1068 -29.92 0.54 10.78
CA ILE A 1068 -29.20 1.77 11.09
C ILE A 1068 -28.59 1.62 12.49
N ASN A 1069 -27.27 1.76 12.56
CA ASN A 1069 -26.50 1.53 13.80
C ASN A 1069 -26.79 0.16 14.40
N GLY A 1070 -26.83 -0.85 13.53
CA GLY A 1070 -27.08 -2.24 13.95
C GLY A 1070 -28.50 -2.56 14.41
N VAL A 1071 -29.47 -1.71 14.06
CA VAL A 1071 -30.85 -1.86 14.52
C VAL A 1071 -31.82 -1.82 13.33
N LEU A 1072 -32.74 -2.79 13.29
CA LEU A 1072 -33.62 -3.02 12.15
C LEU A 1072 -34.70 -1.94 12.04
N MET A 1073 -34.69 -1.20 10.94
CA MET A 1073 -35.60 -0.05 10.73
C MET A 1073 -36.66 -0.25 9.64
N GLY A 1074 -36.42 -1.16 8.69
CA GLY A 1074 -37.37 -1.43 7.61
C GLY A 1074 -37.15 -2.76 6.94
N SER A 1075 -38.17 -3.24 6.24
CA SER A 1075 -38.12 -4.53 5.54
C SER A 1075 -39.08 -4.59 4.35
N ALA A 1076 -38.79 -5.50 3.42
CA ALA A 1076 -39.60 -5.68 2.21
C ALA A 1076 -39.36 -7.04 1.55
N GLU A 1077 -40.40 -7.58 0.94
CA GLU A 1077 -40.37 -8.94 0.38
C GLU A 1077 -39.75 -8.94 -1.02
N ILE A 1078 -38.68 -9.72 -1.19
CA ILE A 1078 -37.93 -9.81 -2.46
C ILE A 1078 -38.29 -11.02 -3.32
N THR A 1079 -38.82 -12.07 -2.69
CA THR A 1079 -39.13 -13.34 -3.37
C THR A 1079 -39.86 -13.15 -4.70
N GLY A 1080 -39.46 -13.93 -5.70
CA GLY A 1080 -40.07 -13.86 -7.02
C GLY A 1080 -39.76 -12.53 -7.68
N LEU A 1081 -38.48 -12.25 -7.83
CA LEU A 1081 -37.99 -11.09 -8.57
C LEU A 1081 -37.00 -11.63 -9.58
N GLY A 1082 -37.03 -11.10 -10.81
CA GLY A 1082 -36.18 -11.59 -11.90
C GLY A 1082 -34.70 -11.31 -11.70
N ALA A 1083 -33.87 -11.86 -12.58
CA ALA A 1083 -32.41 -11.69 -12.49
C ALA A 1083 -32.01 -10.24 -12.77
N ILE A 1084 -31.10 -9.72 -11.94
CA ILE A 1084 -30.71 -8.30 -11.93
C ILE A 1084 -29.46 -8.08 -12.80
N ARG A 1085 -29.55 -7.19 -13.78
CA ARG A 1085 -28.45 -6.93 -14.71
C ARG A 1085 -27.96 -5.47 -14.59
N GLU A 1086 -26.91 -5.29 -13.78
CA GLU A 1086 -26.42 -3.95 -13.40
C GLU A 1086 -25.65 -3.24 -14.51
N ASP A 1087 -25.26 -2.00 -14.22
CA ASP A 1087 -24.21 -1.31 -14.96
C ASP A 1087 -22.86 -1.84 -14.50
N ASN A 1088 -21.84 -1.68 -15.35
CA ASN A 1088 -20.46 -2.00 -15.00
C ASN A 1088 -19.93 -1.15 -13.86
N ASN A 1089 -20.40 0.09 -13.76
CA ASN A 1089 -19.95 1.03 -12.74
C ASN A 1089 -20.94 1.19 -11.59
N ILE A 1090 -20.41 1.67 -10.46
CA ILE A 1090 -21.18 2.05 -9.29
C ILE A 1090 -20.86 3.51 -9.06
N THR A 1091 -21.87 4.37 -9.21
CA THR A 1091 -21.67 5.82 -9.17
C THR A 1091 -22.05 6.38 -7.80
N LEU A 1092 -21.16 7.21 -7.25
CA LEU A 1092 -21.43 7.98 -6.03
C LEU A 1092 -21.61 9.45 -6.42
N LYS A 1093 -22.88 9.85 -6.62
CA LYS A 1093 -23.23 11.18 -7.15
C LYS A 1093 -24.64 11.60 -6.75
N LEU A 1094 -24.84 12.90 -6.57
CA LEU A 1094 -26.19 13.48 -6.45
C LEU A 1094 -26.81 13.53 -7.85
N ASP A 1095 -27.95 12.87 -8.02
CA ASP A 1095 -28.57 12.70 -9.33
C ASP A 1095 -30.05 13.11 -9.30
N ARG A 1096 -30.42 14.10 -10.12
CA ARG A 1096 -31.78 14.66 -10.18
C ARG A 1096 -32.20 15.27 -8.85
N CYS A 1097 -31.39 16.22 -8.38
CA CYS A 1097 -31.60 16.90 -7.11
C CYS A 1097 -31.70 18.39 -7.36
N ASN A 1098 -32.90 18.95 -7.23
CA ASN A 1098 -33.16 20.37 -7.54
C ASN A 1098 -32.51 21.37 -6.58
N ASN A 1099 -32.27 20.96 -5.34
CA ASN A 1099 -31.64 21.83 -4.34
C ASN A 1099 -30.13 21.95 -4.61
N ASN A 1100 -29.70 23.13 -5.09
CA ASN A 1100 -28.27 23.41 -5.36
C ASN A 1100 -27.40 23.46 -4.10
N ASN A 1101 -28.01 23.73 -2.95
CA ASN A 1101 -27.29 23.74 -1.67
C ASN A 1101 -27.13 22.37 -1.01
N GLN A 1102 -27.84 21.36 -1.52
CA GLN A 1102 -27.80 20.03 -0.92
C GLN A 1102 -26.43 19.39 -1.10
N TYR A 1103 -26.00 18.65 -0.07
CA TYR A 1103 -24.77 17.86 -0.08
C TYR A 1103 -24.89 16.68 0.86
N VAL A 1104 -24.03 15.68 0.69
CA VAL A 1104 -23.93 14.52 1.61
C VAL A 1104 -22.47 14.10 1.81
N SER A 1105 -22.24 13.27 2.84
CA SER A 1105 -20.91 12.65 3.08
C SER A 1105 -21.07 11.13 3.23
N ILE A 1106 -20.14 10.37 2.62
CA ILE A 1106 -20.18 8.91 2.61
C ILE A 1106 -18.80 8.35 2.99
N ASP A 1107 -18.77 7.34 3.87
CA ASP A 1107 -17.50 6.71 4.31
C ASP A 1107 -17.64 5.20 4.38
N LYS A 1108 -16.51 4.51 4.20
CA LYS A 1108 -16.41 3.05 4.34
C LYS A 1108 -17.40 2.27 3.47
N PHE A 1109 -17.57 2.72 2.23
CA PHE A 1109 -18.48 2.04 1.30
C PHE A 1109 -17.99 0.61 1.09
N ARG A 1110 -18.91 -0.35 1.16
CA ARG A 1110 -18.55 -1.75 1.23
C ARG A 1110 -19.68 -2.63 0.70
N ILE A 1111 -19.31 -3.73 0.03
CA ILE A 1111 -20.29 -4.68 -0.49
C ILE A 1111 -19.83 -6.10 -0.13
N PHE A 1112 -20.74 -6.88 0.45
CA PHE A 1112 -20.48 -8.28 0.79
C PHE A 1112 -21.22 -9.17 -0.20
N CYS A 1113 -20.71 -10.39 -0.41
CA CYS A 1113 -21.35 -11.35 -1.31
C CYS A 1113 -22.33 -12.31 -0.60
N LYS A 1114 -22.74 -11.97 0.62
CA LYS A 1114 -23.86 -12.66 1.28
C LYS A 1114 -24.80 -11.70 2.01
N ALA A 1115 -25.90 -12.23 2.55
CA ALA A 1115 -26.81 -11.48 3.41
C ALA A 1115 -26.37 -11.68 4.85
N LEU A 1116 -25.95 -10.61 5.51
CA LEU A 1116 -25.44 -10.69 6.88
C LEU A 1116 -26.56 -10.86 7.91
N ASN A 1117 -26.32 -11.71 8.92
CA ASN A 1117 -27.25 -11.82 10.06
C ASN A 1117 -26.99 -10.67 11.08
N PRO A 1118 -27.93 -10.42 12.00
CA PRO A 1118 -27.75 -9.30 12.96
C PRO A 1118 -26.56 -9.36 13.91
N LYS A 1119 -26.08 -10.56 14.25
CA LYS A 1119 -24.86 -10.70 15.07
C LYS A 1119 -23.62 -10.21 14.31
N GLU A 1120 -23.58 -10.53 13.01
CA GLU A 1120 -22.50 -10.09 12.13
C GLU A 1120 -22.55 -8.57 11.85
N ILE A 1121 -23.75 -8.00 11.79
CA ILE A 1121 -23.91 -6.55 11.61
C ILE A 1121 -23.50 -5.77 12.88
N GLU A 1122 -23.80 -6.33 14.05
CA GLU A 1122 -23.37 -5.77 15.34
C GLU A 1122 -21.86 -5.65 15.42
N LYS A 1123 -21.15 -6.69 14.97
CA LYS A 1123 -19.68 -6.71 15.01
C LYS A 1123 -19.08 -5.74 13.99
N LEU A 1124 -19.65 -5.72 12.79
CA LEU A 1124 -19.25 -4.79 11.72
C LEU A 1124 -19.40 -3.32 12.16
N TYR A 1125 -20.53 -3.00 12.76
CA TYR A 1125 -20.81 -1.64 13.27
C TYR A 1125 -19.82 -1.21 14.36
N THR A 1126 -19.64 -2.04 15.37
CA THR A 1126 -18.75 -1.73 16.50
C THR A 1126 -17.25 -1.72 16.13
N SER A 1127 -16.88 -2.41 15.05
CA SER A 1127 -15.48 -2.48 14.61
C SER A 1127 -14.93 -1.15 14.07
N TYR A 1128 -15.80 -0.26 13.61
CA TYR A 1128 -15.37 1.08 13.20
C TYR A 1128 -15.26 2.09 14.38
N LEU A 1129 -15.64 1.69 15.59
CA LEU A 1129 -15.70 2.59 16.75
C LEU A 1129 -14.52 2.37 17.70
N SER A 1130 -13.51 3.24 17.62
CA SER A 1130 -12.31 3.15 18.48
C SER A 1130 -12.43 4.06 19.70
N ILE A 1131 -11.57 3.80 20.69
CA ILE A 1131 -11.45 4.62 21.90
C ILE A 1131 -10.31 5.68 21.81
N THR A 1132 -9.47 5.60 20.77
CA THR A 1132 -8.24 6.42 20.65
C THR A 1132 -8.51 7.92 20.50
N PHE A 1133 -9.23 8.28 19.44
CA PHE A 1133 -9.65 9.67 19.22
C PHE A 1133 -11.04 9.90 19.81
N LEU A 1134 -11.22 11.08 20.40
CA LEU A 1134 -12.51 11.50 20.96
C LEU A 1134 -13.34 12.14 19.85
N ARG A 1135 -14.65 12.26 20.07
CA ARG A 1135 -15.58 12.73 19.04
C ARG A 1135 -16.51 13.85 19.51
N ASP A 1136 -16.83 14.79 18.59
CA ASP A 1136 -17.86 15.81 18.85
C ASP A 1136 -19.28 15.29 18.58
N PHE A 1137 -20.27 16.06 19.00
CA PHE A 1137 -21.70 15.76 18.83
C PHE A 1137 -22.09 15.22 17.44
N TRP A 1138 -21.46 15.72 16.38
CA TRP A 1138 -21.75 15.30 14.99
C TRP A 1138 -21.08 13.98 14.58
N GLY A 1139 -20.14 13.48 15.39
CA GLY A 1139 -19.39 12.25 15.08
C GLY A 1139 -18.00 12.47 14.53
N ASN A 1140 -17.58 13.73 14.37
CA ASN A 1140 -16.24 14.06 13.85
C ASN A 1140 -15.22 14.17 14.98
N PRO A 1141 -13.91 14.06 14.66
CA PRO A 1141 -12.85 14.18 15.68
C PRO A 1141 -12.90 15.47 16.50
N LEU A 1142 -12.81 15.33 17.82
CA LEU A 1142 -12.73 16.47 18.74
C LEU A 1142 -11.40 17.19 18.59
N ARG A 1143 -11.43 18.53 18.69
CA ARG A 1143 -10.26 19.35 18.38
C ARG A 1143 -9.91 20.38 19.46
N TYR A 1144 -8.62 20.72 19.53
CA TYR A 1144 -8.14 21.79 20.38
C TYR A 1144 -8.42 23.15 19.74
N ASP A 1145 -8.46 24.18 20.58
CA ASP A 1145 -8.65 25.58 20.15
C ASP A 1145 -9.90 25.82 19.29
N THR A 1146 -10.98 25.10 19.60
CA THR A 1146 -12.24 25.15 18.87
C THR A 1146 -13.37 25.39 19.86
N GLU A 1147 -14.34 26.23 19.50
CA GLU A 1147 -15.43 26.57 20.41
C GLU A 1147 -16.52 25.49 20.38
N TYR A 1148 -16.98 25.11 21.58
CA TYR A 1148 -17.99 24.06 21.77
C TYR A 1148 -18.99 24.45 22.86
N TYR A 1149 -20.27 24.18 22.63
CA TYR A 1149 -21.31 24.25 23.66
C TYR A 1149 -21.43 22.89 24.30
N LEU A 1150 -21.51 22.83 25.63
CA LEU A 1150 -21.70 21.55 26.33
C LEU A 1150 -23.18 21.27 26.63
N ILE A 1151 -23.61 20.03 26.35
CA ILE A 1151 -24.92 19.52 26.74
C ILE A 1151 -24.70 18.21 27.51
N PRO A 1152 -25.37 18.06 28.68
CA PRO A 1152 -25.26 16.79 29.39
C PRO A 1152 -26.11 15.72 28.73
N VAL A 1153 -25.53 14.53 28.50
CA VAL A 1153 -26.23 13.45 27.80
C VAL A 1153 -27.47 13.03 28.59
N ALA A 1154 -27.33 12.99 29.91
CA ALA A 1154 -28.39 12.58 30.83
C ALA A 1154 -29.56 13.57 30.93
N SER A 1155 -29.32 14.84 30.60
CA SER A 1155 -30.36 15.88 30.59
C SER A 1155 -30.25 16.72 29.32
N SER A 1156 -30.46 16.07 28.18
CA SER A 1156 -30.18 16.69 26.87
C SER A 1156 -31.00 17.95 26.53
N SER A 1157 -32.08 18.21 27.25
CA SER A 1157 -32.86 19.45 27.11
C SER A 1157 -32.26 20.70 27.79
N LYS A 1158 -31.15 20.56 28.51
CA LYS A 1158 -30.57 21.68 29.28
C LYS A 1158 -29.35 22.30 28.59
N ASP A 1159 -29.11 23.59 28.85
CA ASP A 1159 -27.87 24.28 28.45
C ASP A 1159 -27.10 24.64 29.71
N VAL A 1160 -25.84 25.02 29.54
CA VAL A 1160 -24.97 25.40 30.65
C VAL A 1160 -24.84 26.92 30.71
N GLN A 1161 -24.91 27.47 31.93
CA GLN A 1161 -24.88 28.92 32.16
C GLN A 1161 -23.90 29.28 33.27
N LEU A 1162 -23.62 30.58 33.39
CA LEU A 1162 -22.68 31.12 34.36
C LEU A 1162 -23.42 32.15 35.21
N LYS A 1163 -23.34 32.00 36.54
CA LYS A 1163 -23.92 32.99 37.46
C LYS A 1163 -23.19 34.33 37.30
N ASN A 1164 -21.86 34.26 37.37
CA ASN A 1164 -21.00 35.43 37.19
C ASN A 1164 -19.56 34.96 37.00
N ILE A 1165 -18.69 35.86 36.55
CA ILE A 1165 -17.25 35.58 36.48
C ILE A 1165 -16.74 35.44 37.91
N THR A 1166 -15.71 34.62 38.11
CA THR A 1166 -15.17 34.25 39.43
C THR A 1166 -16.19 33.46 40.30
N ASP A 1167 -17.05 32.70 39.63
CA ASP A 1167 -18.19 32.05 40.27
C ASP A 1167 -18.60 30.78 39.50
N TYR A 1168 -19.73 30.18 39.87
CA TYR A 1168 -20.10 28.83 39.46
C TYR A 1168 -21.02 28.78 38.25
N MET A 1169 -21.11 27.58 37.66
CA MET A 1169 -21.95 27.31 36.51
C MET A 1169 -23.12 26.45 36.93
N TYR A 1170 -24.19 26.49 36.15
CA TYR A 1170 -25.39 25.70 36.43
C TYR A 1170 -26.21 25.43 35.16
N LEU A 1171 -27.24 24.59 35.28
CA LEU A 1171 -28.07 24.18 34.15
C LEU A 1171 -29.37 24.99 34.09
N THR A 1172 -29.79 25.34 32.86
CA THR A 1172 -31.08 26.01 32.58
C THR A 1172 -31.69 25.38 31.34
N ASN A 1173 -33.01 25.51 31.18
CA ASN A 1173 -33.69 24.92 30.02
C ASN A 1173 -33.39 25.67 28.73
N ALA A 1174 -33.41 24.92 27.63
CA ALA A 1174 -33.04 25.43 26.32
C ALA A 1174 -34.30 25.68 25.51
N PRO A 1175 -34.36 26.80 24.77
CA PRO A 1175 -35.54 27.01 23.92
C PRO A 1175 -35.67 25.91 22.88
N SER A 1176 -36.90 25.57 22.50
CA SER A 1176 -37.14 24.62 21.41
C SER A 1176 -37.78 25.28 20.20
N TYR A 1177 -37.78 24.55 19.09
CA TYR A 1177 -38.50 24.92 17.87
C TYR A 1177 -39.49 23.81 17.59
N THR A 1178 -40.69 24.17 17.17
CA THR A 1178 -41.72 23.20 16.86
C THR A 1178 -42.45 23.60 15.58
N ASN A 1179 -42.97 22.60 14.86
CA ASN A 1179 -43.66 22.82 13.57
C ASN A 1179 -44.60 21.65 13.27
N GLY A 1180 -45.85 21.79 13.68
CA GLY A 1180 -46.88 20.75 13.58
C GLY A 1180 -47.16 20.26 12.18
N LYS A 1181 -47.32 21.19 11.23
CA LYS A 1181 -47.69 20.83 9.85
C LYS A 1181 -46.61 20.02 9.12
N LEU A 1182 -45.34 20.37 9.35
CA LEU A 1182 -44.21 19.62 8.76
C LEU A 1182 -43.82 18.39 9.60
N ASN A 1183 -44.32 18.31 10.84
CA ASN A 1183 -44.07 17.17 11.74
C ASN A 1183 -42.60 17.12 12.22
N ILE A 1184 -42.04 18.28 12.51
CA ILE A 1184 -40.65 18.38 12.97
C ILE A 1184 -40.57 19.24 14.25
N TYR A 1185 -39.70 18.83 15.18
CA TYR A 1185 -39.38 19.65 16.35
C TYR A 1185 -38.01 19.30 16.91
N TYR A 1186 -37.43 20.24 17.63
CA TYR A 1186 -36.13 20.03 18.28
C TYR A 1186 -35.82 21.13 19.28
N ARG A 1187 -34.93 20.81 20.22
CA ARG A 1187 -34.33 21.84 21.06
C ARG A 1187 -33.32 22.64 20.24
N ARG A 1188 -33.33 23.96 20.41
CA ARG A 1188 -32.45 24.85 19.65
C ARG A 1188 -31.01 24.68 20.14
N LEU A 1189 -30.09 24.53 19.19
CA LEU A 1189 -28.67 24.44 19.49
C LEU A 1189 -28.02 25.81 19.53
N TYR A 1190 -26.79 25.84 20.03
CA TYR A 1190 -25.92 27.02 20.05
C TYR A 1190 -26.29 28.07 21.10
N ASN A 1191 -26.98 27.67 22.16
CA ASN A 1191 -27.20 28.50 23.36
C ASN A 1191 -26.38 28.00 24.56
N GLY A 1192 -26.00 28.94 25.44
CA GLY A 1192 -25.18 28.63 26.62
C GLY A 1192 -23.73 29.07 26.45
N LEU A 1193 -22.86 28.60 27.34
CA LEU A 1193 -21.46 29.03 27.33
C LEU A 1193 -20.67 28.34 26.22
N LYS A 1194 -19.67 29.04 25.68
CA LYS A 1194 -18.69 28.45 24.75
C LYS A 1194 -17.46 27.99 25.52
N PHE A 1195 -17.00 26.76 25.27
CA PHE A 1195 -15.80 26.19 25.90
C PHE A 1195 -14.69 25.96 24.87
N ILE A 1196 -13.44 26.18 25.28
CA ILE A 1196 -12.26 25.88 24.47
C ILE A 1196 -11.31 24.95 25.23
N ILE A 1197 -10.85 23.90 24.54
CA ILE A 1197 -9.89 22.92 25.06
C ILE A 1197 -8.50 23.32 24.55
N LYS A 1198 -7.52 23.41 25.45
CA LYS A 1198 -6.10 23.62 25.10
C LYS A 1198 -5.22 22.56 25.78
N ARG A 1199 -4.02 22.38 25.25
CA ARG A 1199 -3.06 21.43 25.85
C ARG A 1199 -2.50 21.96 27.17
N TYR A 1200 -2.45 21.10 28.18
CA TYR A 1200 -1.89 21.45 29.50
C TYR A 1200 -0.37 21.68 29.40
N THR A 1201 0.32 20.76 28.73
CA THR A 1201 1.74 20.90 28.43
C THR A 1201 1.86 21.01 26.90
N PRO A 1202 2.08 22.25 26.39
CA PRO A 1202 2.16 22.44 24.93
C PRO A 1202 3.50 21.95 24.36
N ASN A 1203 3.48 21.33 23.18
CA ASN A 1203 4.71 20.97 22.44
C ASN A 1203 4.63 21.47 20.99
N ASN A 1204 5.80 21.54 20.35
CA ASN A 1204 5.95 22.17 19.04
C ASN A 1204 5.17 21.41 17.95
N GLU A 1205 5.49 20.12 17.81
CA GLU A 1205 4.87 19.26 16.80
C GLU A 1205 3.89 18.28 17.44
N ILE A 1206 2.61 18.63 17.44
CA ILE A 1206 1.53 17.69 17.77
C ILE A 1206 0.35 17.95 16.81
N ASP A 1207 -0.57 17.00 16.77
CA ASP A 1207 -1.77 17.08 15.92
C ASP A 1207 -2.79 18.09 16.49
N SER A 1208 -3.84 18.37 15.72
CA SER A 1208 -4.98 19.19 16.19
C SER A 1208 -6.00 18.39 17.01
N PHE A 1209 -5.88 17.05 16.96
CA PHE A 1209 -6.90 16.14 17.48
C PHE A 1209 -6.67 15.83 18.95
N VAL A 1210 -7.76 15.68 19.69
CA VAL A 1210 -7.73 15.33 21.10
C VAL A 1210 -7.83 13.80 21.21
N LYS A 1211 -6.78 13.18 21.75
CA LYS A 1211 -6.76 11.74 22.02
C LYS A 1211 -7.21 11.46 23.46
N SER A 1212 -7.80 10.29 23.67
CA SER A 1212 -8.16 9.84 25.02
C SER A 1212 -6.89 9.71 25.84
N GLY A 1213 -6.91 10.26 27.05
CA GLY A 1213 -5.76 10.25 27.93
C GLY A 1213 -4.93 11.51 27.87
N ASP A 1214 -5.26 12.45 26.96
CA ASP A 1214 -4.56 13.73 26.89
C ASP A 1214 -4.85 14.58 28.12
N PHE A 1215 -3.82 15.27 28.62
CA PHE A 1215 -3.97 16.20 29.73
C PHE A 1215 -4.21 17.59 29.14
N ILE A 1216 -5.27 18.25 29.63
CA ILE A 1216 -5.84 19.44 28.99
C ILE A 1216 -6.28 20.49 30.01
N LYS A 1217 -6.31 21.76 29.59
CA LYS A 1217 -6.95 22.84 30.34
C LYS A 1217 -8.24 23.21 29.62
N LEU A 1218 -9.26 23.59 30.39
CA LEU A 1218 -10.57 23.96 29.85
C LEU A 1218 -10.89 25.43 30.22
N TYR A 1219 -11.22 26.24 29.22
CA TYR A 1219 -11.57 27.65 29.41
C TYR A 1219 -12.99 27.92 28.91
N VAL A 1220 -13.68 28.85 29.58
CA VAL A 1220 -14.94 29.39 29.09
C VAL A 1220 -14.65 30.70 28.34
N SER A 1221 -15.27 30.86 27.17
CA SER A 1221 -15.13 32.08 26.38
C SER A 1221 -16.33 32.98 26.61
N TYR A 1222 -16.09 34.06 27.37
CA TYR A 1222 -17.14 34.99 27.79
C TYR A 1222 -16.65 36.41 27.68
N ASN A 1223 -17.38 37.23 26.93
CA ASN A 1223 -17.09 38.66 26.74
C ASN A 1223 -15.72 38.88 26.06
N ASN A 1224 -15.49 38.12 24.98
CA ASN A 1224 -14.24 38.15 24.22
C ASN A 1224 -12.98 37.96 25.10
N ASN A 1225 -13.08 37.05 26.07
CA ASN A 1225 -11.99 36.74 26.99
C ASN A 1225 -12.07 35.27 27.41
N GLU A 1226 -10.91 34.63 27.55
CA GLU A 1226 -10.83 33.22 27.94
C GLU A 1226 -10.49 33.06 29.42
N HIS A 1227 -11.47 32.59 30.22
CA HIS A 1227 -11.28 32.34 31.66
C HIS A 1227 -11.20 30.84 32.00
N ILE A 1228 -10.20 30.48 32.80
CA ILE A 1228 -9.91 29.08 33.22
C ILE A 1228 -11.01 28.49 34.11
N VAL A 1229 -11.31 27.20 33.88
CA VAL A 1229 -12.26 26.43 34.70
C VAL A 1229 -11.46 25.59 35.68
N GLY A 1230 -11.89 25.56 36.93
CA GLY A 1230 -11.19 24.77 37.94
C GLY A 1230 -11.84 24.72 39.29
N TYR A 1231 -11.12 24.11 40.24
CA TYR A 1231 -11.56 23.95 41.63
C TYR A 1231 -10.55 24.63 42.54
N PRO A 1232 -11.02 25.57 43.38
CA PRO A 1232 -10.11 26.24 44.33
C PRO A 1232 -9.84 25.38 45.58
N LYS A 1233 -8.60 25.43 46.08
CA LYS A 1233 -8.14 24.60 47.19
C LYS A 1233 -9.01 24.80 48.44
N ASP A 1234 -9.47 23.68 49.00
CA ASP A 1234 -10.42 23.65 50.13
C ASP A 1234 -11.68 24.47 49.84
N GLY A 1235 -12.09 24.47 48.57
CA GLY A 1235 -13.25 25.24 48.12
C GLY A 1235 -14.55 24.53 48.45
N ASN A 1236 -15.63 25.29 48.47
CA ASN A 1236 -16.99 24.80 48.78
C ASN A 1236 -17.33 23.54 47.95
N ALA A 1237 -18.00 22.57 48.58
CA ALA A 1237 -18.35 21.28 47.95
C ALA A 1237 -19.54 20.61 48.64
N PHE A 1238 -20.44 20.01 47.87
CA PHE A 1238 -21.62 19.35 48.45
C PHE A 1238 -21.23 18.04 49.11
N ASN A 1239 -21.60 17.89 50.38
CA ASN A 1239 -21.18 16.77 51.25
C ASN A 1239 -19.64 16.65 51.41
N ASN A 1240 -18.92 17.75 51.24
CA ASN A 1240 -17.45 17.77 51.21
C ASN A 1240 -16.80 16.86 50.16
N LEU A 1241 -17.55 16.47 49.12
CA LEU A 1241 -17.07 15.49 48.13
C LEU A 1241 -17.36 15.86 46.68
N ASP A 1242 -18.59 16.33 46.39
CA ASP A 1242 -18.92 16.83 45.06
C ASP A 1242 -18.44 18.29 44.95
N ARG A 1243 -17.34 18.49 44.23
CA ARG A 1243 -16.56 19.74 44.29
C ARG A 1243 -17.01 20.82 43.27
N ILE A 1244 -17.45 21.97 43.78
CA ILE A 1244 -18.09 23.02 42.96
C ILE A 1244 -17.06 23.76 42.10
N LEU A 1245 -17.27 23.73 40.79
CA LEU A 1245 -16.34 24.36 39.84
C LEU A 1245 -16.55 25.88 39.74
N ARG A 1246 -15.47 26.56 39.38
CA ARG A 1246 -15.44 28.03 39.28
C ARG A 1246 -14.76 28.48 37.98
N VAL A 1247 -15.29 29.55 37.37
CA VAL A 1247 -14.78 30.10 36.12
C VAL A 1247 -14.04 31.41 36.39
N GLY A 1248 -12.76 31.47 36.02
CA GLY A 1248 -11.94 32.68 36.18
C GLY A 1248 -11.79 33.11 37.62
N TYR A 1249 -11.37 32.16 38.46
CA TYR A 1249 -11.15 32.41 39.88
C TYR A 1249 -9.71 32.85 40.09
N ASN A 1250 -9.53 33.91 40.85
CA ASN A 1250 -8.19 34.44 41.17
C ASN A 1250 -8.18 35.12 42.54
N ALA A 1251 -7.61 34.42 43.52
CA ALA A 1251 -7.36 34.95 44.86
C ALA A 1251 -5.86 34.80 45.14
N PRO A 1252 -5.24 35.79 45.82
CA PRO A 1252 -3.77 35.82 45.99
C PRO A 1252 -3.13 34.53 46.53
N GLY A 1253 -3.54 34.10 47.73
CA GLY A 1253 -2.93 32.94 48.39
C GLY A 1253 -3.38 31.59 47.85
N ILE A 1254 -4.68 31.48 47.58
CA ILE A 1254 -5.34 30.19 47.28
C ILE A 1254 -4.92 29.65 45.90
N PRO A 1255 -4.45 28.38 45.82
CA PRO A 1255 -4.23 27.77 44.51
C PRO A 1255 -5.53 27.29 43.83
N LEU A 1256 -5.45 27.01 42.53
CA LEU A 1256 -6.60 26.58 41.73
C LEU A 1256 -6.22 25.31 40.97
N TYR A 1257 -6.93 24.23 41.24
CA TYR A 1257 -6.68 22.95 40.57
C TYR A 1257 -7.41 22.96 39.23
N LYS A 1258 -6.65 22.79 38.15
CA LYS A 1258 -7.14 22.93 36.78
C LYS A 1258 -6.68 21.85 35.79
N LYS A 1259 -5.95 20.83 36.26
CA LYS A 1259 -5.40 19.80 35.37
C LYS A 1259 -6.50 18.79 35.09
N MET A 1260 -6.88 18.64 33.84
CA MET A 1260 -7.95 17.71 33.45
C MET A 1260 -7.47 16.70 32.42
N GLU A 1261 -8.14 15.54 32.38
CA GLU A 1261 -7.81 14.45 31.45
C GLU A 1261 -9.06 14.10 30.64
N ALA A 1262 -8.97 14.24 29.31
CA ALA A 1262 -10.09 13.94 28.42
C ALA A 1262 -10.11 12.45 28.12
N VAL A 1263 -11.22 11.78 28.49
CA VAL A 1263 -11.31 10.32 28.43
C VAL A 1263 -12.68 9.83 27.97
N LYS A 1264 -12.72 8.56 27.57
CA LYS A 1264 -13.92 7.90 27.02
C LYS A 1264 -14.14 6.55 27.73
N LEU A 1265 -14.77 6.60 28.91
CA LEU A 1265 -14.89 5.45 29.82
C LEU A 1265 -16.11 4.56 29.61
N ARG A 1266 -17.09 4.97 28.81
CA ARG A 1266 -18.36 4.24 28.70
C ARG A 1266 -19.14 4.65 27.44
N ASP A 1267 -20.09 3.82 27.03
CA ASP A 1267 -21.09 4.21 26.02
C ASP A 1267 -20.41 4.50 24.67
N LEU A 1268 -19.81 3.46 24.09
CA LEU A 1268 -19.00 3.59 22.87
C LEU A 1268 -19.79 4.05 21.64
N LYS A 1269 -21.07 3.67 21.55
CA LYS A 1269 -21.92 4.08 20.42
C LYS A 1269 -22.29 5.57 20.38
N THR A 1270 -22.28 6.22 21.54
CA THR A 1270 -22.60 7.66 21.66
C THR A 1270 -21.38 8.57 21.52
N TYR A 1271 -21.56 9.71 20.87
CA TYR A 1271 -20.49 10.70 20.69
C TYR A 1271 -20.36 11.64 21.90
N SER A 1272 -20.06 11.03 23.04
CA SER A 1272 -19.91 11.73 24.32
C SER A 1272 -18.47 11.66 24.81
N VAL A 1273 -18.18 12.43 25.85
CA VAL A 1273 -16.86 12.54 26.46
C VAL A 1273 -17.03 12.69 27.98
N GLN A 1274 -16.10 12.13 28.76
CA GLN A 1274 -15.97 12.44 30.19
C GLN A 1274 -14.69 13.23 30.45
N LEU A 1275 -14.66 13.89 31.61
CA LEU A 1275 -13.57 14.80 31.97
C LEU A 1275 -13.14 14.62 33.43
N LYS A 1276 -11.87 14.27 33.64
CA LYS A 1276 -11.36 13.91 34.96
C LYS A 1276 -10.49 15.02 35.54
N LEU A 1277 -10.88 15.61 36.66
CA LEU A 1277 -10.12 16.68 37.32
C LEU A 1277 -9.10 16.10 38.32
N TYR A 1278 -7.86 16.61 38.26
CA TYR A 1278 -6.78 16.25 39.19
C TYR A 1278 -6.36 17.43 40.04
N ASP A 1279 -5.74 17.14 41.18
CA ASP A 1279 -5.10 18.16 42.04
C ASP A 1279 -3.63 18.40 41.62
N ASP A 1280 -2.83 18.99 42.50
CA ASP A 1280 -1.43 19.29 42.22
C ASP A 1280 -0.54 18.03 42.10
N LYS A 1281 -0.95 16.91 42.71
CA LYS A 1281 -0.09 15.73 42.88
C LYS A 1281 -0.67 14.45 42.27
N ASN A 1282 -1.31 14.58 41.10
CA ASN A 1282 -1.96 13.47 40.39
C ASN A 1282 -2.87 12.56 41.26
N ALA A 1283 -3.67 13.19 42.12
CA ALA A 1283 -4.75 12.53 42.85
C ALA A 1283 -6.13 12.97 42.28
N SER A 1284 -6.95 11.99 41.90
CA SER A 1284 -8.24 12.23 41.24
C SER A 1284 -9.29 12.93 42.11
N LEU A 1285 -9.60 14.20 41.77
CA LEU A 1285 -10.69 14.95 42.41
C LEU A 1285 -12.08 14.67 41.83
N GLY A 1286 -12.15 13.89 40.75
CA GLY A 1286 -13.43 13.35 40.25
C GLY A 1286 -13.75 13.72 38.80
N LEU A 1287 -14.72 13.01 38.24
CA LEU A 1287 -15.22 13.31 36.90
C LEU A 1287 -16.19 14.47 36.94
N VAL A 1288 -16.20 15.28 35.89
CA VAL A 1288 -17.08 16.45 35.80
C VAL A 1288 -18.54 16.04 35.52
N GLY A 1289 -19.46 16.56 36.34
CA GLY A 1289 -20.91 16.29 36.20
C GLY A 1289 -21.73 17.36 36.92
N THR A 1290 -22.91 17.00 37.44
CA THR A 1290 -23.78 17.94 38.14
C THR A 1290 -24.41 17.39 39.43
N HIS A 1291 -24.84 18.32 40.30
CA HIS A 1291 -25.43 17.99 41.60
C HIS A 1291 -26.45 19.07 42.02
N ASN A 1292 -27.68 18.66 42.33
CA ASN A 1292 -28.74 19.59 42.74
C ASN A 1292 -28.47 20.16 44.13
N GLY A 1293 -28.69 21.46 44.29
CA GLY A 1293 -28.41 22.15 45.55
C GLY A 1293 -28.56 23.66 45.50
N GLN A 1294 -28.05 24.33 46.54
CA GLN A 1294 -28.28 25.76 46.74
C GLN A 1294 -27.06 26.41 47.41
N ILE A 1295 -26.32 27.20 46.63
CA ILE A 1295 -25.16 27.95 47.13
C ILE A 1295 -25.65 29.30 47.64
N GLY A 1296 -25.06 29.76 48.75
CA GLY A 1296 -25.44 31.03 49.37
C GLY A 1296 -26.94 31.14 49.56
N ASN A 1297 -27.49 32.29 49.18
CA ASN A 1297 -28.93 32.54 49.20
C ASN A 1297 -29.55 32.50 47.79
N ASP A 1298 -28.86 31.87 46.83
CA ASP A 1298 -29.34 31.74 45.44
C ASP A 1298 -30.50 30.74 45.37
N PRO A 1299 -31.17 30.65 44.21
CA PRO A 1299 -32.18 29.59 44.05
C PRO A 1299 -31.60 28.17 43.90
N ASN A 1300 -32.49 27.18 43.94
CA ASN A 1300 -32.12 25.77 43.77
C ASN A 1300 -31.69 25.50 42.32
N ARG A 1301 -30.48 24.95 42.16
CA ARG A 1301 -29.86 24.77 40.84
C ARG A 1301 -29.08 23.46 40.71
N ASP A 1302 -29.01 22.92 39.49
CA ASP A 1302 -28.13 21.80 39.17
C ASP A 1302 -26.73 22.31 38.82
N ILE A 1303 -25.88 22.42 39.84
CA ILE A 1303 -24.59 23.11 39.75
C ILE A 1303 -23.49 22.17 39.25
N LEU A 1304 -22.64 22.67 38.35
CA LEU A 1304 -21.55 21.88 37.78
C LEU A 1304 -20.47 21.60 38.79
N ILE A 1305 -20.04 20.33 38.85
CA ILE A 1305 -19.13 19.81 39.89
C ILE A 1305 -18.13 18.79 39.33
N ALA A 1306 -17.16 18.41 40.17
CA ALA A 1306 -16.30 17.24 39.94
C ALA A 1306 -16.40 16.33 41.16
N SER A 1307 -16.65 15.03 40.91
CA SER A 1307 -16.91 14.05 41.98
C SER A 1307 -16.43 12.67 41.61
N ASN A 1308 -15.85 11.95 42.57
CA ASN A 1308 -15.42 10.55 42.36
C ASN A 1308 -16.56 9.52 42.46
N TRP A 1309 -17.72 9.97 42.95
CA TRP A 1309 -18.96 9.19 42.97
C TRP A 1309 -19.29 8.48 41.64
N TYR A 1310 -19.03 9.14 40.52
CA TYR A 1310 -19.35 8.58 39.20
C TYR A 1310 -18.62 7.27 38.91
N PHE A 1311 -17.42 7.08 39.46
CA PHE A 1311 -16.65 5.85 39.23
C PHE A 1311 -17.34 4.56 39.68
N ASN A 1312 -18.28 4.66 40.62
CA ASN A 1312 -19.03 3.49 41.08
C ASN A 1312 -20.38 3.30 40.36
N HIS A 1313 -20.61 4.02 39.25
CA HIS A 1313 -21.85 3.85 38.47
C HIS A 1313 -21.64 3.88 36.95
N LEU A 1314 -20.45 3.52 36.49
CA LEU A 1314 -20.13 3.55 35.05
C LEU A 1314 -20.92 2.55 34.19
N LYS A 1315 -21.55 1.55 34.81
CA LYS A 1315 -22.41 0.58 34.09
C LYS A 1315 -23.87 1.02 33.89
N ASP A 1316 -24.26 2.18 34.43
CA ASP A 1316 -25.63 2.71 34.24
C ASP A 1316 -25.95 2.92 32.75
N LYS A 1317 -27.24 2.99 32.43
CA LYS A 1317 -27.67 3.25 31.05
C LYS A 1317 -27.48 4.73 30.72
N ILE A 1318 -27.90 5.58 31.65
CA ILE A 1318 -27.78 7.03 31.54
C ILE A 1318 -27.02 7.52 32.75
N LEU A 1319 -26.02 8.38 32.54
CA LEU A 1319 -25.17 8.87 33.64
C LEU A 1319 -24.85 10.35 33.48
N GLY A 1320 -24.78 11.04 34.60
CA GLY A 1320 -24.64 12.49 34.63
C GLY A 1320 -23.25 13.07 34.46
N CYS A 1321 -22.26 12.27 34.06
CA CYS A 1321 -20.90 12.77 33.77
C CYS A 1321 -20.52 12.70 32.29
N ASP A 1322 -21.49 12.32 31.44
CA ASP A 1322 -21.31 12.25 29.97
C ASP A 1322 -21.72 13.56 29.29
N TRP A 1323 -20.82 14.11 28.48
CA TRP A 1323 -21.01 15.43 27.84
C TRP A 1323 -20.91 15.40 26.31
N TYR A 1324 -21.90 15.98 25.63
CA TYR A 1324 -21.78 16.30 24.21
C TYR A 1324 -20.99 17.60 24.01
N PHE A 1325 -20.05 17.59 23.06
CA PHE A 1325 -19.32 18.79 22.67
C PHE A 1325 -19.84 19.21 21.29
N VAL A 1326 -20.58 20.33 21.23
CA VAL A 1326 -21.31 20.74 20.02
C VAL A 1326 -20.66 21.98 19.40
N PRO A 1327 -20.05 21.83 18.20
CA PRO A 1327 -19.59 23.00 17.47
C PRO A 1327 -20.68 23.51 16.51
N THR A 1328 -20.58 24.79 16.12
CA THR A 1328 -21.47 25.36 15.09
C THR A 1328 -21.13 24.69 13.76
N ASP A 1329 -22.15 24.29 13.02
CA ASP A 1329 -21.97 23.53 11.78
C ASP A 1329 -22.96 24.01 10.73
N GLU A 1330 -22.46 24.14 9.50
CA GLU A 1330 -23.26 24.58 8.36
C GLU A 1330 -24.50 23.69 8.11
N GLY A 1331 -24.40 22.40 8.44
CA GLY A 1331 -25.50 21.45 8.27
C GLY A 1331 -26.58 21.43 9.35
N TRP A 1332 -26.49 22.33 10.33
CA TRP A 1332 -27.57 22.57 11.29
C TRP A 1332 -27.63 24.06 11.61
N THR A 1333 -28.72 24.70 11.20
CA THR A 1333 -29.11 26.02 11.74
C THR A 1333 -30.55 25.97 12.24
N ASN A 1334 -30.84 26.77 13.27
CA ASN A 1334 -32.16 26.78 13.90
C ASN A 1334 -33.16 27.52 13.01
N ASP A 1335 -34.34 26.92 12.79
CA ASP A 1335 -35.33 27.44 11.82
C ASP A 1335 -35.92 28.81 12.19
C2 BGC B . -28.74 10.23 56.80
C3 BGC B . -28.15 9.70 55.47
C4 BGC B . -28.55 10.57 54.27
C5 BGC B . -28.26 12.03 54.66
C6 BGC B . -28.27 13.04 53.50
C1 BGC B . -29.63 11.48 56.67
O1 BGC B . -30.96 11.04 56.40
O2 BGC B . -27.66 10.54 57.69
O3 BGC B . -28.55 8.34 55.26
O4 BGC B . -27.99 10.16 52.99
O5 BGC B . -29.20 12.44 55.66
O6 BGC B . -29.24 12.71 52.50
C1 GAL B . -26.59 9.79 52.86
C2 GAL B . -26.53 9.07 51.52
C3 GAL B . -25.11 8.76 51.07
C4 GAL B . -24.32 10.06 51.04
C5 GAL B . -24.34 10.71 52.43
C6 GAL B . -23.65 12.07 52.39
O2 GAL B . -27.26 7.84 51.61
O3 GAL B . -25.21 8.14 49.77
O4 GAL B . -24.88 10.97 50.07
O5 GAL B . -25.68 10.90 52.92
O6 GAL B . -22.88 12.26 53.58
C1 NGA B . -24.22 10.96 48.80
C2 NGA B . -25.20 11.52 47.78
C3 NGA B . -24.55 11.71 46.41
C4 NGA B . -23.23 12.46 46.54
C5 NGA B . -22.34 11.77 47.57
C6 NGA B . -21.00 12.47 47.75
C7 NGA B . -27.58 10.91 48.10
C8 NGA B . -28.61 9.88 47.80
N2 NGA B . -26.36 10.65 47.61
O3 NGA B . -25.49 12.43 45.60
O4 NGA B . -23.52 13.82 46.92
O5 NGA B . -23.02 11.73 48.83
O6 NGA B . -20.05 11.96 46.81
O7 NGA B . -27.87 11.90 48.75
C1 GAL B . -25.28 12.21 44.19
C2 GAL B . -26.60 12.46 43.46
C3 GAL B . -26.44 12.41 41.95
C4 GAL B . -25.26 13.29 41.52
C5 GAL B . -24.01 12.87 42.28
C6 GAL B . -22.76 13.64 41.84
O2 GAL B . -27.54 11.46 43.88
O3 GAL B . -27.62 12.93 41.31
O4 GAL B . -25.56 14.66 41.82
O5 GAL B . -24.25 13.05 43.67
O6 GAL B . -22.73 14.92 42.47
C1 SIA B . -27.47 11.37 39.36
C2 SIA B . -28.32 12.03 40.44
C3 SIA B . -29.33 13.01 39.84
C4 SIA B . -30.55 12.28 39.31
C5 SIA B . -31.18 11.45 40.43
C6 SIA B . -30.13 10.45 40.94
C7 SIA B . -30.68 9.56 42.09
C8 SIA B . -29.80 8.36 42.51
C9 SIA B . -28.92 7.75 41.40
C10 SIA B . -33.56 10.81 40.58
C11 SIA B . -34.68 10.09 39.89
N5 SIA B . -32.39 10.81 39.93
O1A SIA B . -26.80 12.10 38.59
O1B SIA B . -27.44 10.12 39.27
O4 SIA B . -31.50 13.21 38.79
O6 SIA B . -28.94 11.13 41.37
O7 SIA B . -30.94 10.40 43.22
O8 SIA B . -28.95 8.69 43.62
O9 SIA B . -28.29 6.54 41.85
O10 SIA B . -33.73 11.35 41.67
C1 SIA B . -24.59 6.61 48.01
C2 SIA B . -24.43 6.95 49.50
C3 SIA B . -24.79 5.73 50.37
C4 SIA B . -23.75 4.61 50.29
C5 SIA B . -22.32 5.13 50.55
C6 SIA B . -22.04 6.37 49.70
C7 SIA B . -20.71 7.06 50.02
C8 SIA B . -20.45 8.24 49.07
C9 SIA B . -19.03 8.78 49.22
C10 SIA B . -20.31 3.68 50.89
C11 SIA B . -19.89 4.38 52.14
N5 SIA B . -21.39 4.05 50.21
O1A SIA B . -25.62 6.02 47.62
O1B SIA B . -23.69 6.93 47.18
O4 SIA B . -24.08 3.59 51.22
O6 SIA B . -23.09 7.36 49.80
O7 SIA B . -20.69 7.53 51.37
O8 SIA B . -20.67 7.84 47.71
O9 SIA B . -18.08 7.85 48.70
O10 SIA B . -19.62 2.74 50.50
ZN ZN C . 17.46 -5.08 -4.17
C1 PEG D . 11.58 -1.33 -11.56
O1 PEG D . 11.20 -0.32 -12.50
C2 PEG D . 12.50 -0.80 -10.47
O2 PEG D . 12.67 -1.82 -9.48
C3 PEG D . 12.24 -1.47 -8.16
C4 PEG D . 12.93 -2.38 -7.14
O4 PEG D . 13.21 -1.63 -5.95
#